data_6RIB
#
_entry.id   6RIB
#
_cell.length_a   1.000
_cell.length_b   1.000
_cell.length_c   1.000
_cell.angle_alpha   90.00
_cell.angle_beta   90.00
_cell.angle_gamma   90.00
#
_symmetry.space_group_name_H-M   'P 1'
#
_entity_poly.entity_id   1
_entity_poly.type   'polypeptide(L)'
_entity_poly.pdbx_seq_one_letter_code
;MGRMLGRKERTLTYLGPDTEVLGDMRAKGQVRIDGLVRGSVLVEGELEVGPTGRVEGERVEARSVLIHGEVKAELTAEKV
VLSKTARFTGQLKAQALEVEAGAVFVGQSVAGEHKALEAPKEA
;
_entity_poly.pdbx_strand_id   A,B,C,D,E,F,G,H,I,J,K,L,M,N,O,P,Q,R,S,T,U,V
#
# COMPACT_ATOMS: atom_id res chain seq x y z
N LEU A 12 -121.39 -63.20 66.59
CA LEU A 12 -120.42 -62.65 67.54
C LEU A 12 -120.26 -63.64 68.66
N THR A 13 -119.04 -63.74 69.18
CA THR A 13 -118.75 -64.56 70.34
C THR A 13 -117.77 -63.82 71.24
N TYR A 14 -118.28 -63.00 72.12
CA TYR A 14 -117.42 -62.25 73.01
C TYR A 14 -117.15 -63.07 74.25
N LEU A 15 -115.88 -63.19 74.62
CA LEU A 15 -115.51 -63.69 75.92
C LEU A 15 -115.07 -62.52 76.79
N GLY A 16 -115.34 -62.64 78.08
CA GLY A 16 -115.09 -61.57 79.00
C GLY A 16 -113.62 -61.39 79.31
N PRO A 17 -113.31 -60.52 80.25
CA PRO A 17 -111.91 -60.30 80.62
C PRO A 17 -111.32 -61.48 81.39
N ASP A 18 -112.18 -62.17 82.15
CA ASP A 18 -111.77 -63.31 82.96
C ASP A 18 -112.62 -64.56 82.69
N THR A 19 -112.39 -65.13 81.52
CA THR A 19 -113.17 -66.29 81.07
C THR A 19 -112.20 -67.35 80.61
N GLU A 20 -111.70 -68.13 81.56
CA GLU A 20 -110.62 -69.06 81.25
C GLU A 20 -111.20 -70.36 80.75
N VAL A 21 -111.11 -70.58 79.45
CA VAL A 21 -111.71 -71.76 78.85
C VAL A 21 -110.64 -72.82 78.60
N LEU A 22 -110.68 -73.88 79.38
CA LEU A 22 -109.84 -75.01 79.12
C LEU A 22 -110.46 -75.75 77.95
N GLY A 23 -109.62 -76.33 77.12
CA GLY A 23 -110.09 -77.22 76.08
C GLY A 23 -110.14 -76.53 74.74
N ASP A 24 -110.51 -77.31 73.73
CA ASP A 24 -110.36 -76.92 72.34
C ASP A 24 -111.60 -76.16 71.88
N MET A 25 -111.55 -74.84 71.97
CA MET A 25 -112.67 -74.01 71.54
C MET A 25 -112.80 -74.06 70.02
N ARG A 26 -114.02 -74.31 69.54
CA ARG A 26 -114.31 -74.36 68.11
C ARG A 26 -115.47 -73.41 67.86
N ALA A 27 -115.22 -72.31 67.16
CA ALA A 27 -116.20 -71.25 67.03
C ALA A 27 -116.44 -70.98 65.56
N LYS A 28 -117.44 -70.15 65.27
CA LYS A 28 -117.71 -69.63 63.95
C LYS A 28 -118.12 -68.18 64.07
N GLY A 29 -117.81 -67.40 63.05
CA GLY A 29 -118.16 -65.99 63.02
C GLY A 29 -117.09 -65.12 63.67
N GLN A 30 -117.49 -63.89 63.96
CA GLN A 30 -116.60 -62.95 64.62
C GLN A 30 -116.41 -63.33 66.07
N VAL A 31 -115.16 -63.39 66.51
CA VAL A 31 -114.80 -63.77 67.87
C VAL A 31 -113.95 -62.65 68.45
N ARG A 32 -114.23 -62.29 69.69
CA ARG A 32 -113.31 -61.47 70.46
C ARG A 32 -113.00 -62.18 71.77
N ILE A 33 -111.75 -62.58 71.94
CA ILE A 33 -111.29 -63.20 73.17
C ILE A 33 -110.57 -62.14 73.98
N ASP A 34 -111.01 -61.96 75.22
CA ASP A 34 -110.31 -61.08 76.13
C ASP A 34 -109.88 -61.79 77.41
N GLY A 35 -110.28 -63.04 77.59
CA GLY A 35 -110.00 -63.75 78.82
C GLY A 35 -108.75 -64.58 78.75
N LEU A 36 -108.93 -65.89 78.63
CA LEU A 36 -107.83 -66.81 78.46
C LEU A 36 -108.35 -68.02 77.71
N VAL A 37 -107.48 -68.68 76.96
CA VAL A 37 -107.78 -69.97 76.38
C VAL A 37 -106.63 -70.90 76.72
N ARG A 38 -106.91 -71.99 77.39
CA ARG A 38 -105.96 -73.07 77.55
C ARG A 38 -106.37 -74.16 76.58
N GLY A 39 -105.70 -74.22 75.44
CA GLY A 39 -106.08 -75.16 74.41
C GLY A 39 -105.99 -74.51 73.04
N SER A 40 -106.58 -75.15 72.05
CA SER A 40 -106.46 -74.70 70.68
C SER A 40 -107.76 -74.09 70.18
N VAL A 41 -107.64 -72.94 69.54
CA VAL A 41 -108.78 -72.17 69.06
C VAL A 41 -108.92 -72.41 67.57
N LEU A 42 -110.11 -72.82 67.14
CA LEU A 42 -110.43 -73.04 65.73
C LEU A 42 -111.61 -72.13 65.39
N VAL A 43 -111.33 -71.01 64.73
CA VAL A 43 -112.34 -70.02 64.41
C VAL A 43 -112.42 -69.88 62.89
N GLU A 44 -113.65 -69.82 62.38
CA GLU A 44 -113.89 -69.35 61.02
C GLU A 44 -114.47 -67.95 61.13
N GLY A 45 -113.69 -66.97 60.72
CA GLY A 45 -114.14 -65.59 60.75
C GLY A 45 -113.09 -64.72 61.38
N GLU A 46 -113.46 -63.46 61.64
CA GLU A 46 -112.57 -62.53 62.30
C GLU A 46 -112.31 -63.00 63.72
N LEU A 47 -111.05 -62.86 64.14
CA LEU A 47 -110.67 -63.19 65.50
C LEU A 47 -109.99 -61.96 66.07
N GLU A 48 -110.21 -61.72 67.35
CA GLU A 48 -109.43 -60.74 68.08
C GLU A 48 -109.04 -61.30 69.42
N VAL A 49 -107.77 -61.22 69.75
CA VAL A 49 -107.30 -61.40 71.11
C VAL A 49 -107.25 -60.02 71.73
N GLY A 50 -107.90 -59.87 72.88
CA GLY A 50 -107.96 -58.58 73.55
C GLY A 50 -106.65 -58.23 74.20
N PRO A 51 -106.59 -57.07 74.86
CA PRO A 51 -105.32 -56.61 75.44
C PRO A 51 -104.84 -57.47 76.60
N THR A 52 -105.73 -57.93 77.46
CA THR A 52 -105.36 -58.86 78.53
C THR A 52 -105.63 -60.30 78.15
N GLY A 53 -106.06 -60.55 76.92
CA GLY A 53 -106.31 -61.91 76.49
C GLY A 53 -105.03 -62.69 76.30
N ARG A 54 -105.16 -64.00 76.38
CA ARG A 54 -104.06 -64.91 76.18
C ARG A 54 -104.61 -66.18 75.56
N VAL A 55 -104.00 -66.62 74.46
CA VAL A 55 -104.44 -67.83 73.79
C VAL A 55 -103.28 -68.81 73.84
N GLU A 56 -103.20 -69.57 74.90
CA GLU A 56 -102.08 -70.45 75.11
C GLU A 56 -102.47 -71.83 74.64
N GLY A 57 -101.68 -72.42 73.78
CA GLY A 57 -102.08 -73.70 73.25
C GLY A 57 -101.20 -74.09 72.07
N GLU A 58 -101.83 -74.71 71.08
CA GLU A 58 -101.09 -75.21 69.93
C GLU A 58 -101.60 -74.71 68.59
N ARG A 59 -102.90 -74.63 68.39
CA ARG A 59 -103.49 -74.34 67.08
C ARG A 59 -104.40 -73.13 67.23
N VAL A 60 -104.05 -72.03 66.60
CA VAL A 60 -104.94 -70.88 66.48
C VAL A 60 -105.11 -70.65 64.99
N GLU A 61 -106.20 -71.16 64.42
CA GLU A 61 -106.45 -71.04 63.00
C GLU A 61 -107.67 -70.17 62.79
N ALA A 62 -107.55 -69.18 61.90
CA ALA A 62 -108.63 -68.24 61.70
C ALA A 62 -108.61 -67.71 60.27
N ARG A 63 -109.32 -66.61 60.02
CA ARG A 63 -109.33 -65.94 58.74
C ARG A 63 -108.68 -64.57 58.81
N SER A 64 -108.96 -63.81 59.85
CA SER A 64 -108.24 -62.59 60.11
C SER A 64 -108.04 -62.46 61.61
N VAL A 65 -106.79 -62.31 62.03
CA VAL A 65 -106.46 -62.31 63.43
C VAL A 65 -106.00 -60.92 63.81
N LEU A 66 -106.54 -60.39 64.89
CA LEU A 66 -106.10 -59.14 65.44
C LEU A 66 -105.58 -59.37 66.85
N ILE A 67 -104.26 -59.44 66.99
CA ILE A 67 -103.61 -59.74 68.25
C ILE A 67 -103.34 -58.43 68.97
N HIS A 68 -103.81 -58.33 70.19
CA HIS A 68 -103.52 -57.17 71.03
C HIS A 68 -103.00 -57.57 72.40
N GLY A 69 -102.96 -58.86 72.71
CA GLY A 69 -102.44 -59.34 73.97
C GLY A 69 -101.32 -60.33 73.77
N GLU A 70 -101.51 -61.56 74.21
CA GLU A 70 -100.50 -62.59 74.07
C GLU A 70 -101.06 -63.79 73.34
N VAL A 71 -100.24 -64.41 72.50
CA VAL A 71 -100.56 -65.65 71.82
C VAL A 71 -99.33 -66.53 71.94
N LYS A 72 -99.52 -67.82 72.21
CA LYS A 72 -98.41 -68.76 72.11
C LYS A 72 -98.94 -70.04 71.46
N ALA A 73 -98.92 -70.07 70.14
CA ALA A 73 -99.36 -71.24 69.39
C ALA A 73 -98.87 -71.18 67.94
N GLU A 74 -99.13 -72.23 67.18
CA GLU A 74 -98.75 -72.28 65.77
C GLU A 74 -99.87 -71.64 64.98
N LEU A 75 -99.88 -70.30 64.99
CA LEU A 75 -100.98 -69.54 64.42
C LEU A 75 -100.95 -69.67 62.91
N THR A 76 -102.14 -69.62 62.30
CA THR A 76 -102.26 -69.71 60.85
C THR A 76 -103.51 -68.96 60.43
N ALA A 77 -103.36 -68.03 59.49
CA ALA A 77 -104.48 -67.21 59.07
C ALA A 77 -104.23 -66.72 57.66
N GLU A 78 -105.02 -65.73 57.25
CA GLU A 78 -104.76 -65.00 56.02
C GLU A 78 -104.07 -63.68 56.33
N LYS A 79 -104.69 -62.87 57.18
CA LYS A 79 -104.18 -61.55 57.53
C LYS A 79 -103.94 -61.56 59.03
N VAL A 80 -102.69 -61.52 59.44
CA VAL A 80 -102.33 -61.50 60.86
C VAL A 80 -101.91 -60.08 61.18
N VAL A 81 -102.85 -59.28 61.60
CA VAL A 81 -102.58 -57.89 61.92
C VAL A 81 -102.45 -57.76 63.42
N LEU A 82 -101.50 -56.94 63.87
CA LEU A 82 -101.17 -56.88 65.28
C LEU A 82 -101.35 -55.46 65.76
N SER A 83 -100.92 -55.21 67.00
CA SER A 83 -101.00 -53.90 67.61
C SER A 83 -99.68 -53.54 68.26
N LYS A 84 -99.71 -52.43 68.99
CA LYS A 84 -98.50 -51.91 69.62
C LYS A 84 -98.08 -52.71 70.83
N THR A 85 -99.02 -53.36 71.50
CA THR A 85 -98.75 -54.07 72.74
C THR A 85 -98.90 -55.58 72.60
N ALA A 86 -98.88 -56.07 71.36
CA ALA A 86 -99.03 -57.49 71.10
C ALA A 86 -97.79 -58.24 71.52
N ARG A 87 -97.91 -59.56 71.61
CA ARG A 87 -96.81 -60.43 71.98
C ARG A 87 -97.07 -61.80 71.39
N PHE A 88 -96.39 -62.12 70.31
CA PHE A 88 -96.53 -63.39 69.63
C PHE A 88 -95.47 -64.36 70.15
N THR A 89 -95.73 -65.65 70.00
CA THR A 89 -94.72 -66.68 70.24
C THR A 89 -95.12 -67.83 69.32
N GLY A 90 -94.15 -68.59 68.84
CA GLY A 90 -94.44 -69.82 68.13
C GLY A 90 -94.41 -69.61 66.63
N GLN A 91 -94.74 -70.67 65.91
CA GLN A 91 -94.73 -70.61 64.45
C GLN A 91 -95.85 -69.74 63.94
N LEU A 92 -95.80 -69.43 62.65
CA LEU A 92 -96.80 -68.59 62.02
C LEU A 92 -96.86 -68.97 60.55
N LYS A 93 -98.03 -68.81 59.95
CA LYS A 93 -98.22 -69.09 58.53
C LYS A 93 -99.36 -68.21 58.02
N ALA A 94 -99.01 -67.08 57.42
CA ALA A 94 -99.98 -66.09 57.00
C ALA A 94 -99.83 -65.79 55.51
N GLN A 95 -100.54 -64.75 55.08
CA GLN A 95 -100.36 -64.18 53.76
C GLN A 95 -100.07 -62.70 53.80
N ALA A 96 -100.34 -62.03 54.92
CA ALA A 96 -100.04 -60.60 55.07
C ALA A 96 -99.74 -60.34 56.54
N LEU A 97 -98.47 -60.43 56.90
CA LEU A 97 -98.05 -60.29 58.29
C LEU A 97 -97.87 -58.82 58.60
N GLU A 98 -98.92 -58.16 59.08
CA GLU A 98 -98.90 -56.73 59.29
C GLU A 98 -98.71 -56.43 60.77
N VAL A 99 -97.47 -56.17 61.12
CA VAL A 99 -97.10 -55.77 62.48
C VAL A 99 -96.96 -54.26 62.51
N GLU A 100 -97.41 -53.62 63.58
CA GLU A 100 -97.30 -52.18 63.57
C GLU A 100 -95.92 -51.70 64.04
N ALA A 101 -95.66 -51.75 65.34
CA ALA A 101 -94.28 -51.57 65.81
C ALA A 101 -93.91 -52.60 66.86
N GLY A 102 -94.63 -52.61 67.97
CA GLY A 102 -94.11 -53.20 69.20
C GLY A 102 -94.52 -54.61 69.53
N ALA A 103 -94.32 -55.55 68.61
CA ALA A 103 -94.59 -56.95 68.89
C ALA A 103 -93.29 -57.65 69.18
N VAL A 104 -93.26 -58.44 70.25
CA VAL A 104 -92.13 -59.31 70.50
C VAL A 104 -92.48 -60.59 69.75
N PHE A 105 -92.24 -60.58 68.44
CA PHE A 105 -92.65 -61.66 67.56
C PHE A 105 -91.53 -62.68 67.52
N VAL A 106 -91.70 -63.75 68.26
CA VAL A 106 -90.67 -64.75 68.48
C VAL A 106 -91.11 -66.04 67.83
N GLY A 107 -90.57 -66.36 66.67
CA GLY A 107 -90.84 -67.65 66.09
C GLY A 107 -90.81 -67.60 64.58
N GLN A 108 -90.51 -68.76 64.01
CA GLN A 108 -90.33 -68.90 62.57
C GLN A 108 -91.66 -68.72 61.85
N SER A 109 -91.66 -67.89 60.81
CA SER A 109 -92.89 -67.59 60.08
C SER A 109 -92.71 -67.79 58.59
N VAL A 110 -93.83 -68.00 57.92
CA VAL A 110 -93.93 -68.01 56.47
C VAL A 110 -95.01 -67.02 56.11
N ALA A 111 -94.78 -66.22 55.08
CA ALA A 111 -95.79 -65.28 54.63
C ALA A 111 -95.68 -65.06 53.13
N GLY A 112 -96.31 -64.01 52.62
CA GLY A 112 -96.22 -63.65 51.22
C GLY A 112 -96.88 -64.62 50.27
N LEU B 12 117.24 61.92 -74.81
CA LEU B 12 117.47 61.78 -73.38
C LEU B 12 118.13 63.05 -72.87
N THR B 13 117.76 63.45 -71.66
CA THR B 13 118.39 64.59 -71.00
C THR B 13 118.59 64.25 -69.54
N TYR B 14 119.72 63.64 -69.22
CA TYR B 14 119.99 63.27 -67.85
C TYR B 14 120.69 64.43 -67.16
N LEU B 15 120.18 64.81 -66.00
CA LEU B 15 120.92 65.69 -65.11
C LEU B 15 121.50 64.87 -63.98
N GLY B 16 122.65 65.31 -63.49
CA GLY B 16 123.37 64.56 -62.48
C GLY B 16 122.74 64.67 -61.11
N PRO B 17 123.41 64.13 -60.11
CA PRO B 17 122.88 64.21 -58.75
C PRO B 17 122.97 65.62 -58.17
N ASP B 18 123.98 66.37 -58.59
CA ASP B 18 124.21 67.74 -58.12
C ASP B 18 124.34 68.73 -59.28
N THR B 19 123.20 69.00 -59.91
CA THR B 19 123.16 69.87 -61.08
C THR B 19 122.06 70.90 -60.86
N GLU B 20 122.39 71.96 -60.15
CA GLU B 20 121.38 72.90 -59.71
C GLU B 20 121.15 73.93 -60.80
N VAL B 21 120.05 73.80 -61.53
CA VAL B 21 119.79 74.69 -62.65
C VAL B 21 118.79 75.76 -62.23
N LEU B 22 119.28 76.97 -62.10
CA LEU B 22 118.40 78.10 -61.89
C LEU B 22 117.76 78.41 -63.22
N GLY B 23 116.52 78.85 -63.20
CA GLY B 23 115.87 79.35 -64.39
C GLY B 23 114.94 78.33 -64.99
N ASP B 24 114.27 78.75 -66.05
CA ASP B 24 113.15 78.02 -66.60
C ASP B 24 113.64 77.00 -67.63
N MET B 25 113.86 75.77 -67.19
CA MET B 25 114.32 74.73 -68.09
C MET B 25 113.21 74.33 -69.05
N ARG B 26 113.53 74.29 -70.35
CA ARG B 26 112.59 73.91 -71.39
C ARG B 26 113.23 72.78 -72.18
N ALA B 27 112.68 71.58 -72.08
CA ALA B 27 113.32 70.40 -72.64
C ALA B 27 112.35 69.71 -73.59
N LYS B 28 112.85 68.72 -74.30
CA LYS B 28 112.04 67.82 -75.11
C LYS B 28 112.59 66.41 -74.98
N GLY B 29 111.71 65.43 -75.11
CA GLY B 29 112.10 64.04 -75.01
C GLY B 29 112.09 63.53 -73.60
N GLN B 30 112.72 62.38 -73.40
CA GLN B 30 112.83 61.78 -72.09
C GLN B 30 113.80 62.56 -71.23
N VAL B 31 113.37 62.89 -70.01
CA VAL B 31 114.16 63.66 -69.08
C VAL B 31 114.27 62.88 -67.79
N ARG B 32 115.46 62.83 -67.21
CA ARG B 32 115.62 62.38 -65.84
C ARG B 32 116.35 63.46 -65.06
N ILE B 33 115.68 64.04 -64.09
CA ILE B 33 116.26 65.04 -63.20
C ILE B 33 116.62 64.34 -61.91
N ASP B 34 117.88 64.44 -61.50
CA ASP B 34 118.29 63.94 -60.21
C ASP B 34 118.94 65.02 -59.35
N GLY B 35 119.13 66.21 -59.90
CA GLY B 35 119.84 67.26 -59.18
C GLY B 35 118.90 68.20 -58.46
N LEU B 36 118.74 69.39 -59.01
CA LEU B 36 117.81 70.36 -58.50
C LEU B 36 117.37 71.24 -59.65
N VAL B 37 116.16 71.78 -59.55
CA VAL B 37 115.72 72.82 -60.46
C VAL B 37 115.15 73.94 -59.62
N ARG B 38 115.70 75.14 -59.76
CA ARG B 38 115.09 76.33 -59.21
C ARG B 38 114.43 77.06 -60.37
N GLY B 39 113.12 76.90 -60.50
CA GLY B 39 112.41 77.45 -61.62
C GLY B 39 111.39 76.48 -62.14
N SER B 40 110.88 76.74 -63.33
CA SER B 40 109.78 75.97 -63.89
C SER B 40 110.27 75.08 -65.02
N VAL B 41 109.86 73.82 -64.98
CA VAL B 41 110.28 72.80 -65.93
C VAL B 41 109.17 72.61 -66.95
N LEU B 42 109.49 72.73 -68.23
CA LEU B 42 108.55 72.50 -69.33
C LEU B 42 109.12 71.40 -70.20
N VAL B 43 108.60 70.18 -70.04
CA VAL B 43 109.09 69.01 -70.76
C VAL B 43 107.98 68.46 -71.63
N GLU B 44 108.32 68.11 -72.86
CA GLU B 44 107.47 67.27 -73.70
C GLU B 44 108.10 65.89 -73.71
N GLY B 45 107.46 64.93 -73.07
CA GLY B 45 107.93 63.57 -73.03
C GLY B 45 107.92 63.05 -71.62
N GLU B 46 108.51 61.87 -71.44
CA GLU B 46 108.63 61.29 -70.12
C GLU B 46 109.52 62.14 -69.24
N LEU B 47 109.10 62.29 -67.99
CA LEU B 47 109.89 63.03 -67.02
C LEU B 47 110.10 62.10 -65.83
N GLU B 48 111.26 62.19 -65.22
CA GLU B 48 111.51 61.55 -63.94
C GLU B 48 112.24 62.51 -63.04
N VAL B 49 111.73 62.68 -61.82
CA VAL B 49 112.49 63.29 -60.75
C VAL B 49 113.14 62.14 -59.99
N GLY B 50 114.45 62.22 -59.82
CA GLY B 50 115.19 61.17 -59.15
C GLY B 50 114.96 61.19 -57.67
N PRO B 51 115.60 60.27 -56.94
CA PRO B 51 115.35 60.16 -55.49
C PRO B 51 115.84 61.34 -54.69
N THR B 52 116.99 61.91 -55.03
CA THR B 52 117.47 63.12 -54.39
C THR B 52 117.15 64.36 -55.20
N GLY B 53 116.40 64.21 -56.29
CA GLY B 53 116.03 65.35 -57.10
C GLY B 53 115.00 66.21 -56.41
N ARG B 54 114.95 67.47 -56.82
CA ARG B 54 114.01 68.44 -56.30
C ARG B 54 113.68 69.39 -57.42
N VAL B 55 112.39 69.60 -57.68
CA VAL B 55 111.96 70.52 -58.72
C VAL B 55 111.15 71.61 -58.04
N GLU B 56 111.83 72.64 -57.58
CA GLU B 56 111.20 73.69 -56.82
C GLU B 56 110.88 74.82 -57.77
N GLY B 57 109.63 75.24 -57.79
CA GLY B 57 109.28 76.28 -58.73
C GLY B 57 107.78 76.44 -58.82
N GLU B 58 107.30 76.68 -60.04
CA GLU B 58 105.87 76.95 -60.23
C GLU B 58 105.20 76.04 -61.24
N ARG B 59 105.85 75.74 -62.37
CA ARG B 59 105.22 75.03 -63.48
C ARG B 59 106.06 73.80 -63.78
N VAL B 60 105.50 72.63 -63.56
CA VAL B 60 106.11 71.38 -64.02
C VAL B 60 105.08 70.73 -64.93
N GLU B 61 105.23 70.92 -66.23
CA GLU B 61 104.28 70.40 -67.20
C GLU B 61 104.98 69.34 -68.05
N ALA B 62 104.35 68.17 -68.18
CA ALA B 62 104.97 67.07 -68.88
C ALA B 62 103.91 66.19 -69.54
N ARG B 63 104.30 64.98 -69.92
CA ARG B 63 103.40 63.99 -70.48
C ARG B 63 103.26 62.78 -69.56
N SER B 64 104.35 62.31 -69.00
CA SER B 64 104.27 61.31 -67.95
C SER B 64 105.35 61.62 -66.94
N VAL B 65 104.94 61.75 -65.68
CA VAL B 65 105.85 62.18 -64.63
C VAL B 65 106.05 61.02 -63.68
N LEU B 66 107.30 60.73 -63.36
CA LEU B 66 107.64 59.74 -62.37
C LEU B 66 108.39 60.42 -61.24
N ILE B 67 107.68 60.69 -60.15
CA ILE B 67 108.25 61.41 -59.02
C ILE B 67 108.82 60.39 -58.04
N HIS B 68 110.09 60.57 -57.70
CA HIS B 68 110.72 59.73 -56.70
C HIS B 68 111.42 60.54 -55.63
N GLY B 69 111.47 61.86 -55.77
CA GLY B 69 112.08 62.74 -54.78
C GLY B 69 111.10 63.77 -54.28
N GLU B 70 111.38 65.04 -54.51
CA GLU B 70 110.52 66.12 -54.07
C GLU B 70 110.12 66.98 -55.25
N VAL B 71 108.87 67.45 -55.24
CA VAL B 71 108.37 68.42 -56.20
C VAL B 71 107.59 69.45 -55.40
N LYS B 72 107.74 70.73 -55.74
CA LYS B 72 106.86 71.74 -55.18
C LYS B 72 106.49 72.71 -56.29
N ALA B 73 105.45 72.38 -57.04
CA ALA B 73 104.96 73.24 -58.11
C ALA B 73 103.54 72.85 -58.52
N GLU B 74 102.94 73.62 -59.43
CA GLU B 74 101.60 73.34 -59.93
C GLU B 74 101.75 72.35 -61.08
N LEU B 75 101.97 71.09 -60.73
CA LEU B 75 102.28 70.07 -61.70
C LEU B 75 101.07 69.77 -62.57
N THR B 76 101.31 69.40 -63.82
CA THR B 76 100.24 69.09 -64.76
C THR B 76 100.77 68.08 -65.77
N ALA B 77 100.08 66.97 -65.93
CA ALA B 77 100.55 65.92 -66.81
C ALA B 77 99.36 65.11 -67.29
N GLU B 78 99.65 63.95 -67.88
CA GLU B 78 98.64 62.95 -68.16
C GLU B 78 98.65 61.88 -67.10
N LYS B 79 99.80 61.24 -66.89
CA LYS B 79 99.94 60.15 -65.94
C LYS B 79 100.97 60.59 -64.91
N VAL B 80 100.54 60.84 -63.68
CA VAL B 80 101.43 61.24 -62.62
C VAL B 80 101.64 60.04 -61.72
N VAL B 81 102.64 59.26 -62.01
CA VAL B 81 102.91 58.06 -61.25
C VAL B 81 104.03 58.37 -60.27
N LEU B 82 103.92 57.83 -59.06
CA LEU B 82 104.83 58.19 -57.99
C LEU B 82 105.52 56.94 -57.48
N SER B 83 106.26 57.10 -56.40
CA SER B 83 106.98 56.01 -55.77
C SER B 83 106.74 56.02 -54.27
N LYS B 84 107.48 55.15 -53.57
CA LYS B 84 107.30 54.98 -52.14
C LYS B 84 107.90 56.13 -51.35
N THR B 85 108.89 56.81 -51.89
CA THR B 85 109.61 57.86 -51.17
C THR B 85 109.36 59.24 -51.77
N ALA B 86 108.32 59.37 -52.58
CA ALA B 86 108.02 60.63 -53.22
C ALA B 86 107.49 61.63 -52.21
N ARG B 87 107.45 62.90 -52.61
CA ARG B 87 106.94 63.97 -51.77
C ARG B 87 106.45 65.09 -52.68
N PHE B 88 105.14 65.19 -52.83
CA PHE B 88 104.53 66.20 -53.66
C PHE B 88 104.15 67.40 -52.80
N THR B 89 104.01 68.55 -53.43
CA THR B 89 103.44 69.73 -52.79
C THR B 89 102.81 70.53 -53.90
N GLY B 90 101.74 71.26 -53.63
CA GLY B 90 101.20 72.19 -54.58
C GLY B 90 100.03 71.58 -55.34
N GLN B 91 99.51 72.35 -56.28
CA GLN B 91 98.37 71.91 -57.07
C GLN B 91 98.77 70.79 -58.01
N LEU B 92 97.78 70.15 -58.61
CA LEU B 92 98.00 69.04 -59.52
C LEU B 92 96.84 69.01 -60.50
N LYS B 93 97.09 68.54 -61.71
CA LYS B 93 96.06 68.39 -62.73
C LYS B 93 96.48 67.27 -63.66
N ALA B 94 95.95 66.08 -63.42
CA ALA B 94 96.35 64.88 -64.16
C ALA B 94 95.14 64.22 -64.80
N GLN B 95 95.38 63.01 -65.31
CA GLN B 95 94.31 62.14 -65.77
C GLN B 95 94.37 60.77 -65.11
N ALA B 96 95.50 60.40 -64.52
CA ALA B 96 95.64 59.12 -63.82
C ALA B 96 96.64 59.31 -62.70
N LEU B 97 96.14 59.67 -61.52
CA LEU B 97 97.00 59.96 -60.37
C LEU B 97 97.33 58.65 -59.66
N GLU B 98 98.44 58.04 -60.04
CA GLU B 98 98.80 56.72 -59.53
C GLU B 98 99.88 56.87 -58.47
N VAL B 99 99.44 56.87 -57.22
CA VAL B 99 100.33 56.91 -56.07
C VAL B 99 100.47 55.50 -55.54
N GLU B 100 101.68 55.12 -55.12
CA GLU B 100 101.81 53.75 -54.66
C GLU B 100 101.41 53.61 -53.19
N ALA B 101 102.26 54.04 -52.25
CA ALA B 101 101.81 54.18 -50.87
C ALA B 101 102.27 55.49 -50.27
N GLY B 102 103.57 55.72 -50.21
CA GLY B 102 104.14 56.67 -49.28
C GLY B 102 104.44 58.06 -49.79
N ALA B 103 103.48 58.73 -50.41
CA ALA B 103 103.67 60.11 -50.83
C ALA B 103 103.00 61.03 -49.83
N VAL B 104 103.72 62.07 -49.43
CA VAL B 104 103.11 63.12 -48.63
C VAL B 104 102.55 64.08 -49.66
N PHE B 105 101.38 63.75 -50.20
CA PHE B 105 100.79 64.49 -51.31
C PHE B 105 99.93 65.61 -50.72
N VAL B 106 100.48 66.81 -50.73
CA VAL B 106 99.88 67.95 -50.06
C VAL B 106 99.45 68.94 -51.13
N GLY B 107 98.18 69.00 -51.43
CA GLY B 107 97.72 70.04 -52.33
C GLY B 107 96.51 69.59 -53.13
N GLN B 108 95.72 70.58 -53.52
CA GLN B 108 94.47 70.35 -54.23
C GLN B 108 94.73 69.81 -55.62
N SER B 109 94.04 68.72 -55.98
CA SER B 109 94.26 68.08 -57.27
C SER B 109 92.95 67.89 -58.02
N VAL B 110 93.08 67.76 -59.33
CA VAL B 110 92.00 67.37 -60.22
C VAL B 110 92.51 66.18 -61.01
N ALA B 111 91.67 65.17 -61.18
CA ALA B 111 92.06 64.02 -61.98
C ALA B 111 90.85 63.42 -62.67
N GLY B 112 90.99 62.19 -63.18
CA GLY B 112 89.89 61.49 -63.78
C GLY B 112 89.40 62.07 -65.10
N LEU C 12 108.83 39.87 -70.99
CA LEU C 12 109.99 39.90 -70.10
C LEU C 12 110.06 38.56 -69.39
N THR C 13 111.28 38.08 -69.17
CA THR C 13 111.50 36.85 -68.40
C THR C 13 112.72 37.07 -67.51
N TYR C 14 112.51 37.60 -66.33
CA TYR C 14 113.60 37.84 -65.42
C TYR C 14 113.82 36.60 -64.58
N LEU C 15 115.06 36.15 -64.50
CA LEU C 15 115.45 35.17 -63.51
C LEU C 15 116.23 35.86 -62.42
N GLY C 16 116.10 35.34 -61.21
CA GLY C 16 116.68 35.97 -60.04
C GLY C 16 118.18 35.78 -59.97
N PRO C 17 118.77 36.20 -58.87
CA PRO C 17 120.22 36.03 -58.71
C PRO C 17 120.60 34.58 -58.47
N ASP C 18 119.72 33.83 -57.84
CA ASP C 18 119.96 32.42 -57.52
C ASP C 18 118.83 31.52 -58.02
N THR C 19 118.79 31.35 -59.34
CA THR C 19 117.73 30.58 -59.98
C THR C 19 118.39 29.59 -60.93
N GLU C 20 118.81 28.46 -60.39
CA GLU C 20 119.62 27.53 -61.16
C GLU C 20 118.71 26.60 -61.94
N VAL C 21 118.60 26.84 -63.24
CA VAL C 21 117.69 26.06 -64.06
C VAL C 21 118.47 25.00 -64.83
N LEU C 22 118.29 23.76 -64.43
CA LEU C 22 118.83 22.65 -65.20
C LEU C 22 117.94 22.49 -66.41
N GLY C 23 118.52 22.11 -67.52
CA GLY C 23 117.75 21.74 -68.68
C GLY C 23 117.72 22.84 -69.71
N ASP C 24 117.08 22.54 -70.83
CA ASP C 24 117.14 23.37 -72.02
C ASP C 24 116.07 24.44 -71.98
N MET C 25 116.41 25.62 -71.49
CA MET C 25 115.45 26.71 -71.41
C MET C 25 115.15 27.23 -72.82
N ARG C 26 113.86 27.37 -73.13
CA ARG C 26 113.41 27.87 -74.43
C ARG C 26 112.46 29.03 -74.13
N ALA C 27 112.88 30.24 -74.49
CA ALA C 27 112.14 31.43 -74.08
C ALA C 27 111.80 32.24 -75.33
N LYS C 28 110.99 33.27 -75.14
CA LYS C 28 110.69 34.26 -76.17
C LYS C 28 110.63 35.63 -75.50
N GLY C 29 110.98 36.65 -76.26
CA GLY C 29 110.94 38.02 -75.78
C GLY C 29 112.23 38.41 -75.09
N GLN C 30 112.16 39.51 -74.34
CA GLN C 30 113.31 40.00 -73.59
C GLN C 30 113.56 39.09 -72.40
N VAL C 31 114.82 38.70 -72.23
CA VAL C 31 115.23 37.81 -71.16
C VAL C 31 116.37 38.49 -70.41
N ARG C 32 116.32 38.42 -69.09
CA ARG C 32 117.47 38.76 -68.28
C ARG C 32 117.76 37.60 -67.34
N ILE C 33 118.91 36.96 -67.54
CA ILE C 33 119.35 35.88 -66.68
C ILE C 33 120.36 36.44 -65.71
N ASP C 34 120.12 36.25 -64.42
CA ASP C 34 121.10 36.62 -63.42
C ASP C 34 121.49 35.45 -62.53
N GLY C 35 120.86 34.30 -62.69
CA GLY C 35 121.10 33.17 -61.83
C GLY C 35 122.13 32.21 -62.39
N LEU C 36 121.66 31.08 -62.89
CA LEU C 36 122.50 30.11 -63.54
C LEU C 36 121.64 29.35 -64.53
N VAL C 37 122.27 28.86 -65.59
CA VAL C 37 121.63 27.91 -66.50
C VAL C 37 122.58 26.75 -66.68
N ARG C 38 122.13 25.56 -66.35
CA ARG C 38 122.84 24.35 -66.73
C ARG C 38 122.10 23.75 -67.91
N GLY C 39 122.60 23.98 -69.11
CA GLY C 39 121.92 23.55 -70.30
C GLY C 39 121.99 24.60 -71.38
N SER C 40 121.17 24.47 -72.40
CA SER C 40 121.23 25.34 -73.56
C SER C 40 120.05 26.29 -73.59
N VAL C 41 120.34 27.56 -73.84
CA VAL C 41 119.35 28.62 -73.83
C VAL C 41 119.00 28.95 -75.27
N LEU C 42 117.70 28.93 -75.59
CA LEU C 42 117.20 29.27 -76.91
C LEU C 42 116.21 30.43 -76.73
N VAL C 43 116.66 31.64 -77.02
CA VAL C 43 115.86 32.84 -76.83
C VAL C 43 115.64 33.52 -78.17
N GLU C 44 114.41 33.95 -78.42
CA GLU C 44 114.12 34.90 -79.49
C GLU C 44 113.88 36.25 -78.83
N GLY C 45 114.81 37.17 -79.03
CA GLY C 45 114.68 38.51 -78.48
C GLY C 45 115.95 38.91 -77.80
N GLU C 46 115.90 40.04 -77.10
CA GLU C 46 117.04 40.51 -76.33
C GLU C 46 117.35 39.54 -75.22
N LEU C 47 118.65 39.31 -75.01
CA LEU C 47 119.10 38.47 -73.92
C LEU C 47 120.09 39.28 -73.11
N GLU C 48 120.08 39.10 -71.81
CA GLU C 48 121.11 39.62 -70.95
C GLU C 48 121.52 38.54 -69.96
N VAL C 49 122.82 38.31 -69.86
CA VAL C 49 123.37 37.58 -68.73
C VAL C 49 123.80 38.62 -67.71
N GLY C 50 123.34 38.48 -66.48
CA GLY C 50 123.62 39.43 -65.44
C GLY C 50 125.05 39.31 -64.96
N PRO C 51 125.44 40.14 -63.98
CA PRO C 51 126.83 40.15 -63.52
C PRO C 51 127.24 38.87 -62.81
N THR C 52 126.37 38.29 -62.00
CA THR C 52 126.64 37.00 -61.37
C THR C 52 126.03 35.84 -62.13
N GLY C 53 125.42 36.12 -63.27
CA GLY C 53 124.83 35.06 -64.06
C GLY C 53 125.87 34.20 -64.72
N ARG C 54 125.47 32.98 -65.05
CA ARG C 54 126.32 32.02 -65.72
C ARG C 54 125.44 31.17 -66.61
N VAL C 55 125.81 31.05 -67.88
CA VAL C 55 125.04 30.24 -68.81
C VAL C 55 125.96 29.13 -69.29
N GLU C 56 125.99 28.03 -68.56
CA GLU C 56 126.91 26.96 -68.85
C GLU C 56 126.17 25.91 -69.66
N GLY C 57 126.71 25.56 -70.80
CA GLY C 57 125.98 24.62 -71.63
C GLY C 57 126.61 24.53 -73.00
N GLU C 58 125.76 24.41 -74.02
CA GLU C 58 126.24 24.22 -75.37
C GLU C 58 125.70 25.24 -76.38
N ARG C 59 124.43 25.61 -76.30
CA ARG C 59 123.78 26.43 -77.31
C ARG C 59 123.18 27.64 -76.62
N VAL C 60 123.70 28.82 -76.92
CA VAL C 60 123.08 30.07 -76.51
C VAL C 60 122.79 30.84 -77.79
N GLU C 61 121.56 30.75 -78.28
CA GLU C 61 121.18 31.40 -79.52
C GLU C 61 120.17 32.49 -79.22
N ALA C 62 120.41 33.68 -79.75
CA ALA C 62 119.54 34.81 -79.44
C ALA C 62 119.51 35.78 -80.60
N ARG C 63 119.05 37.00 -80.34
CA ARG C 63 119.04 38.07 -81.33
C ARG C 63 119.97 39.21 -80.94
N SER C 64 119.99 39.58 -79.66
CA SER C 64 120.99 40.51 -79.17
C SER C 64 121.37 40.06 -77.78
N VAL C 65 122.65 39.84 -77.56
CA VAL C 65 123.14 39.29 -76.31
C VAL C 65 123.94 40.36 -75.60
N LEU C 66 123.64 40.56 -74.33
CA LEU C 66 124.41 41.46 -73.49
C LEU C 66 125.02 40.66 -72.35
N ILE C 67 126.30 40.32 -72.49
CA ILE C 67 126.99 39.49 -71.52
C ILE C 67 127.63 40.40 -70.48
N HIS C 68 127.33 40.15 -69.22
CA HIS C 68 127.97 40.87 -68.13
C HIS C 68 128.54 39.94 -67.07
N GLY C 69 128.33 38.63 -67.20
CA GLY C 69 128.85 37.66 -66.28
C GLY C 69 129.71 36.63 -66.98
N GLU C 70 129.31 35.37 -66.94
CA GLU C 70 130.05 34.30 -67.58
C GLU C 70 129.15 33.55 -68.55
N VAL C 71 129.72 33.14 -69.67
CA VAL C 71 129.06 32.28 -70.65
C VAL C 71 130.08 31.22 -71.04
N LYS C 72 129.64 29.98 -71.16
CA LYS C 72 130.50 28.96 -71.76
C LYS C 72 129.64 28.09 -72.67
N ALA C 73 129.49 28.53 -73.92
CA ALA C 73 128.72 27.79 -74.92
C ALA C 73 129.05 28.26 -76.32
N GLU C 74 128.49 27.60 -77.33
CA GLU C 74 128.69 27.99 -78.72
C GLU C 74 127.66 29.06 -79.05
N LEU C 75 127.95 30.27 -78.60
CA LEU C 75 126.98 31.36 -78.70
C LEU C 75 126.80 31.77 -80.15
N THR C 76 125.60 32.23 -80.49
CA THR C 76 125.30 32.67 -81.84
C THR C 76 124.22 33.73 -81.77
N ALA C 77 124.45 34.89 -82.37
CA ALA C 77 123.50 35.97 -82.28
C ALA C 77 123.69 36.89 -83.50
N GLU C 78 123.10 38.07 -83.42
CA GLU C 78 123.37 39.13 -84.37
C GLU C 78 124.36 40.12 -83.77
N LYS C 79 124.04 40.68 -82.62
CA LYS C 79 124.87 41.68 -81.96
C LYS C 79 125.26 41.11 -80.62
N VAL C 80 126.53 40.79 -80.44
CA VAL C 80 127.03 40.25 -79.19
C VAL C 80 127.79 41.37 -78.50
N VAL C 81 127.10 42.12 -77.69
CA VAL C 81 127.70 43.24 -77.00
C VAL C 81 128.03 42.82 -75.58
N LEU C 82 129.17 43.25 -75.08
CA LEU C 82 129.67 42.76 -73.81
C LEU C 82 129.86 43.94 -72.86
N SER C 83 130.46 43.66 -71.72
CA SER C 83 130.74 44.67 -70.71
C SER C 83 132.17 44.54 -70.22
N LYS C 84 132.48 45.32 -69.18
CA LYS C 84 133.83 45.37 -68.66
C LYS C 84 134.20 44.14 -67.85
N THR C 85 133.21 43.45 -67.27
CA THR C 85 133.46 42.32 -66.39
C THR C 85 132.97 41.01 -66.99
N ALA C 86 132.74 40.99 -68.30
CA ALA C 86 132.25 39.79 -68.96
C ALA C 86 133.34 38.74 -69.04
N ARG C 87 132.94 37.53 -69.36
CA ARG C 87 133.86 36.41 -69.49
C ARG C 87 133.24 35.40 -70.43
N PHE C 88 133.71 35.37 -71.66
CA PHE C 88 133.22 34.45 -72.67
C PHE C 88 134.09 33.21 -72.70
N THR C 89 133.54 32.10 -73.20
CA THR C 89 134.32 30.91 -73.50
C THR C 89 133.58 30.23 -74.65
N GLY C 90 134.30 29.53 -75.51
CA GLY C 90 133.66 28.71 -76.51
C GLY C 90 133.57 29.42 -77.83
N GLN C 91 132.94 28.75 -78.79
CA GLN C 91 132.81 29.31 -80.14
C GLN C 91 131.86 30.49 -80.13
N LEU C 92 131.82 31.22 -81.25
CA LEU C 92 130.97 32.39 -81.38
C LEU C 92 130.66 32.55 -82.85
N LYS C 93 129.49 33.11 -83.16
CA LYS C 93 129.09 33.38 -84.54
C LYS C 93 128.13 34.56 -84.51
N ALA C 94 128.64 35.75 -84.77
CA ALA C 94 127.88 36.98 -84.68
C ALA C 94 127.91 37.75 -85.98
N GLN C 95 127.41 38.98 -85.92
CA GLN C 95 127.56 39.93 -87.00
C GLN C 95 128.18 41.24 -86.55
N ALA C 96 128.19 41.51 -85.24
CA ALA C 96 128.80 42.72 -84.70
C ALA C 96 129.32 42.40 -83.30
N LEU C 97 130.57 41.98 -83.22
CA LEU C 97 131.16 41.55 -81.96
C LEU C 97 131.70 42.77 -81.23
N GLU C 98 130.87 43.37 -80.38
CA GLU C 98 131.22 44.62 -79.73
C GLU C 98 131.65 44.34 -78.29
N VAL C 99 132.95 44.25 -78.10
CA VAL C 99 133.55 44.08 -76.79
C VAL C 99 134.02 45.43 -76.30
N GLU C 100 133.83 45.72 -75.01
CA GLU C 100 134.26 47.04 -74.57
C GLU C 100 135.75 47.09 -74.23
N ALA C 101 136.15 46.54 -73.08
CA ALA C 101 137.57 46.31 -72.85
C ALA C 101 137.83 44.93 -72.26
N GLY C 102 137.25 44.64 -71.10
CA GLY C 102 137.75 43.59 -70.25
C GLY C 102 137.08 42.24 -70.32
N ALA C 103 136.96 41.67 -71.51
CA ALA C 103 136.42 40.33 -71.65
C ALA C 103 137.57 39.35 -71.84
N VAL C 104 137.55 38.26 -71.10
CA VAL C 104 138.48 37.17 -71.36
C VAL C 104 137.78 36.31 -72.40
N PHE C 105 137.86 36.74 -73.66
CA PHE C 105 137.13 36.13 -74.76
C PHE C 105 137.99 35.01 -75.32
N VAL C 106 137.66 33.78 -74.93
CA VAL C 106 138.48 32.62 -75.24
C VAL C 106 137.69 31.73 -76.19
N GLY C 107 138.02 31.75 -77.46
CA GLY C 107 137.39 30.82 -78.36
C GLY C 107 137.28 31.38 -79.76
N GLN C 108 137.24 30.47 -80.72
CA GLN C 108 137.22 30.80 -82.14
C GLN C 108 135.90 31.45 -82.51
N SER C 109 135.96 32.58 -83.20
CA SER C 109 134.76 33.33 -83.56
C SER C 109 134.72 33.63 -85.04
N VAL C 110 133.51 33.86 -85.53
CA VAL C 110 133.25 34.37 -86.87
C VAL C 110 132.38 35.60 -86.69
N ALA C 111 132.68 36.65 -87.43
CA ALA C 111 131.85 37.85 -87.37
C ALA C 111 131.84 38.56 -88.72
N GLY C 112 131.39 39.81 -88.73
CA GLY C 112 131.42 40.62 -89.93
C GLY C 112 130.46 40.16 -91.02
N LEU D 12 112.45 37.83 -57.20
CA LEU D 12 111.38 37.55 -58.15
C LEU D 12 111.94 36.77 -59.32
N THR D 13 111.16 35.85 -59.84
CA THR D 13 111.54 35.10 -61.04
C THR D 13 110.31 34.94 -61.91
N TYR D 14 110.06 35.91 -62.77
CA TYR D 14 108.91 35.84 -63.64
C TYR D 14 109.31 35.11 -64.92
N LEU D 15 108.50 34.13 -65.30
CA LEU D 15 108.58 33.57 -66.62
C LEU D 15 107.43 34.09 -67.46
N GLY D 16 107.69 34.22 -68.75
CA GLY D 16 106.72 34.83 -69.64
C GLY D 16 105.57 33.90 -69.97
N PRO D 17 104.73 34.32 -70.88
CA PRO D 17 103.58 33.48 -71.26
C PRO D 17 104.01 32.26 -72.07
N ASP D 18 105.08 32.42 -72.84
CA ASP D 18 105.60 31.35 -73.70
C ASP D 18 107.08 31.09 -73.45
N THR D 19 107.36 30.48 -72.30
CA THR D 19 108.73 30.23 -71.88
C THR D 19 108.83 28.78 -71.46
N GLU D 20 109.02 27.89 -72.44
CA GLU D 20 108.94 26.47 -72.19
C GLU D 20 110.28 25.96 -71.71
N VAL D 21 110.40 25.71 -70.42
CA VAL D 21 111.67 25.30 -69.85
C VAL D 21 111.67 23.79 -69.64
N LEU D 22 112.46 23.10 -70.45
CA LEU D 22 112.68 21.68 -70.24
C LEU D 22 113.65 21.59 -69.08
N GLY D 23 113.51 20.56 -68.28
CA GLY D 23 114.48 20.25 -67.26
C GLY D 23 114.04 20.72 -65.90
N ASP D 24 114.86 20.41 -64.91
CA ASP D 24 114.50 20.53 -63.51
C ASP D 24 114.82 21.93 -63.01
N MET D 25 113.84 22.82 -63.06
CA MET D 25 114.05 24.19 -62.59
C MET D 25 114.18 24.21 -61.08
N ARG D 26 115.23 24.88 -60.58
CA ARG D 26 115.49 25.03 -59.15
C ARG D 26 115.61 26.51 -58.87
N ALA D 27 114.66 27.06 -58.14
CA ALA D 27 114.59 28.51 -57.96
C ALA D 27 114.58 28.82 -56.47
N LYS D 28 114.69 30.11 -56.16
CA LYS D 28 114.52 30.62 -54.80
C LYS D 28 113.76 31.94 -54.88
N GLY D 29 113.00 32.23 -53.84
CA GLY D 29 112.24 33.46 -53.77
C GLY D 29 110.87 33.32 -54.40
N GLN D 30 110.25 34.47 -54.65
CA GLN D 30 108.95 34.52 -55.30
C GLN D 30 109.08 34.15 -56.76
N VAL D 31 108.23 33.23 -57.21
CA VAL D 31 108.24 32.77 -58.58
C VAL D 31 106.84 32.95 -59.14
N ARG D 32 106.76 33.43 -60.37
CA ARG D 32 105.52 33.37 -61.13
C ARG D 32 105.79 32.70 -62.46
N ILE D 33 105.21 31.52 -62.65
CA ILE D 33 105.32 30.79 -63.90
C ILE D 33 104.05 31.04 -64.71
N ASP D 34 104.21 31.53 -65.93
CA ASP D 34 103.08 31.66 -66.82
C ASP D 34 103.27 30.90 -68.13
N GLY D 35 104.45 30.32 -68.34
CA GLY D 35 104.74 29.66 -69.59
C GLY D 35 104.46 28.18 -69.56
N LEU D 36 105.52 27.40 -69.49
CA LEU D 36 105.42 25.96 -69.36
C LEU D 36 106.66 25.47 -68.63
N VAL D 37 106.52 24.36 -67.92
CA VAL D 37 107.67 23.65 -67.38
C VAL D 37 107.52 22.19 -67.75
N ARG D 38 108.51 21.66 -68.45
CA ARG D 38 108.61 20.23 -68.65
C ARG D 38 109.69 19.73 -67.72
N GLY D 39 109.28 19.17 -66.59
CA GLY D 39 110.23 18.76 -65.58
C GLY D 39 109.72 19.11 -64.19
N SER D 40 110.60 19.06 -63.21
CA SER D 40 110.21 19.24 -61.83
C SER D 40 110.69 20.57 -61.30
N VAL D 41 109.79 21.27 -60.62
CA VAL D 41 110.03 22.62 -60.11
C VAL D 41 110.33 22.50 -58.62
N LEU D 42 111.46 23.05 -58.18
CA LEU D 42 111.86 23.10 -56.78
C LEU D 42 112.03 24.56 -56.40
N VAL D 43 111.04 25.12 -55.72
CA VAL D 43 111.04 26.53 -55.34
C VAL D 43 111.01 26.64 -53.83
N GLU D 44 111.84 27.53 -53.29
CA GLU D 44 111.70 28.00 -51.93
C GLU D 44 111.10 29.39 -51.98
N GLY D 45 109.85 29.52 -51.55
CA GLY D 45 109.18 30.79 -51.53
C GLY D 45 107.81 30.67 -52.16
N GLU D 46 107.17 31.82 -52.37
CA GLU D 46 105.87 31.85 -53.02
C GLU D 46 106.01 31.38 -54.46
N LEU D 47 105.03 30.59 -54.88
CA LEU D 47 104.98 30.12 -56.25
C LEU D 47 103.62 30.51 -56.80
N GLU D 48 103.58 30.88 -58.06
CA GLU D 48 102.33 31.04 -58.78
C GLU D 48 102.45 30.39 -60.14
N VAL D 49 101.49 29.55 -60.48
CA VAL D 49 101.27 29.13 -61.85
C VAL D 49 100.24 30.08 -62.43
N GLY D 50 100.57 30.69 -63.57
CA GLY D 50 99.69 31.64 -64.20
C GLY D 50 98.51 30.97 -64.85
N PRO D 51 97.63 31.77 -65.47
CA PRO D 51 96.41 31.19 -66.06
C PRO D 51 96.66 30.28 -67.25
N THR D 52 97.61 30.62 -68.11
CA THR D 52 98.00 29.75 -69.21
C THR D 52 99.23 28.92 -68.88
N GLY D 53 99.72 29.01 -67.65
CA GLY D 53 100.87 28.24 -67.26
C GLY D 53 100.55 26.77 -67.10
N ARG D 54 101.57 25.95 -67.23
CA ARG D 54 101.46 24.52 -67.07
C ARG D 54 102.75 24.01 -66.48
N VAL D 55 102.66 23.24 -65.40
CA VAL D 55 103.84 22.68 -64.76
C VAL D 55 103.73 21.17 -64.86
N GLU D 56 104.21 20.61 -65.94
CA GLU D 56 104.05 19.20 -66.19
C GLU D 56 105.33 18.50 -65.76
N GLY D 57 105.19 17.50 -64.92
CA GLY D 57 106.40 16.88 -64.42
C GLY D 57 106.08 15.95 -63.27
N GLU D 58 106.98 15.93 -62.30
CA GLU D 58 106.83 15.01 -61.17
C GLU D 58 106.85 15.69 -59.80
N ARG D 59 107.71 16.67 -59.59
CA ARG D 59 107.93 17.26 -58.27
C ARG D 59 107.70 18.75 -58.36
N VAL D 60 106.67 19.25 -57.70
CA VAL D 60 106.46 20.68 -57.53
C VAL D 60 106.45 20.93 -56.03
N GLU D 61 107.57 21.33 -55.48
CA GLU D 61 107.69 21.55 -54.05
C GLU D 61 107.91 23.03 -53.79
N ALA D 62 107.14 23.60 -52.88
CA ALA D 62 107.21 25.04 -52.64
C ALA D 62 106.85 25.34 -51.19
N ARG D 63 106.55 26.61 -50.90
CA ARG D 63 106.09 27.04 -49.60
C ARG D 63 104.66 27.54 -49.63
N SER D 64 104.30 28.30 -50.66
CA SER D 64 102.91 28.64 -50.88
C SER D 64 102.67 28.64 -52.38
N VAL D 65 101.69 27.86 -52.81
CA VAL D 65 101.43 27.67 -54.23
C VAL D 65 100.10 28.31 -54.56
N LEU D 66 100.10 29.11 -55.61
CA LEU D 66 98.88 29.68 -56.13
C LEU D 66 98.67 29.18 -57.55
N ILE D 67 97.79 28.20 -57.71
CA ILE D 67 97.55 27.57 -58.99
C ILE D 67 96.41 28.30 -59.67
N HIS D 68 96.64 28.75 -60.89
CA HIS D 68 95.60 29.37 -61.69
C HIS D 68 95.51 28.77 -63.08
N GLY D 69 96.40 27.85 -63.43
CA GLY D 69 96.37 27.18 -64.71
C GLY D 69 96.29 25.68 -64.55
N GLU D 70 97.30 24.97 -65.03
CA GLU D 70 97.33 23.52 -64.94
C GLU D 70 98.60 23.07 -64.23
N VAL D 71 98.47 22.03 -63.42
CA VAL D 71 99.61 21.37 -62.77
C VAL D 71 99.37 19.87 -62.94
N LYS D 72 100.42 19.12 -63.25
CA LYS D 72 100.32 17.66 -63.19
C LYS D 72 101.60 17.13 -62.57
N ALA D 73 101.64 17.07 -61.25
CA ALA D 73 102.80 16.54 -60.52
C ALA D 73 102.43 16.19 -59.09
N GLU D 74 103.37 15.61 -58.35
CA GLU D 74 103.16 15.25 -56.95
C GLU D 74 103.48 16.49 -56.13
N LEU D 75 102.54 17.42 -56.11
CA LEU D 75 102.77 18.72 -55.49
C LEU D 75 102.86 18.57 -53.99
N THR D 76 103.65 19.44 -53.36
CA THR D 76 103.83 19.42 -51.91
C THR D 76 104.16 20.83 -51.45
N ALA D 77 103.41 21.34 -50.49
CA ALA D 77 103.60 22.70 -50.04
C ALA D 77 103.10 22.82 -48.61
N GLU D 78 102.96 24.06 -48.16
CA GLU D 78 102.27 24.35 -46.91
C GLU D 78 100.84 24.79 -47.19
N LYS D 79 100.67 25.82 -48.00
CA LYS D 79 99.37 26.39 -48.33
C LYS D 79 99.19 26.25 -49.82
N VAL D 80 98.27 25.40 -50.26
CA VAL D 80 98.00 25.20 -51.67
C VAL D 80 96.68 25.90 -51.95
N VAL D 81 96.77 27.14 -52.35
CA VAL D 81 95.58 27.92 -52.62
C VAL D 81 95.37 27.97 -54.12
N LEU D 82 94.12 27.87 -54.55
CA LEU D 82 93.83 27.72 -55.96
C LEU D 82 92.93 28.86 -56.41
N SER D 83 92.45 28.76 -57.63
CA SER D 83 91.56 29.76 -58.20
C SER D 83 90.36 29.08 -58.87
N LYS D 84 89.57 29.90 -59.56
CA LYS D 84 88.34 29.41 -60.18
C LYS D 84 88.60 28.59 -61.43
N THR D 85 89.73 28.82 -62.11
CA THR D 85 90.04 28.18 -63.37
C THR D 85 91.22 27.22 -63.27
N ALA D 86 91.57 26.84 -62.05
CA ALA D 86 92.70 25.94 -61.84
C ALA D 86 92.36 24.53 -62.30
N ARG D 87 93.39 23.72 -62.42
CA ARG D 87 93.24 22.33 -62.83
C ARG D 87 94.41 21.55 -62.27
N PHE D 88 94.17 20.79 -61.21
CA PHE D 88 95.20 19.99 -60.58
C PHE D 88 95.14 18.57 -61.13
N THR D 89 96.24 17.85 -61.02
CA THR D 89 96.28 16.43 -61.30
C THR D 89 97.39 15.87 -60.42
N GLY D 90 97.27 14.63 -59.97
CA GLY D 90 98.36 13.96 -59.29
C GLY D 90 98.20 14.05 -57.79
N GLN D 91 99.20 13.52 -57.09
CA GLN D 91 99.17 13.51 -55.64
C GLN D 91 99.33 14.91 -55.08
N LEU D 92 99.10 15.04 -53.79
CA LEU D 92 99.20 16.33 -53.12
C LEU D 92 99.55 16.06 -51.66
N LYS D 93 100.25 16.99 -51.03
CA LYS D 93 100.60 16.89 -49.62
C LYS D 93 100.77 18.30 -49.07
N ALA D 94 99.73 18.82 -48.45
CA ALA D 94 99.70 20.20 -47.98
C ALA D 94 99.40 20.25 -46.49
N GLN D 95 99.15 21.47 -46.02
CA GLN D 95 98.64 21.70 -44.68
C GLN D 95 97.37 22.53 -44.68
N ALA D 96 97.06 23.22 -45.78
CA ALA D 96 95.84 24.01 -45.88
C ALA D 96 95.42 24.02 -47.35
N LEU D 97 94.59 23.05 -47.73
CA LEU D 97 94.18 22.90 -49.12
C LEU D 97 92.99 23.81 -49.39
N GLU D 98 93.26 25.03 -49.84
CA GLU D 98 92.21 26.03 -50.00
C GLU D 98 91.85 26.14 -51.48
N VAL D 99 90.78 25.45 -51.84
CA VAL D 99 90.23 25.49 -53.19
C VAL D 99 89.05 26.44 -53.17
N GLU D 100 88.90 27.25 -54.22
CA GLU D 100 87.78 28.18 -54.17
C GLU D 100 86.48 27.54 -54.64
N ALA D 101 86.30 27.35 -55.95
CA ALA D 101 85.21 26.51 -56.41
C ALA D 101 85.67 25.56 -57.51
N GLY D 102 86.17 26.09 -58.61
CA GLY D 102 86.22 25.35 -59.86
C GLY D 102 87.51 24.67 -60.22
N ALA D 103 88.06 23.85 -59.34
CA ALA D 103 89.24 23.07 -59.66
C ALA D 103 88.82 21.66 -59.99
N VAL D 104 89.35 21.13 -61.08
CA VAL D 104 89.19 19.72 -61.37
C VAL D 104 90.36 19.05 -60.66
N PHE D 105 90.21 18.84 -59.35
CA PHE D 105 91.28 18.36 -58.50
C PHE D 105 91.22 16.83 -58.50
N VAL D 106 92.11 16.24 -59.29
CA VAL D 106 92.09 14.81 -59.53
C VAL D 106 93.33 14.20 -58.91
N GLY D 107 93.19 13.56 -57.78
CA GLY D 107 94.33 12.84 -57.23
C GLY D 107 94.28 12.80 -55.72
N GLN D 108 94.91 11.77 -55.19
CA GLN D 108 94.91 11.49 -53.76
C GLN D 108 95.71 12.55 -53.02
N SER D 109 95.13 13.10 -51.95
CA SER D 109 95.78 14.17 -51.20
C SER D 109 95.82 13.86 -49.72
N VAL D 110 96.77 14.49 -49.05
CA VAL D 110 96.86 14.50 -47.60
C VAL D 110 96.91 15.97 -47.18
N ALA D 111 96.18 16.32 -46.13
CA ALA D 111 96.22 17.69 -45.64
C ALA D 111 96.01 17.72 -44.13
N GLY D 112 95.70 18.89 -43.59
CA GLY D 112 95.40 19.03 -42.18
C GLY D 112 96.57 18.80 -41.25
N LEU E 12 80.73 42.77 -38.74
CA LEU E 12 80.45 43.07 -40.13
C LEU E 12 79.15 43.85 -40.20
N THR E 13 79.08 44.80 -41.13
CA THR E 13 77.87 45.54 -41.39
C THR E 13 77.71 45.72 -42.89
N TYR E 14 77.08 44.77 -43.54
CA TYR E 14 76.90 44.85 -44.97
C TYR E 14 75.61 45.59 -45.25
N LEU E 15 75.67 46.58 -46.12
CA LEU E 15 74.48 47.17 -46.71
C LEU E 15 74.32 46.66 -48.13
N GLY E 16 73.07 46.54 -48.55
CA GLY E 16 72.77 45.95 -49.83
C GLY E 16 73.07 46.88 -50.98
N PRO E 17 72.69 46.49 -52.17
CA PRO E 17 72.93 47.34 -53.34
C PRO E 17 72.02 48.56 -53.37
N ASP E 18 70.81 48.40 -52.81
CA ASP E 18 69.82 49.47 -52.77
C ASP E 18 69.30 49.71 -51.35
N THR E 19 70.16 50.31 -50.54
CA THR E 19 69.85 50.54 -49.13
C THR E 19 70.17 52.00 -48.81
N GLU E 20 69.23 52.88 -49.12
CA GLU E 20 69.50 54.30 -49.05
C GLU E 20 69.24 54.79 -47.64
N VAL E 21 70.31 55.03 -46.89
CA VAL E 21 70.18 55.43 -45.50
C VAL E 21 70.36 56.94 -45.38
N LEU E 22 69.27 57.61 -45.09
CA LEU E 22 69.34 59.03 -44.76
C LEU E 22 69.87 59.11 -43.35
N GLY E 23 70.64 60.13 -43.06
CA GLY E 23 71.04 60.42 -41.70
C GLY E 23 72.45 59.94 -41.42
N ASP E 24 72.90 60.23 -40.21
CA ASP E 24 74.29 60.09 -39.84
C ASP E 24 74.57 58.69 -39.33
N MET E 25 75.00 57.81 -40.21
CA MET E 25 75.31 56.44 -39.83
C MET E 25 76.55 56.40 -38.95
N ARG E 26 76.46 55.71 -37.82
CA ARG E 26 77.57 55.56 -36.90
C ARG E 26 77.75 54.06 -36.65
N ALA E 27 78.86 53.51 -37.13
CA ALA E 27 79.04 52.07 -37.13
C ALA E 27 80.34 51.75 -36.40
N LYS E 28 80.56 50.45 -36.16
CA LYS E 28 81.82 49.93 -35.65
C LYS E 28 82.11 48.63 -36.37
N GLY E 29 83.40 48.33 -36.51
CA GLY E 29 83.84 47.11 -37.15
C GLY E 29 83.96 47.26 -38.66
N GLN E 30 84.05 46.12 -39.33
CA GLN E 30 84.14 46.10 -40.79
C GLN E 30 82.80 46.47 -41.39
N VAL E 31 82.83 47.40 -42.33
CA VAL E 31 81.64 47.90 -43.01
C VAL E 31 81.84 47.73 -44.51
N ARG E 32 80.80 47.26 -45.18
CA ARG E 32 80.77 47.34 -46.63
C ARG E 32 79.48 48.02 -47.05
N ILE E 33 79.61 49.20 -47.64
CA ILE E 33 78.47 49.95 -48.15
C ILE E 33 78.40 49.71 -49.65
N ASP E 34 77.26 49.24 -50.13
CA ASP E 34 77.04 49.13 -51.56
C ASP E 34 75.81 49.89 -52.03
N GLY E 35 75.05 50.47 -51.10
CA GLY E 35 73.81 51.14 -51.46
C GLY E 35 73.98 52.62 -51.66
N LEU E 36 73.52 53.39 -50.69
CA LEU E 36 73.70 54.83 -50.70
C LEU E 36 73.72 55.29 -49.26
N VAL E 37 74.41 56.40 -49.00
CA VAL E 37 74.31 57.09 -47.73
C VAL E 37 74.05 58.56 -48.02
N ARG E 38 72.97 59.09 -47.51
CA ARG E 38 72.75 60.52 -47.50
C ARG E 38 73.02 61.00 -46.09
N GLY E 39 74.21 61.54 -45.88
CA GLY E 39 74.62 61.94 -44.56
C GLY E 39 76.07 61.58 -44.32
N SER E 40 76.49 61.61 -43.06
CA SER E 40 77.88 61.43 -42.71
C SER E 40 78.09 60.07 -42.05
N VAL E 41 79.13 59.38 -42.51
CA VAL E 41 79.45 58.03 -42.06
C VAL E 41 80.60 58.13 -41.07
N LEU E 42 80.41 57.56 -39.88
CA LEU E 42 81.44 57.51 -38.85
C LEU E 42 81.67 56.03 -38.52
N VAL E 43 82.76 55.47 -39.05
CA VAL E 43 83.08 54.06 -38.88
C VAL E 43 84.41 53.94 -38.15
N GLU E 44 84.46 53.03 -37.19
CA GLU E 44 85.72 52.56 -36.63
C GLU E 44 85.97 51.18 -37.21
N GLY E 45 86.96 51.05 -38.08
CA GLY E 45 87.30 49.79 -38.67
C GLY E 45 87.44 49.93 -40.17
N GLU E 46 87.57 48.79 -40.84
CA GLU E 46 87.65 48.77 -42.29
C GLU E 46 86.33 49.26 -42.88
N LEU E 47 86.45 50.06 -43.93
CA LEU E 47 85.29 50.55 -44.65
C LEU E 47 85.49 50.17 -46.10
N GLU E 48 84.40 49.82 -46.77
CA GLU E 48 84.40 49.68 -48.21
C GLU E 48 83.16 50.34 -48.77
N VAL E 49 83.35 51.20 -49.76
CA VAL E 49 82.26 51.62 -50.62
C VAL E 49 82.26 50.69 -51.81
N GLY E 50 81.12 50.09 -52.11
CA GLY E 50 81.01 49.15 -53.20
C GLY E 50 81.02 49.85 -54.54
N PRO E 51 80.91 49.07 -55.63
CA PRO E 51 81.01 49.66 -56.96
C PRO E 51 79.86 50.58 -57.32
N THR E 52 78.63 50.24 -56.93
CA THR E 52 77.49 51.11 -57.12
C THR E 52 77.17 51.93 -55.88
N GLY E 53 77.99 51.81 -54.84
CA GLY E 53 77.77 52.57 -53.64
C GLY E 53 78.07 54.05 -53.83
N ARG E 54 77.45 54.86 -52.99
CA ARG E 54 77.65 56.29 -52.99
C ARG E 54 77.52 56.78 -51.56
N VAL E 55 78.51 57.54 -51.10
CA VAL E 55 78.48 58.07 -49.75
C VAL E 55 78.46 59.59 -49.88
N GLU E 56 77.28 60.15 -49.99
CA GLU E 56 77.14 61.58 -50.22
C GLU E 56 76.89 62.25 -48.90
N GLY E 57 77.69 63.24 -48.57
CA GLY E 57 77.52 63.84 -47.28
C GLY E 57 78.68 64.77 -46.97
N GLU E 58 79.08 64.77 -45.70
CA GLU E 58 80.14 65.68 -45.27
C GLU E 58 81.31 64.99 -44.58
N ARG E 59 81.07 63.99 -43.74
CA ARG E 59 82.11 63.40 -42.90
C ARG E 59 82.13 61.90 -43.17
N VAL E 60 83.22 61.41 -43.75
CA VAL E 60 83.45 59.98 -43.86
C VAL E 60 84.78 59.72 -43.15
N GLU E 61 84.70 59.31 -41.89
CA GLU E 61 85.88 59.06 -41.09
C GLU E 61 85.99 57.58 -40.77
N ALA E 62 87.17 57.02 -41.01
CA ALA E 62 87.34 55.57 -40.85
C ALA E 62 88.78 55.25 -40.45
N ARG E 63 89.16 54.00 -40.59
CA ARG E 63 90.52 53.55 -40.33
C ARG E 63 91.19 53.07 -41.61
N SER E 64 90.48 52.32 -42.44
CA SER E 64 90.98 52.00 -43.76
C SER E 64 89.79 52.02 -44.71
N VAL E 65 89.91 52.81 -45.77
CA VAL E 65 88.81 53.02 -46.69
C VAL E 65 89.18 52.39 -48.01
N LEU E 66 88.26 51.60 -48.56
CA LEU E 66 88.41 51.04 -49.89
C LEU E 66 87.29 51.56 -50.76
N ILE E 67 87.59 52.56 -51.57
CA ILE E 67 86.59 53.21 -52.42
C ILE E 67 86.57 52.48 -53.76
N HIS E 68 85.39 52.05 -54.16
CA HIS E 68 85.21 51.45 -55.47
C HIS E 68 84.06 52.06 -56.24
N GLY E 69 83.31 52.97 -55.62
CA GLY E 69 82.21 53.66 -56.27
C GLY E 69 82.39 55.16 -56.25
N GLU E 70 81.48 55.86 -55.59
CA GLU E 70 81.54 57.32 -55.50
C GLU E 70 81.54 57.74 -54.04
N VAL E 71 82.31 58.78 -53.74
CA VAL E 71 82.32 59.42 -52.42
C VAL E 71 82.29 60.92 -52.69
N LYS E 72 81.50 61.66 -51.92
CA LYS E 72 81.60 63.11 -51.96
C LYS E 72 81.51 63.63 -50.53
N ALA E 73 82.64 63.68 -49.84
CA ALA E 73 82.69 64.19 -48.47
C ALA E 73 84.13 64.53 -48.07
N GLU E 74 84.30 65.10 -46.89
CA GLU E 74 85.62 65.43 -46.37
C GLU E 74 86.18 64.19 -45.70
N LEU E 75 86.65 63.27 -46.52
CA LEU E 75 87.07 61.96 -46.03
C LEU E 75 88.34 62.09 -45.21
N THR E 76 88.49 61.21 -44.21
CA THR E 76 89.65 61.22 -43.34
C THR E 76 89.89 59.80 -42.85
N ALA E 77 91.09 59.29 -43.03
CA ALA E 77 91.38 57.92 -42.66
C ALA E 77 92.87 57.79 -42.39
N GLU E 78 93.33 56.55 -42.31
CA GLU E 78 94.76 56.25 -42.29
C GLU E 78 95.22 55.84 -43.68
N LYS E 79 94.60 54.82 -44.24
CA LYS E 79 94.97 54.27 -45.53
C LYS E 79 93.74 54.41 -46.44
N VAL E 80 93.84 55.29 -47.43
CA VAL E 80 92.75 55.50 -48.37
C VAL E 80 93.13 54.82 -49.67
N VAL E 81 92.76 53.58 -49.80
CA VAL E 81 93.11 52.80 -50.98
C VAL E 81 91.91 52.78 -51.91
N LEU E 82 92.15 52.89 -53.20
CA LEU E 82 91.08 53.06 -54.16
C LEU E 82 91.13 51.93 -55.17
N SER E 83 90.30 52.05 -56.20
CA SER E 83 90.25 51.07 -57.27
C SER E 83 90.26 51.77 -58.62
N LYS E 84 90.05 50.96 -59.66
CA LYS E 84 90.12 51.47 -61.03
C LYS E 84 88.90 52.30 -61.41
N THR E 85 87.76 52.06 -60.77
CA THR E 85 86.51 52.71 -61.12
C THR E 85 86.02 53.66 -60.04
N ALA E 86 86.90 54.03 -59.11
CA ALA E 86 86.54 54.90 -58.02
C ALA E 86 86.30 56.31 -58.51
N ARG E 87 85.68 57.13 -57.67
CA ARG E 87 85.41 58.53 -57.99
C ARG E 87 85.31 59.29 -56.69
N PHE E 88 86.36 60.04 -56.36
CA PHE E 88 86.41 60.83 -55.14
C PHE E 88 85.96 62.24 -55.45
N THR E 89 85.51 62.95 -54.43
CA THR E 89 85.25 64.38 -54.51
C THR E 89 85.47 64.91 -53.10
N GLY E 90 85.92 66.15 -52.97
CA GLY E 90 85.98 66.80 -51.68
C GLY E 90 87.35 66.69 -51.07
N GLN E 91 87.46 67.21 -49.84
CA GLN E 91 88.74 67.22 -49.15
C GLN E 91 89.15 65.80 -48.75
N LEU E 92 90.38 65.66 -48.32
CA LEU E 92 90.92 64.36 -47.92
C LEU E 92 92.01 64.61 -46.90
N LYS E 93 92.20 63.67 -45.98
CA LYS E 93 93.25 63.76 -44.99
C LYS E 93 93.63 62.34 -44.58
N ALA E 94 94.70 61.83 -45.19
CA ALA E 94 95.12 60.45 -45.00
C ALA E 94 96.56 60.37 -44.52
N GLN E 95 97.09 59.15 -44.52
CA GLN E 95 98.50 58.93 -44.31
C GLN E 95 99.13 58.11 -45.42
N ALA E 96 98.32 57.43 -46.23
CA ALA E 96 98.83 56.65 -47.37
C ALA E 96 97.78 56.66 -48.46
N LEU E 97 97.85 57.64 -49.34
CA LEU E 97 96.85 57.82 -50.39
C LEU E 97 97.22 56.92 -51.57
N GLU E 98 96.68 55.70 -51.58
CA GLU E 98 97.05 54.71 -52.58
C GLU E 98 95.96 54.62 -53.63
N VAL E 99 96.17 55.33 -54.72
CA VAL E 99 95.27 55.30 -55.87
C VAL E 99 95.88 54.36 -56.90
N GLU E 100 95.04 53.56 -57.56
CA GLU E 100 95.62 52.65 -58.52
C GLU E 100 95.86 53.30 -59.87
N ALA E 101 94.82 53.51 -60.68
CA ALA E 101 94.95 54.36 -61.85
C ALA E 101 93.78 55.32 -61.98
N GLY E 102 92.57 54.80 -62.09
CA GLY E 102 91.46 55.54 -62.66
C GLY E 102 90.50 56.23 -61.71
N ALA E 103 91.01 57.03 -60.79
CA ALA E 103 90.14 57.79 -59.90
C ALA E 103 90.07 59.21 -60.41
N VAL E 104 88.85 59.75 -60.49
CA VAL E 104 88.69 61.17 -60.75
C VAL E 104 88.74 61.82 -59.38
N PHE E 105 89.95 62.01 -58.86
CA PHE E 105 90.17 62.47 -57.49
C PHE E 105 90.19 64.00 -57.53
N VAL E 106 89.08 64.58 -57.14
CA VAL E 106 88.87 66.02 -57.25
C VAL E 106 88.79 66.61 -55.86
N GLY E 107 89.85 67.24 -55.41
CA GLY E 107 89.77 67.94 -54.14
C GLY E 107 91.10 67.97 -53.44
N GLN E 108 91.26 69.00 -52.60
CA GLN E 108 92.50 69.26 -51.89
C GLN E 108 92.74 68.18 -50.84
N SER E 109 93.95 67.62 -50.83
CA SER E 109 94.28 66.55 -49.92
C SER E 109 95.55 66.85 -49.14
N VAL E 110 95.67 66.19 -48.00
CA VAL E 110 96.88 66.17 -47.20
C VAL E 110 97.20 64.70 -46.96
N ALA E 111 98.47 64.34 -47.09
CA ALA E 111 98.87 62.97 -46.83
C ALA E 111 100.29 62.93 -46.26
N GLY E 112 100.90 61.75 -46.27
CA GLY E 112 102.29 61.61 -45.84
C GLY E 112 102.52 61.82 -44.36
N LEU F 12 70.44 41.19 -48.68
CA LEU F 12 70.64 41.16 -47.24
C LEU F 12 71.22 42.48 -46.81
N THR F 13 70.82 42.96 -45.63
CA THR F 13 71.38 44.15 -45.04
C THR F 13 71.55 43.93 -43.55
N TYR F 14 72.68 43.39 -43.15
CA TYR F 14 72.92 43.12 -41.75
C TYR F 14 73.55 44.36 -41.13
N LEU F 15 73.00 44.79 -40.01
CA LEU F 15 73.68 45.77 -39.17
C LEU F 15 74.25 45.05 -37.95
N GLY F 16 75.36 45.57 -37.47
CA GLY F 16 76.08 44.91 -36.39
C GLY F 16 75.40 45.10 -35.05
N PRO F 17 76.06 44.66 -34.00
CA PRO F 17 75.49 44.81 -32.66
C PRO F 17 75.50 46.24 -32.19
N ASP F 18 76.50 47.01 -32.63
CA ASP F 18 76.66 48.41 -32.25
C ASP F 18 76.79 49.33 -33.47
N THR F 19 75.66 49.51 -34.14
CA THR F 19 75.63 50.30 -35.38
C THR F 19 74.48 51.28 -35.25
N GLU F 20 74.75 52.41 -34.61
CA GLU F 20 73.68 53.34 -34.27
C GLU F 20 73.44 54.28 -35.44
N VAL F 21 72.37 54.06 -36.18
CA VAL F 21 72.11 54.85 -37.37
C VAL F 21 71.06 55.91 -37.05
N LEU F 22 71.51 57.15 -37.01
CA LEU F 22 70.58 58.26 -36.89
C LEU F 22 69.97 58.44 -38.26
N GLY F 23 68.71 58.83 -38.30
CA GLY F 23 68.08 59.22 -39.54
C GLY F 23 67.21 58.12 -40.10
N ASP F 24 66.55 58.43 -41.20
CA ASP F 24 65.48 57.62 -41.74
C ASP F 24 66.04 56.56 -42.67
N MET F 25 66.30 55.38 -42.15
CA MET F 25 66.83 54.29 -42.96
C MET F 25 65.76 53.79 -43.92
N ARG F 26 66.13 53.67 -45.20
CA ARG F 26 65.23 53.18 -46.24
C ARG F 26 65.94 52.03 -46.93
N ALA F 27 65.43 50.82 -46.76
CA ALA F 27 66.13 49.63 -47.22
C ALA F 27 65.22 48.84 -48.14
N LYS F 28 65.79 47.82 -48.78
CA LYS F 28 65.04 46.84 -49.55
C LYS F 28 65.64 45.47 -49.30
N GLY F 29 64.81 44.45 -49.37
CA GLY F 29 65.24 43.08 -49.19
C GLY F 29 65.20 42.66 -47.73
N GLN F 30 65.87 41.56 -47.45
CA GLN F 30 65.96 41.05 -46.08
C GLN F 30 66.88 41.94 -45.25
N VAL F 31 66.40 42.32 -44.08
CA VAL F 31 67.13 43.20 -43.18
C VAL F 31 67.22 42.49 -41.83
N ARG F 32 68.40 42.55 -41.22
CA ARG F 32 68.53 42.20 -39.82
C ARG F 32 69.20 43.35 -39.09
N ILE F 33 68.46 43.97 -38.18
CA ILE F 33 68.98 45.04 -37.35
C ILE F 33 69.33 44.47 -36.00
N ASP F 34 70.57 44.64 -35.57
CA ASP F 34 70.96 44.25 -34.23
C ASP F 34 71.54 45.41 -33.44
N GLY F 35 71.71 46.57 -34.06
CA GLY F 35 72.34 47.69 -33.39
C GLY F 35 71.35 48.64 -32.77
N LEU F 36 71.16 49.77 -33.40
CA LEU F 36 70.18 50.75 -32.98
C LEU F 36 69.74 51.52 -34.21
N VAL F 37 68.52 52.02 -34.18
CA VAL F 37 68.06 52.98 -35.18
C VAL F 37 67.42 54.14 -34.43
N ARG F 38 67.92 55.33 -34.64
CA ARG F 38 67.26 56.53 -34.19
C ARG F 38 66.61 57.15 -35.41
N GLY F 39 65.31 56.92 -35.57
CA GLY F 39 64.61 57.38 -36.75
C GLY F 39 63.64 56.33 -37.22
N SER F 40 63.16 56.49 -38.45
CA SER F 40 62.11 55.63 -38.98
C SER F 40 62.67 54.69 -40.04
N VAL F 41 62.31 53.42 -39.92
CA VAL F 41 62.79 52.36 -40.78
C VAL F 41 61.71 52.05 -41.82
N LEU F 42 62.08 52.09 -43.10
CA LEU F 42 61.18 51.76 -44.20
C LEU F 42 61.83 50.61 -44.97
N VAL F 43 61.35 49.40 -44.75
CA VAL F 43 61.91 48.20 -45.37
C VAL F 43 60.85 47.55 -46.23
N GLU F 44 61.24 47.13 -47.43
CA GLU F 44 60.45 46.19 -48.22
C GLU F 44 61.14 44.85 -48.12
N GLY F 45 60.50 43.91 -47.42
CA GLY F 45 61.04 42.58 -47.28
C GLY F 45 61.00 42.15 -45.84
N GLU F 46 61.63 41.02 -45.56
CA GLU F 46 61.73 40.52 -44.20
C GLU F 46 62.55 41.48 -43.36
N LEU F 47 62.09 41.70 -42.14
CA LEU F 47 62.81 42.53 -41.19
C LEU F 47 63.02 41.69 -39.94
N GLU F 48 64.16 41.87 -39.30
CA GLU F 48 64.39 41.32 -37.99
C GLU F 48 65.06 42.38 -37.12
N VAL F 49 64.51 42.61 -35.95
CA VAL F 49 65.21 43.32 -34.89
C VAL F 49 65.88 42.26 -34.04
N GLY F 50 67.19 42.40 -33.84
CA GLY F 50 67.94 41.44 -33.08
C GLY F 50 67.66 41.54 -31.59
N PRO F 51 68.31 40.70 -30.79
CA PRO F 51 68.02 40.68 -29.35
C PRO F 51 68.44 41.94 -28.61
N THR F 52 69.58 42.52 -28.97
CA THR F 52 70.00 43.80 -28.40
C THR F 52 69.64 44.96 -29.30
N GLY F 53 68.94 44.71 -30.40
CA GLY F 53 68.56 45.78 -31.29
C GLY F 53 67.47 46.64 -30.70
N ARG F 54 67.40 47.87 -31.19
CA ARG F 54 66.38 48.82 -30.77
C ARG F 54 66.05 49.69 -31.95
N VAL F 55 64.78 49.81 -32.27
CA VAL F 55 64.34 50.65 -33.39
C VAL F 55 63.47 51.75 -32.81
N GLU F 56 64.09 52.84 -32.40
CA GLU F 56 63.39 53.91 -31.73
C GLU F 56 63.06 54.95 -32.77
N GLY F 57 61.80 55.33 -32.86
CA GLY F 57 61.44 56.28 -33.88
C GLY F 57 59.93 56.37 -34.02
N GLU F 58 59.48 56.51 -35.25
CA GLU F 58 58.05 56.70 -35.51
C GLU F 58 57.45 55.70 -36.49
N ARG F 59 58.15 55.34 -37.56
CA ARG F 59 57.59 54.54 -38.64
C ARG F 59 58.48 53.33 -38.83
N VAL F 60 57.95 52.15 -38.54
CA VAL F 60 58.62 50.90 -38.90
C VAL F 60 57.65 50.14 -39.79
N GLU F 61 57.83 50.26 -41.10
CA GLU F 61 56.93 49.62 -42.06
C GLU F 61 57.70 48.54 -42.80
N ALA F 62 57.12 47.35 -42.87
CA ALA F 62 57.82 46.23 -43.48
C ALA F 62 56.81 45.26 -44.10
N ARG F 63 57.26 44.04 -44.39
CA ARG F 63 56.41 42.98 -44.90
C ARG F 63 56.29 41.84 -43.91
N SER F 64 57.38 41.44 -43.28
CA SER F 64 57.31 40.51 -42.17
C SER F 64 58.33 40.94 -41.15
N VAL F 65 57.89 41.14 -39.92
CA VAL F 65 58.73 41.68 -38.87
C VAL F 65 58.96 40.59 -37.83
N LEU F 66 60.22 40.38 -37.47
CA LEU F 66 60.55 39.47 -36.40
C LEU F 66 61.24 40.26 -35.29
N ILE F 67 60.50 40.58 -34.25
CA ILE F 67 60.99 41.39 -33.15
C ILE F 67 61.58 40.47 -32.10
N HIS F 68 62.82 40.72 -31.73
CA HIS F 68 63.45 39.98 -30.65
C HIS F 68 64.09 40.89 -29.62
N GLY F 69 64.08 42.20 -29.85
CA GLY F 69 64.63 43.16 -28.92
C GLY F 69 63.60 44.18 -28.51
N GLU F 70 63.84 45.45 -28.82
CA GLU F 70 62.92 46.52 -28.48
C GLU F 70 62.53 47.29 -29.73
N VAL F 71 61.27 47.70 -29.79
CA VAL F 71 60.75 48.57 -30.83
C VAL F 71 59.91 49.63 -30.12
N LYS F 72 60.02 50.88 -30.55
CA LYS F 72 59.08 51.90 -30.09
C LYS F 72 58.72 52.78 -31.28
N ALA F 73 57.70 52.35 -32.03
CA ALA F 73 57.22 53.11 -33.17
C ALA F 73 55.83 52.64 -33.60
N GLU F 74 55.23 53.32 -34.56
CA GLU F 74 53.92 52.95 -35.09
C GLU F 74 54.15 51.89 -36.15
N LEU F 75 54.39 50.67 -35.72
CA LEU F 75 54.79 49.59 -36.61
C LEU F 75 53.61 49.19 -37.49
N THR F 76 53.91 48.74 -38.70
CA THR F 76 52.88 48.33 -39.64
C THR F 76 53.48 47.28 -40.56
N ALA F 77 52.84 46.13 -40.67
CA ALA F 77 53.38 45.04 -41.46
C ALA F 77 52.22 44.15 -41.91
N GLU F 78 52.58 42.97 -42.41
CA GLU F 78 51.63 41.92 -42.65
C GLU F 78 51.64 40.91 -41.51
N LYS F 79 52.80 40.35 -41.23
CA LYS F 79 52.96 39.33 -40.21
C LYS F 79 53.94 39.88 -39.19
N VAL F 80 53.46 40.18 -37.99
CA VAL F 80 54.30 40.70 -36.92
C VAL F 80 54.52 39.57 -35.94
N VAL F 81 55.57 38.83 -36.15
CA VAL F 81 55.87 37.69 -35.30
C VAL F 81 56.94 38.09 -34.31
N LEU F 82 56.81 37.65 -33.07
CA LEU F 82 57.67 38.11 -32.01
C LEU F 82 58.40 36.93 -31.39
N SER F 83 59.10 37.20 -30.30
CA SER F 83 59.83 36.17 -29.58
C SER F 83 59.54 36.28 -28.08
N LYS F 84 60.30 35.49 -27.31
CA LYS F 84 60.08 35.42 -25.87
C LYS F 84 60.60 36.64 -25.14
N THR F 85 61.59 37.33 -25.71
CA THR F 85 62.25 38.45 -25.04
C THR F 85 61.97 39.77 -25.75
N ALA F 86 60.95 39.80 -26.60
CA ALA F 86 60.62 41.01 -27.33
C ALA F 86 60.01 42.05 -26.40
N ARG F 87 59.93 43.28 -26.90
CA ARG F 87 59.37 44.39 -26.14
C ARG F 87 58.86 45.41 -27.14
N PHE F 88 57.55 45.45 -27.33
CA PHE F 88 56.93 46.39 -28.25
C PHE F 88 56.48 47.62 -27.49
N THR F 89 56.32 48.73 -28.20
CA THR F 89 55.68 49.92 -27.66
C THR F 89 55.05 50.61 -28.86
N GLY F 90 53.93 51.31 -28.65
CA GLY F 90 53.38 52.15 -29.69
C GLY F 90 52.28 51.45 -30.43
N GLN F 91 51.76 52.14 -31.44
CA GLN F 91 50.66 51.60 -32.23
C GLN F 91 51.13 50.42 -33.07
N LEU F 92 50.18 49.71 -33.66
CA LEU F 92 50.48 48.55 -34.49
C LEU F 92 49.35 48.40 -35.49
N LYS F 93 49.66 47.86 -36.66
CA LYS F 93 48.66 47.60 -37.69
C LYS F 93 49.15 46.43 -38.54
N ALA F 94 48.67 45.24 -38.23
CA ALA F 94 49.13 44.02 -38.86
C ALA F 94 47.97 43.26 -39.48
N GLN F 95 48.27 42.03 -39.91
CA GLN F 95 47.25 41.09 -40.32
C GLN F 95 47.34 39.77 -39.58
N ALA F 96 48.48 39.49 -38.93
CA ALA F 96 48.64 38.27 -38.15
C ALA F 96 49.59 38.57 -37.00
N LEU F 97 49.05 38.99 -35.88
CA LEU F 97 49.85 39.39 -34.73
C LEU F 97 50.21 38.16 -33.91
N GLU F 98 51.36 37.56 -34.22
CA GLU F 98 51.75 36.29 -33.61
C GLU F 98 52.79 36.56 -32.53
N VAL F 99 52.32 36.63 -31.30
CA VAL F 99 53.16 36.79 -30.13
C VAL F 99 53.35 35.42 -29.50
N GLU F 100 54.56 35.12 -29.02
CA GLU F 100 54.72 33.80 -28.45
C GLU F 100 54.28 33.73 -26.99
N ALA F 101 55.09 34.27 -26.08
CA ALA F 101 54.58 34.48 -24.72
C ALA F 101 54.98 35.85 -24.18
N GLY F 102 56.27 36.13 -24.12
CA GLY F 102 56.76 37.18 -23.23
C GLY F 102 57.04 38.53 -23.83
N ALA F 103 56.06 39.12 -24.52
CA ALA F 103 56.21 40.47 -25.03
C ALA F 103 55.49 41.42 -24.12
N VAL F 104 56.14 42.51 -23.76
CA VAL F 104 55.46 43.59 -23.06
C VAL F 104 54.91 44.47 -24.18
N PHE F 105 53.77 44.06 -24.72
CA PHE F 105 53.18 44.68 -25.90
C PHE F 105 52.26 45.80 -25.42
N VAL F 106 52.77 47.02 -25.49
CA VAL F 106 52.10 48.18 -24.93
C VAL F 106 51.67 49.09 -26.07
N GLY F 107 50.41 49.07 -26.41
CA GLY F 107 49.92 50.03 -27.38
C GLY F 107 48.76 49.47 -28.18
N GLN F 108 47.96 50.40 -28.67
CA GLN F 108 46.73 50.07 -29.39
C GLN F 108 47.06 49.44 -30.74
N SER F 109 46.43 48.32 -31.05
CA SER F 109 46.70 47.59 -32.27
C SER F 109 45.43 47.30 -33.04
N VAL F 110 45.61 47.09 -34.34
CA VAL F 110 44.58 46.59 -35.23
C VAL F 110 45.15 45.37 -35.92
N ALA F 111 44.36 44.32 -36.05
CA ALA F 111 44.82 43.13 -36.76
C ALA F 111 43.66 42.44 -37.44
N GLY F 112 43.86 41.18 -37.85
CA GLY F 112 42.80 40.39 -38.44
C GLY F 112 42.34 40.86 -39.81
N LEU G 12 62.78 19.14 -43.57
CA LEU G 12 63.91 19.26 -42.65
C LEU G 12 64.02 17.98 -41.85
N THR G 13 65.24 17.56 -41.56
CA THR G 13 65.49 16.42 -40.70
C THR G 13 66.67 16.73 -39.80
N TYR G 14 66.40 17.33 -38.66
CA TYR G 14 67.46 17.68 -37.73
C TYR G 14 67.69 16.51 -36.81
N LEU G 15 68.95 16.12 -36.67
CA LEU G 15 69.35 15.22 -35.60
C LEU G 15 70.06 16.02 -34.53
N GLY G 16 69.91 15.58 -33.28
CA GLY G 16 70.43 16.31 -32.16
C GLY G 16 71.93 16.18 -32.03
N PRO G 17 72.48 16.70 -30.95
CA PRO G 17 73.92 16.61 -30.73
C PRO G 17 74.36 15.20 -30.39
N ASP G 18 73.48 14.45 -29.72
CA ASP G 18 73.77 13.07 -29.30
C ASP G 18 72.70 12.10 -29.77
N THR G 19 72.70 11.83 -31.08
CA THR G 19 71.70 10.99 -31.70
C THR G 19 72.41 9.96 -32.55
N GLU G 20 72.87 8.89 -31.92
CA GLU G 20 73.73 7.94 -32.59
C GLU G 20 72.89 6.93 -33.34
N VAL G 21 72.81 7.07 -34.65
CA VAL G 21 71.96 6.20 -35.46
C VAL G 21 72.81 5.12 -36.12
N LEU G 22 72.65 3.90 -35.64
CA LEU G 22 73.26 2.77 -36.31
C LEU G 22 72.42 2.49 -37.53
N GLY G 23 73.05 2.05 -38.60
CA GLY G 23 72.33 1.57 -39.76
C GLY G 23 72.29 2.61 -40.85
N ASP G 24 71.69 2.21 -41.97
CA ASP G 24 71.77 2.95 -43.21
C ASP G 24 70.64 3.97 -43.28
N MET G 25 70.93 5.20 -42.86
CA MET G 25 69.93 6.25 -42.89
C MET G 25 69.65 6.66 -44.34
N ARG G 26 68.37 6.72 -44.69
CA ARG G 26 67.93 7.12 -46.02
C ARG G 26 66.93 8.26 -45.85
N ALA G 27 67.31 9.45 -46.27
CA ALA G 27 66.52 10.63 -45.97
C ALA G 27 66.19 11.34 -47.28
N LYS G 28 65.32 12.35 -47.19
CA LYS G 28 65.02 13.26 -48.29
C LYS G 28 64.89 14.67 -47.72
N GLY G 29 65.23 15.65 -48.54
CA GLY G 29 65.13 17.03 -48.16
C GLY G 29 66.38 17.53 -47.46
N GLN G 30 66.24 18.67 -46.80
CA GLN G 30 67.33 19.26 -46.05
C GLN G 30 67.59 18.46 -44.78
N VAL G 31 68.85 18.11 -44.57
CA VAL G 31 69.26 17.32 -43.41
C VAL G 31 70.34 18.10 -42.68
N ARG G 32 70.26 18.12 -41.36
CA ARG G 32 71.38 18.56 -40.54
C ARG G 32 71.68 17.48 -39.53
N ILE G 33 72.85 16.87 -39.64
CA ILE G 33 73.32 15.87 -38.70
C ILE G 33 74.28 16.54 -37.74
N ASP G 34 73.99 16.44 -36.45
CA ASP G 34 74.93 16.92 -35.45
C ASP G 34 75.34 15.82 -34.47
N GLY G 35 74.75 14.63 -34.57
CA GLY G 35 75.03 13.58 -33.62
C GLY G 35 76.10 12.63 -34.08
N LEU G 36 75.69 11.45 -34.50
CA LEU G 36 76.59 10.46 -35.07
C LEU G 36 75.80 9.61 -36.03
N VAL G 37 76.46 9.07 -37.04
CA VAL G 37 75.89 8.04 -37.88
C VAL G 37 76.90 6.91 -37.97
N ARG G 38 76.48 5.72 -37.58
CA ARG G 38 77.24 4.52 -37.84
C ARG G 38 76.56 3.81 -38.99
N GLY G 39 77.10 3.98 -40.19
CA GLY G 39 76.47 3.43 -41.37
C GLY G 39 76.54 4.42 -42.52
N SER G 40 75.75 4.18 -43.55
CA SER G 40 75.82 4.97 -44.76
C SER G 40 74.60 5.86 -44.89
N VAL G 41 74.85 7.13 -45.22
CA VAL G 41 73.82 8.16 -45.31
C VAL G 41 73.50 8.37 -46.80
N LEU G 42 72.22 8.26 -47.14
CA LEU G 42 71.74 8.50 -48.49
C LEU G 42 70.71 9.63 -48.42
N VAL G 43 71.12 10.83 -48.78
CA VAL G 43 70.26 12.01 -48.70
C VAL G 43 70.07 12.58 -50.10
N GLU G 44 68.82 12.94 -50.40
CA GLU G 44 68.53 13.81 -51.55
C GLU G 44 68.22 15.18 -50.99
N GLY G 45 69.11 16.13 -51.23
CA GLY G 45 68.91 17.49 -50.78
C GLY G 45 70.16 18.00 -50.09
N GLU G 46 70.03 19.17 -49.47
CA GLU G 46 71.13 19.73 -48.72
C GLU G 46 71.44 18.86 -47.51
N LEU G 47 72.73 18.69 -47.26
CA LEU G 47 73.18 17.94 -46.10
C LEU G 47 74.12 18.85 -45.33
N GLU G 48 74.07 18.75 -44.02
CA GLU G 48 75.07 19.38 -43.16
C GLU G 48 75.49 18.40 -42.08
N VAL G 49 76.79 18.22 -41.94
CA VAL G 49 77.33 17.60 -40.75
C VAL G 49 77.68 18.73 -39.79
N GLY G 50 77.18 18.64 -38.56
CA GLY G 50 77.41 19.67 -37.58
C GLY G 50 78.82 19.65 -37.06
N PRO G 51 79.14 20.56 -36.13
CA PRO G 51 80.52 20.65 -35.63
C PRO G 51 80.97 19.45 -34.82
N THR G 52 80.08 18.88 -33.99
CA THR G 52 80.39 17.66 -33.27
C THR G 52 79.84 16.43 -33.96
N GLY G 53 79.26 16.60 -35.15
CA GLY G 53 78.73 15.47 -35.87
C GLY G 53 79.84 14.60 -36.44
N ARG G 54 79.49 13.34 -36.68
CA ARG G 54 80.39 12.38 -37.27
C ARG G 54 79.58 11.43 -38.13
N VAL G 55 79.98 11.24 -39.37
CA VAL G 55 79.28 10.33 -40.27
C VAL G 55 80.27 9.24 -40.64
N GLU G 56 80.31 8.20 -39.83
CA GLU G 56 81.28 7.15 -40.02
C GLU G 56 80.61 6.02 -40.78
N GLY G 57 81.19 5.61 -41.87
CA GLY G 57 80.53 4.58 -42.65
C GLY G 57 81.21 4.42 -44.01
N GLU G 58 80.39 4.20 -45.03
CA GLU G 58 80.92 3.95 -46.36
C GLU G 58 80.38 4.87 -47.44
N ARG G 59 79.09 5.19 -47.43
CA ARG G 59 78.43 5.91 -48.51
C ARG G 59 77.77 7.14 -47.93
N VAL G 60 78.25 8.31 -48.29
CA VAL G 60 77.57 9.57 -47.98
C VAL G 60 77.30 10.23 -49.32
N GLU G 61 76.08 10.05 -49.84
CA GLU G 61 75.72 10.60 -51.13
C GLU G 61 74.65 11.67 -50.94
N ALA G 62 74.87 12.83 -51.55
CA ALA G 62 73.94 13.94 -51.34
C ALA G 62 73.92 14.83 -52.57
N ARG G 63 73.39 16.05 -52.42
CA ARG G 63 73.38 17.04 -53.46
C ARG G 63 74.26 18.24 -53.12
N SER G 64 74.22 18.71 -51.88
CA SER G 64 75.17 19.70 -51.43
C SER G 64 75.51 19.37 -50.00
N VAL G 65 76.81 19.21 -49.73
CA VAL G 65 77.27 18.77 -48.42
C VAL G 65 78.00 19.92 -47.76
N LEU G 66 77.66 20.19 -46.53
CA LEU G 66 78.37 21.18 -45.73
C LEU G 66 78.98 20.48 -44.52
N ILE G 67 80.27 20.19 -44.59
CA ILE G 67 80.96 19.46 -43.56
C ILE G 67 81.53 20.46 -42.57
N HIS G 68 81.21 20.28 -41.30
CA HIS G 68 81.77 21.10 -40.24
C HIS G 68 82.35 20.27 -39.11
N GLY G 69 82.19 18.95 -39.15
CA GLY G 69 82.73 18.06 -38.15
C GLY G 69 83.64 17.02 -38.76
N GLU G 70 83.29 15.76 -38.63
CA GLU G 70 84.09 14.68 -39.17
C GLU G 70 83.25 13.83 -40.11
N VAL G 71 83.87 13.36 -41.19
CA VAL G 71 83.28 12.42 -42.12
C VAL G 71 84.34 11.37 -42.41
N LYS G 72 83.96 10.10 -42.46
CA LYS G 72 84.87 9.08 -42.95
C LYS G 72 84.07 8.12 -43.84
N ALA G 73 83.95 8.47 -45.11
CA ALA G 73 83.25 7.62 -46.08
C ALA G 73 83.60 8.02 -47.51
N GLU G 74 83.10 7.27 -48.48
CA GLU G 74 83.33 7.56 -49.89
C GLU G 74 82.26 8.56 -50.32
N LEU G 75 82.48 9.82 -49.95
CA LEU G 75 81.49 10.86 -50.15
C LEU G 75 81.34 11.17 -51.62
N THR G 76 80.13 11.55 -52.03
CA THR G 76 79.86 11.88 -53.42
C THR G 76 78.73 12.90 -53.45
N ALA G 77 78.94 14.01 -54.12
CA ALA G 77 77.95 15.07 -54.14
C ALA G 77 78.13 15.89 -55.41
N GLU G 78 77.49 17.06 -55.43
CA GLU G 78 77.76 18.07 -56.44
C GLU G 78 78.69 19.13 -55.90
N LYS G 79 78.31 19.75 -54.80
CA LYS G 79 79.07 20.83 -54.19
C LYS G 79 79.45 20.37 -52.78
N VAL G 80 80.73 20.12 -52.55
CA VAL G 80 81.22 19.69 -51.26
C VAL G 80 81.90 20.89 -50.63
N VAL G 81 81.15 21.66 -49.89
CA VAL G 81 81.70 22.86 -49.26
C VAL G 81 82.00 22.54 -47.81
N LEU G 82 83.10 23.05 -47.30
CA LEU G 82 83.58 22.67 -45.99
C LEU G 82 83.70 23.91 -45.12
N SER G 83 84.26 23.73 -43.95
CA SER G 83 84.47 24.82 -43.00
C SER G 83 85.89 24.79 -42.47
N LYS G 84 86.13 25.65 -41.47
CA LYS G 84 87.47 25.79 -40.92
C LYS G 84 87.86 24.63 -40.01
N THR G 85 86.88 23.96 -39.43
CA THR G 85 87.14 22.89 -38.46
C THR G 85 86.73 21.53 -38.98
N ALA G 86 86.53 21.41 -40.28
CA ALA G 86 86.12 20.16 -40.88
C ALA G 86 87.25 19.14 -40.85
N ARG G 87 86.90 17.89 -41.09
CA ARG G 87 87.87 16.80 -41.12
C ARG G 87 87.32 15.70 -42.01
N PHE G 88 87.84 15.61 -43.22
CA PHE G 88 87.41 14.60 -44.18
C PHE G 88 88.32 13.40 -44.09
N THR G 89 87.84 12.24 -44.53
CA THR G 89 88.67 11.06 -44.71
C THR G 89 88.00 10.29 -45.84
N GLY G 90 88.76 9.56 -46.63
CA GLY G 90 88.19 8.63 -47.59
C GLY G 90 88.12 9.26 -48.96
N GLN G 91 87.54 8.49 -49.89
CA GLN G 91 87.42 8.96 -51.27
C GLN G 91 86.43 10.09 -51.37
N LEU G 92 86.40 10.74 -52.53
CA LEU G 92 85.51 11.86 -52.77
C LEU G 92 85.24 11.91 -54.27
N LYS G 93 84.06 12.39 -54.64
CA LYS G 93 83.70 12.56 -56.05
C LYS G 93 82.69 13.70 -56.13
N ALA G 94 83.16 14.89 -56.46
CA ALA G 94 82.34 16.09 -56.47
C ALA G 94 82.40 16.77 -57.84
N GLN G 95 81.85 17.98 -57.87
CA GLN G 95 82.00 18.86 -59.01
C GLN G 95 82.54 20.22 -58.63
N ALA G 96 82.50 20.58 -57.34
CA ALA G 96 83.05 21.85 -56.86
C ALA G 96 83.53 21.64 -55.44
N LEU G 97 84.80 21.27 -55.30
CA LEU G 97 85.37 20.96 -53.99
C LEU G 97 85.84 22.25 -53.34
N GLU G 98 84.96 22.87 -52.55
CA GLU G 98 85.24 24.18 -51.98
C GLU G 98 85.63 24.01 -50.51
N VAL G 99 86.93 24.00 -50.28
CA VAL G 99 87.49 23.93 -48.93
C VAL G 99 87.89 25.34 -48.54
N GLU G 100 87.66 25.71 -47.28
CA GLU G 100 88.02 27.07 -46.92
C GLU G 100 89.49 27.19 -46.54
N ALA G 101 89.88 26.75 -45.35
CA ALA G 101 91.30 26.60 -45.05
C ALA G 101 91.58 25.27 -44.36
N GLY G 102 90.98 25.04 -43.20
CA GLY G 102 91.50 24.07 -42.26
C GLY G 102 90.89 22.68 -42.26
N ALA G 103 90.83 22.03 -43.41
CA ALA G 103 90.35 20.67 -43.47
C ALA G 103 91.55 19.73 -43.56
N VAL G 104 91.53 18.68 -42.75
CA VAL G 104 92.51 17.62 -42.90
C VAL G 104 91.88 16.67 -43.90
N PHE G 105 91.99 17.01 -45.18
CA PHE G 105 91.31 16.29 -46.25
C PHE G 105 92.24 15.18 -46.72
N VAL G 106 91.95 13.98 -46.25
CA VAL G 106 92.81 12.82 -46.45
C VAL G 106 92.08 11.84 -47.36
N GLY G 107 92.46 11.79 -48.62
CA GLY G 107 91.90 10.77 -49.47
C GLY G 107 91.80 11.23 -50.91
N GLN G 108 91.84 10.25 -51.81
CA GLN G 108 91.85 10.49 -53.24
C GLN G 108 90.52 11.06 -53.69
N SER G 109 90.55 12.14 -54.46
CA SER G 109 89.33 12.80 -54.90
C SER G 109 89.33 13.00 -56.41
N VAL G 110 88.13 13.14 -56.95
CA VAL G 110 87.90 13.55 -58.32
C VAL G 110 86.97 14.76 -58.26
N ALA G 111 87.25 15.77 -59.06
CA ALA G 111 86.37 16.93 -59.10
C ALA G 111 86.37 17.55 -60.50
N GLY G 112 85.88 18.78 -60.61
CA GLY G 112 85.91 19.49 -61.87
C GLY G 112 85.01 18.93 -62.95
N LEU H 12 66.05 18.18 -29.58
CA LEU H 12 65.01 17.80 -30.53
C LEU H 12 65.66 16.97 -31.62
N THR H 13 64.93 15.97 -32.11
CA THR H 13 65.37 15.17 -33.24
C THR H 13 64.17 14.89 -34.13
N TYR H 14 63.92 15.79 -35.07
CA TYR H 14 62.79 15.62 -35.97
C TYR H 14 63.25 14.82 -37.17
N LEU H 15 62.50 13.79 -37.51
CA LEU H 15 62.65 13.13 -38.79
C LEU H 15 61.51 13.55 -39.69
N GLY H 16 61.80 13.60 -40.99
CA GLY H 16 60.84 14.11 -41.95
C GLY H 16 59.74 13.12 -42.23
N PRO H 17 58.89 13.44 -43.20
CA PRO H 17 57.80 12.52 -43.55
C PRO H 17 58.30 11.27 -44.26
N ASP H 18 59.39 11.42 -45.01
CA ASP H 18 59.98 10.32 -45.78
C ASP H 18 61.47 10.13 -45.46
N THR H 19 61.73 9.62 -44.27
CA THR H 19 63.09 9.45 -43.79
C THR H 19 63.23 8.03 -43.27
N GLU H 20 63.49 7.10 -44.17
CA GLU H 20 63.46 5.69 -43.82
C GLU H 20 64.80 5.27 -43.27
N VAL H 21 64.89 5.11 -41.96
CA VAL H 21 66.15 4.80 -41.33
C VAL H 21 66.21 3.30 -41.03
N LEU H 22 67.04 2.60 -41.77
CA LEU H 22 67.32 1.21 -41.44
C LEU H 22 68.26 1.23 -40.25
N GLY H 23 68.12 0.26 -39.38
CA GLY H 23 69.08 0.06 -38.32
C GLY H 23 68.57 0.59 -37.01
N ASP H 24 69.38 0.39 -35.98
CA ASP H 24 68.97 0.60 -34.60
C ASP H 24 69.22 2.04 -34.20
N MET H 25 68.21 2.88 -34.33
CA MET H 25 68.34 4.28 -33.95
C MET H 25 68.43 4.42 -32.44
N ARG H 26 69.43 5.17 -31.97
CA ARG H 26 69.64 5.41 -30.54
C ARG H 26 69.71 6.91 -30.36
N ALA H 27 68.71 7.49 -29.69
CA ALA H 27 68.57 8.93 -29.62
C ALA H 27 68.50 9.35 -28.17
N LYS H 28 68.55 10.65 -27.94
CA LYS H 28 68.32 11.25 -26.62
C LYS H 28 67.51 12.53 -26.82
N GLY H 29 66.71 12.85 -25.82
CA GLY H 29 65.90 14.06 -25.85
C GLY H 29 64.56 13.82 -26.51
N GLN H 30 63.91 14.93 -26.87
CA GLN H 30 62.62 14.87 -27.54
C GLN H 30 62.81 14.41 -28.98
N VAL H 31 62.02 13.44 -29.39
CA VAL H 31 62.08 12.86 -30.73
C VAL H 31 60.70 12.95 -31.34
N ARG H 32 60.63 13.35 -32.60
CA ARG H 32 59.43 13.19 -33.38
C ARG H 32 59.77 12.43 -34.65
N ILE H 33 59.23 11.23 -34.79
CA ILE H 33 59.41 10.42 -35.97
C ILE H 33 58.17 10.57 -36.82
N ASP H 34 58.33 10.97 -38.07
CA ASP H 34 57.23 10.99 -39.01
C ASP H 34 57.49 10.16 -40.25
N GLY H 35 58.70 9.61 -40.39
CA GLY H 35 59.05 8.88 -41.58
C GLY H 35 58.84 7.39 -41.46
N LEU H 36 59.92 6.66 -41.29
CA LEU H 36 59.87 5.23 -41.07
C LEU H 36 61.11 4.85 -40.28
N VAL H 37 61.00 3.78 -39.49
CA VAL H 37 62.15 3.16 -38.87
C VAL H 37 62.07 1.68 -39.15
N ARG H 38 63.10 1.14 -39.78
CA ARG H 38 63.26 -0.31 -39.89
C ARG H 38 64.33 -0.69 -38.87
N GLY H 39 63.90 -1.19 -37.73
CA GLY H 39 64.83 -1.49 -36.66
C GLY H 39 64.27 -1.07 -35.33
N SER H 40 65.12 -1.01 -34.32
CA SER H 40 64.68 -0.76 -32.96
C SER H 40 65.09 0.63 -32.51
N VAL H 41 64.15 1.34 -31.91
CA VAL H 41 64.32 2.72 -31.49
C VAL H 41 64.57 2.73 -29.98
N LEU H 42 65.67 3.35 -29.56
CA LEU H 42 66.01 3.50 -28.15
C LEU H 42 66.12 5.00 -27.86
N VAL H 43 65.09 5.57 -27.25
CA VAL H 43 65.03 6.99 -26.98
C VAL H 43 64.95 7.20 -25.48
N GLU H 44 65.72 8.16 -24.98
CA GLU H 44 65.52 8.71 -23.65
C GLU H 44 64.86 10.08 -23.82
N GLY H 45 63.60 10.18 -23.44
CA GLY H 45 62.88 11.43 -23.53
C GLY H 45 61.54 11.20 -24.18
N GLU H 46 60.86 12.31 -24.49
CA GLU H 46 59.59 12.24 -25.18
C GLU H 46 59.78 11.68 -26.57
N LEU H 47 58.85 10.82 -26.97
CA LEU H 47 58.86 10.27 -28.31
C LEU H 47 57.50 10.56 -28.91
N GLU H 48 57.48 10.83 -30.21
CA GLU H 48 56.26 10.89 -30.96
C GLU H 48 56.44 10.16 -32.27
N VAL H 49 55.52 9.26 -32.58
CA VAL H 49 55.38 8.74 -33.93
C VAL H 49 54.33 9.60 -34.60
N GLY H 50 54.66 10.15 -35.77
CA GLY H 50 53.76 11.02 -36.49
C GLY H 50 52.63 10.26 -37.12
N PRO H 51 51.74 10.97 -37.83
CA PRO H 51 50.56 10.31 -38.40
C PRO H 51 50.89 9.32 -39.52
N THR H 52 51.85 9.64 -40.38
CA THR H 52 52.31 8.71 -41.41
C THR H 52 53.56 7.96 -40.98
N GLY H 53 54.01 8.16 -39.74
CA GLY H 53 55.18 7.47 -39.27
C GLY H 53 54.90 5.99 -39.02
N ARG H 54 55.97 5.21 -39.06
CA ARG H 54 55.90 3.79 -38.80
C ARG H 54 57.19 3.38 -38.15
N VAL H 55 57.10 2.68 -37.02
CA VAL H 55 58.28 2.21 -36.31
C VAL H 55 58.22 0.69 -36.29
N GLU H 56 58.76 0.08 -37.33
CA GLU H 56 58.67 -1.35 -37.49
C GLU H 56 59.95 -1.96 -36.97
N GLY H 57 59.84 -2.90 -36.06
CA GLY H 57 61.04 -3.44 -35.50
C GLY H 57 60.74 -4.31 -34.29
N GLU H 58 61.59 -4.22 -33.28
CA GLU H 58 61.44 -5.06 -32.10
C GLU H 58 61.40 -4.29 -30.80
N ARG H 59 62.21 -3.26 -30.61
CA ARG H 59 62.37 -2.58 -29.34
C ARG H 59 62.08 -1.10 -29.55
N VAL H 60 61.02 -0.61 -28.95
CA VAL H 60 60.75 0.83 -28.89
C VAL H 60 60.66 1.17 -27.41
N GLU H 61 61.77 1.65 -26.85
CA GLU H 61 61.83 1.98 -25.43
C GLU H 61 61.99 3.49 -25.27
N ALA H 62 61.15 4.08 -24.42
CA ALA H 62 61.17 5.54 -24.28
C ALA H 62 60.75 5.92 -22.87
N ARG H 63 60.40 7.18 -22.68
CA ARG H 63 59.89 7.69 -21.42
C ARG H 63 58.44 8.13 -21.54
N SER H 64 58.08 8.81 -22.62
CA SER H 64 56.68 9.08 -22.91
C SER H 64 56.49 8.95 -24.40
N VAL H 65 55.55 8.12 -24.80
CA VAL H 65 55.35 7.80 -26.21
C VAL H 65 54.01 8.38 -26.63
N LEU H 66 54.01 9.10 -27.74
CA LEU H 66 52.78 9.59 -28.33
C LEU H 66 52.63 8.98 -29.72
N ILE H 67 51.81 7.95 -29.83
CA ILE H 67 51.61 7.22 -31.08
C ILE H 67 50.47 7.87 -31.84
N HIS H 68 50.73 8.23 -33.08
CA HIS H 68 49.70 8.76 -33.94
C HIS H 68 49.66 8.06 -35.29
N GLY H 69 50.60 7.16 -35.55
CA GLY H 69 50.64 6.39 -36.78
C GLY H 69 50.62 4.91 -36.52
N GLU H 70 51.67 4.20 -36.92
CA GLU H 70 51.75 2.77 -36.72
C GLU H 70 53.01 2.43 -35.95
N VAL H 71 52.90 1.43 -35.08
CA VAL H 71 54.03 0.86 -34.35
C VAL H 71 53.86 -0.64 -34.41
N LYS H 72 54.95 -1.37 -34.65
CA LYS H 72 54.91 -2.82 -34.49
C LYS H 72 56.19 -3.25 -33.80
N ALA H 73 56.19 -3.23 -32.47
CA ALA H 73 57.33 -3.66 -31.68
C ALA H 73 56.94 -3.93 -30.24
N GLU H 74 57.87 -4.42 -29.43
CA GLU H 74 57.63 -4.69 -28.02
C GLU H 74 57.89 -3.39 -27.27
N LEU H 75 56.91 -2.49 -27.34
CA LEU H 75 57.08 -1.14 -26.82
C LEU H 75 57.13 -1.17 -25.30
N THR H 76 57.86 -0.24 -24.72
CA THR H 76 58.00 -0.16 -23.27
C THR H 76 58.26 1.29 -22.90
N ALA H 77 57.45 1.84 -21.99
CA ALA H 77 57.58 3.23 -21.63
C ALA H 77 57.03 3.43 -20.23
N GLU H 78 56.82 4.69 -19.87
CA GLU H 78 56.08 5.04 -18.67
C GLU H 78 54.65 5.39 -19.03
N LYS H 79 54.47 6.37 -19.91
CA LYS H 79 53.16 6.85 -20.30
C LYS H 79 53.03 6.61 -21.80
N VAL H 80 52.16 5.68 -22.18
CA VAL H 80 51.93 5.38 -23.59
C VAL H 80 50.60 6.00 -23.97
N VAL H 81 50.65 7.22 -24.43
CA VAL H 81 49.44 7.93 -24.79
C VAL H 81 49.28 7.87 -26.31
N LEU H 82 48.05 7.69 -26.76
CA LEU H 82 47.80 7.43 -28.16
C LEU H 82 46.87 8.50 -28.72
N SER H 83 46.43 8.30 -29.95
CA SER H 83 45.52 9.21 -30.61
C SER H 83 44.38 8.44 -31.26
N LYS H 84 43.58 9.18 -32.03
CA LYS H 84 42.40 8.60 -32.66
C LYS H 84 42.73 7.71 -33.84
N THR H 85 43.87 7.94 -34.49
CA THR H 85 44.24 7.22 -35.70
C THR H 85 45.44 6.32 -35.50
N ALA H 86 45.78 6.04 -34.23
CA ALA H 86 46.93 5.22 -33.94
C ALA H 86 46.66 3.76 -34.30
N ARG H 87 47.73 2.97 -34.34
CA ARG H 87 47.65 1.56 -34.66
C ARG H 87 48.82 0.87 -34.02
N PHE H 88 48.59 0.18 -32.91
CA PHE H 88 49.62 -0.54 -32.20
C PHE H 88 49.64 -1.98 -32.65
N THR H 89 50.77 -2.65 -32.46
CA THR H 89 50.86 -4.10 -32.63
C THR H 89 51.97 -4.54 -31.68
N GLY H 90 51.88 -5.75 -31.15
CA GLY H 90 52.97 -6.32 -30.40
C GLY H 90 52.76 -6.14 -28.92
N GLN H 91 53.76 -6.58 -28.16
CA GLN H 91 53.69 -6.50 -26.70
C GLN H 91 53.78 -5.05 -26.24
N LEU H 92 53.50 -4.84 -24.96
CA LEU H 92 53.52 -3.50 -24.39
C LEU H 92 53.83 -3.66 -22.91
N LYS H 93 54.48 -2.66 -22.32
CA LYS H 93 54.78 -2.65 -20.90
C LYS H 93 54.89 -1.20 -20.44
N ALA H 94 53.81 -0.68 -19.89
CA ALA H 94 53.71 0.71 -19.51
C ALA H 94 53.37 0.87 -18.04
N GLN H 95 53.04 2.11 -17.67
CA GLN H 95 52.49 2.40 -16.36
C GLN H 95 51.19 3.17 -16.45
N ALA H 96 50.89 3.78 -17.60
CA ALA H 96 49.64 4.51 -17.81
C ALA H 96 49.27 4.41 -19.28
N LEU H 97 48.50 3.37 -19.62
CA LEU H 97 48.12 3.11 -21.00
C LEU H 97 46.91 3.94 -21.37
N GLU H 98 47.15 5.14 -21.89
CA GLU H 98 46.08 6.09 -22.15
C GLU H 98 45.74 6.09 -23.64
N VAL H 99 44.72 5.32 -23.99
CA VAL H 99 44.20 5.25 -25.35
C VAL H 99 42.99 6.15 -25.42
N GLU H 100 42.84 6.89 -26.54
CA GLU H 100 41.69 7.77 -26.58
C GLU H 100 40.42 7.05 -27.05
N ALA H 101 40.30 6.76 -28.34
CA ALA H 101 39.27 5.84 -28.79
C ALA H 101 39.79 4.84 -29.80
N GLY H 102 40.31 5.32 -30.92
CA GLY H 102 40.42 4.50 -32.11
C GLY H 102 41.75 3.84 -32.39
N ALA H 103 42.30 3.11 -31.43
CA ALA H 103 43.51 2.36 -31.66
C ALA H 103 43.17 0.91 -31.91
N VAL H 104 43.76 0.32 -32.94
CA VAL H 104 43.65 -1.11 -33.13
C VAL H 104 44.83 -1.68 -32.34
N PHE H 105 44.63 -1.80 -31.03
CA PHE H 105 45.70 -2.18 -30.11
C PHE H 105 45.70 -3.70 -30.01
N VAL H 106 46.63 -4.31 -30.73
CA VAL H 106 46.68 -5.76 -30.88
C VAL H 106 47.93 -6.26 -30.19
N GLY H 107 47.77 -6.84 -29.01
CA GLY H 107 48.92 -7.47 -28.38
C GLY H 107 48.83 -7.41 -26.88
N GLN H 108 49.48 -8.37 -26.25
CA GLN H 108 49.45 -8.55 -24.80
C GLN H 108 50.18 -7.41 -24.11
N SER H 109 49.55 -6.81 -23.11
CA SER H 109 50.13 -5.67 -22.42
C SER H 109 50.14 -5.88 -20.92
N VAL H 110 51.04 -5.17 -20.26
CA VAL H 110 51.08 -5.05 -18.82
C VAL H 110 51.07 -3.56 -18.51
N ALA H 111 50.29 -3.16 -17.51
CA ALA H 111 50.26 -1.76 -17.11
C ALA H 111 49.99 -1.64 -15.62
N GLY H 112 49.63 -0.44 -15.17
CA GLY H 112 49.28 -0.22 -13.78
C GLY H 112 50.42 -0.35 -12.79
N LEU I 12 33.60 23.08 -12.41
CA LEU I 12 33.35 23.26 -13.84
C LEU I 12 32.03 23.99 -14.00
N THR I 13 31.95 24.86 -14.99
CA THR I 13 30.71 25.54 -15.34
C THR I 13 30.60 25.61 -16.84
N TYR I 14 30.02 24.59 -17.45
CA TYR I 14 29.88 24.57 -18.89
C TYR I 14 28.57 25.23 -19.26
N LEU I 15 28.63 26.16 -20.19
CA LEU I 15 27.43 26.66 -20.84
C LEU I 15 27.34 26.04 -22.23
N GLY I 16 26.11 25.83 -22.68
CA GLY I 16 25.87 25.15 -23.92
C GLY I 16 26.17 26.02 -25.13
N PRO I 17 25.85 25.53 -26.31
CA PRO I 17 26.09 26.31 -27.53
C PRO I 17 25.13 27.49 -27.65
N ASP I 18 23.91 27.32 -27.12
CA ASP I 18 22.88 28.34 -27.19
C ASP I 18 22.30 28.67 -25.80
N THR I 19 23.12 29.35 -25.00
CA THR I 19 22.76 29.67 -23.63
C THR I 19 23.01 31.15 -23.42
N GLU I 20 22.05 31.97 -23.81
CA GLU I 20 22.25 33.41 -23.82
C GLU I 20 21.94 33.99 -22.46
N VAL I 21 22.96 34.32 -21.70
CA VAL I 21 22.77 34.80 -20.35
C VAL I 21 22.89 36.32 -20.33
N LEU I 22 21.77 36.97 -20.11
CA LEU I 22 21.78 38.40 -19.89
C LEU I 22 22.26 38.60 -18.46
N GLY I 23 22.99 39.68 -18.23
CA GLY I 23 23.33 40.07 -16.89
C GLY I 23 24.75 39.67 -16.54
N ASP I 24 25.14 40.06 -15.34
CA ASP I 24 26.53 40.01 -14.91
C ASP I 24 26.83 38.66 -14.30
N MET I 25 27.34 37.73 -15.10
CA MET I 25 27.68 36.41 -14.61
C MET I 25 28.90 36.48 -13.70
N ARG I 26 28.80 35.86 -12.53
CA ARG I 26 29.89 35.82 -11.56
C ARG I 26 30.12 34.36 -11.21
N ALA I 27 31.27 33.82 -11.62
CA ALA I 27 31.50 32.40 -11.51
C ALA I 27 32.78 32.17 -10.72
N LYS I 28 33.04 30.90 -10.39
CA LYS I 28 34.30 30.47 -9.81
C LYS I 28 34.68 29.13 -10.43
N GLY I 29 35.98 28.88 -10.52
CA GLY I 29 36.48 27.64 -11.05
C GLY I 29 36.65 27.69 -12.55
N GLN I 30 36.79 26.51 -13.15
CA GLN I 30 36.94 26.39 -14.59
C GLN I 30 35.60 26.67 -15.26
N VAL I 31 35.63 27.54 -16.27
CA VAL I 31 34.43 27.93 -17.01
C VAL I 31 34.69 27.66 -18.48
N ARG I 32 33.71 27.11 -19.16
CA ARG I 32 33.70 27.09 -20.61
C ARG I 32 32.40 27.69 -21.11
N ILE I 33 32.51 28.83 -21.78
CA ILE I 33 31.36 29.49 -22.37
C ILE I 33 31.35 29.15 -23.85
N ASP I 34 30.24 28.60 -24.33
CA ASP I 34 30.07 28.39 -25.75
C ASP I 34 28.82 29.06 -26.30
N GLY I 35 28.01 29.67 -25.44
CA GLY I 35 26.77 30.26 -25.88
C GLY I 35 26.88 31.73 -26.19
N LEU I 36 26.37 32.55 -25.28
CA LEU I 36 26.48 33.98 -25.39
C LEU I 36 26.44 34.55 -23.98
N VAL I 37 27.07 35.70 -23.78
CA VAL I 37 26.91 36.47 -22.57
C VAL I 37 26.61 37.90 -22.97
N ARG I 38 25.48 38.42 -22.52
CA ARG I 38 25.21 39.83 -22.63
C ARG I 38 25.43 40.43 -21.24
N GLY I 39 26.58 41.03 -21.04
CA GLY I 39 26.93 41.53 -19.73
C GLY I 39 28.38 41.26 -19.43
N SER I 40 28.76 41.39 -18.16
CA SER I 40 30.16 41.29 -17.77
C SER I 40 30.40 40.00 -17.01
N VAL I 41 31.47 39.31 -17.38
CA VAL I 41 31.83 38.01 -16.83
C VAL I 41 32.94 38.22 -15.81
N LEU I 42 32.74 37.73 -14.59
CA LEU I 42 33.74 37.78 -13.53
C LEU I 42 34.02 36.35 -13.10
N VAL I 43 35.14 35.80 -13.56
CA VAL I 43 35.51 34.42 -13.28
C VAL I 43 36.81 34.41 -12.51
N GLU I 44 36.88 33.56 -11.48
CA GLU I 44 38.13 33.18 -10.86
C GLU I 44 38.45 31.77 -11.33
N GLY I 45 39.47 31.64 -12.16
CA GLY I 45 39.89 30.35 -12.66
C GLY I 45 40.06 30.39 -14.15
N GLU I 46 40.25 29.22 -14.74
CA GLU I 46 40.38 29.11 -16.18
C GLU I 46 39.08 29.49 -16.84
N LEU I 47 39.19 30.22 -17.94
CA LEU I 47 38.03 30.61 -18.73
C LEU I 47 38.29 30.15 -20.14
N GLU I 48 37.24 29.71 -20.82
CA GLU I 48 37.29 29.47 -22.24
C GLU I 48 36.05 30.03 -22.89
N VAL I 49 36.24 30.82 -23.93
CA VAL I 49 35.16 31.15 -24.84
C VAL I 49 35.23 30.15 -25.97
N GLY I 50 34.11 29.48 -26.25
CA GLY I 50 34.07 28.46 -27.28
C GLY I 50 34.10 29.05 -28.66
N PRO I 51 34.06 28.21 -29.68
CA PRO I 51 34.18 28.71 -31.06
C PRO I 51 33.00 29.55 -31.52
N THR I 52 31.78 29.19 -31.14
CA THR I 52 30.62 30.00 -31.43
C THR I 52 30.22 30.89 -30.25
N GLY I 53 31.02 30.88 -29.19
CA GLY I 53 30.72 31.71 -28.05
C GLY I 53 30.97 33.17 -28.32
N ARG I 54 30.30 34.02 -27.57
CA ARG I 54 30.44 35.45 -27.66
C ARG I 54 30.26 36.03 -26.28
N VAL I 55 31.19 36.86 -25.84
CA VAL I 55 31.09 37.49 -24.53
C VAL I 55 31.02 38.99 -24.76
N GLU I 56 29.83 39.50 -24.95
CA GLU I 56 29.65 40.89 -25.29
C GLU I 56 29.33 41.64 -24.01
N GLY I 57 30.07 42.68 -23.75
CA GLY I 57 29.84 43.37 -22.49
C GLY I 57 30.95 44.36 -22.22
N GLU I 58 31.32 44.46 -20.95
CA GLU I 58 32.32 45.44 -20.54
C GLU I 58 33.51 44.85 -19.78
N ARG I 59 33.28 43.90 -18.88
CA ARG I 59 34.31 43.41 -17.97
C ARG I 59 34.40 41.90 -18.14
N VAL I 60 35.51 41.42 -18.65
CA VAL I 60 35.82 40.00 -18.65
C VAL I 60 37.12 39.83 -17.88
N GLU I 61 37.02 39.50 -16.60
CA GLU I 61 38.19 39.36 -15.74
C GLU I 61 38.33 37.92 -15.33
N ALA I 62 39.55 37.38 -15.49
CA ALA I 62 39.76 35.97 -15.22
C ALA I 62 41.20 35.73 -14.76
N ARG I 63 41.63 34.49 -14.80
CA ARG I 63 43.01 34.11 -14.49
C ARG I 63 43.74 33.57 -15.70
N SER I 64 43.09 32.74 -16.50
CA SER I 64 43.64 32.35 -17.78
C SER I 64 42.49 32.25 -18.76
N VAL I 65 42.61 32.98 -19.86
CA VAL I 65 41.53 33.08 -20.83
C VAL I 65 41.95 32.38 -22.10
N LEU I 66 41.08 31.52 -22.60
CA LEU I 66 41.30 30.88 -23.88
C LEU I 66 40.18 31.28 -24.83
N ILE I 67 40.47 32.23 -25.71
CA ILE I 67 39.48 32.78 -26.63
C ILE I 67 39.52 31.97 -27.91
N HIS I 68 38.37 31.46 -28.32
CA HIS I 68 38.26 30.76 -29.58
C HIS I 68 37.12 31.28 -30.42
N GLY I 69 36.31 32.20 -29.89
CA GLY I 69 35.20 32.79 -30.62
C GLY I 69 35.32 34.29 -30.69
N GLU I 70 34.37 35.01 -30.12
CA GLU I 70 34.38 36.46 -30.12
C GLU I 70 34.30 36.98 -28.70
N VAL I 71 35.02 38.07 -28.45
CA VAL I 71 34.96 38.80 -27.18
C VAL I 71 34.89 40.28 -27.55
N LYS I 72 34.05 41.03 -26.86
CA LYS I 72 34.10 42.49 -27.00
C LYS I 72 33.92 43.09 -25.61
N ALA I 73 35.04 43.23 -24.89
CA ALA I 73 35.03 43.84 -23.57
C ALA I 73 36.44 44.27 -23.15
N GLU I 74 36.56 44.92 -22.00
CA GLU I 74 37.84 45.35 -21.46
C GLU I 74 38.42 44.18 -20.70
N LEU I 75 38.97 43.21 -21.44
CA LEU I 75 39.42 41.96 -20.85
C LEU I 75 40.65 42.20 -19.99
N THR I 76 40.80 41.40 -18.95
CA THR I 76 41.94 41.52 -18.05
C THR I 76 42.21 40.15 -17.44
N ALA I 77 43.44 39.67 -17.56
CA ALA I 77 43.77 38.35 -17.08
C ALA I 77 45.26 38.30 -16.75
N GLU I 78 45.77 37.09 -16.58
CA GLU I 78 47.20 36.85 -16.50
C GLU I 78 47.72 36.36 -17.85
N LYS I 79 47.15 35.27 -18.35
CA LYS I 79 47.58 34.65 -19.59
C LYS I 79 46.38 34.69 -20.54
N VAL I 80 46.47 35.49 -21.58
CA VAL I 80 45.40 35.59 -22.57
C VAL I 80 45.86 34.84 -23.80
N VAL I 81 45.54 33.59 -23.86
CA VAL I 81 45.96 32.75 -24.97
C VAL I 81 44.78 32.61 -25.92
N LEU I 82 45.06 32.65 -27.22
CA LEU I 82 44.01 32.70 -28.21
C LEU I 82 44.15 31.52 -29.15
N SER I 83 43.35 31.53 -30.21
CA SER I 83 43.37 30.47 -31.21
C SER I 83 43.39 31.07 -32.60
N LYS I 84 43.24 30.20 -33.60
CA LYS I 84 43.34 30.60 -34.98
C LYS I 84 42.11 31.36 -35.46
N THR I 85 40.95 31.12 -34.84
CA THR I 85 39.69 31.69 -35.27
C THR I 85 39.12 32.68 -34.26
N ALA I 86 39.97 33.16 -33.34
CA ALA I 86 39.53 34.09 -32.32
C ALA I 86 39.26 35.46 -32.93
N ARG I 87 38.59 36.30 -32.16
CA ARG I 87 38.27 37.66 -32.58
C ARG I 87 38.09 38.50 -31.34
N PHE I 88 39.11 39.31 -31.03
CA PHE I 88 39.08 40.18 -29.87
C PHE I 88 38.59 41.56 -30.28
N THR I 89 38.07 42.32 -29.33
CA THR I 89 37.77 43.73 -29.52
C THR I 89 37.92 44.36 -28.15
N GLY I 90 38.33 45.63 -28.09
CA GLY I 90 38.31 46.35 -26.84
C GLY I 90 39.67 46.36 -26.19
N GLN I 91 39.72 46.96 -25.01
CA GLN I 91 40.98 47.06 -24.28
C GLN I 91 41.42 45.70 -23.78
N LEU I 92 42.65 45.63 -23.30
CA LEU I 92 43.21 44.39 -22.79
C LEU I 92 44.27 44.75 -21.75
N LYS I 93 44.47 43.89 -20.78
CA LYS I 93 45.49 44.08 -19.75
C LYS I 93 45.91 42.71 -19.24
N ALA I 94 47.01 42.20 -19.77
CA ALA I 94 47.48 40.85 -19.48
C ALA I 94 48.90 40.88 -18.96
N GLN I 95 49.48 39.69 -18.86
CA GLN I 95 50.89 39.52 -18.58
C GLN I 95 51.59 38.67 -19.62
N ALA I 96 50.84 37.90 -20.41
CA ALA I 96 51.41 37.07 -21.47
C ALA I 96 50.39 36.96 -22.59
N LEU I 97 50.45 37.86 -23.55
CA LEU I 97 49.48 37.93 -24.62
C LEU I 97 49.91 36.97 -25.73
N GLU I 98 49.43 35.74 -25.67
CA GLU I 98 49.87 34.69 -26.58
C GLU I 98 48.81 34.49 -27.66
N VAL I 99 49.03 35.13 -28.79
CA VAL I 99 48.18 34.99 -29.96
C VAL I 99 48.84 34.00 -30.91
N GLU I 100 48.05 33.13 -31.54
CA GLU I 100 48.71 32.17 -32.41
C GLU I 100 48.97 32.75 -33.80
N ALA I 101 47.93 32.85 -34.65
CA ALA I 101 48.07 33.64 -35.86
C ALA I 101 46.86 34.53 -36.09
N GLY I 102 45.68 33.95 -36.20
CA GLY I 102 44.57 34.61 -36.86
C GLY I 102 43.57 35.31 -35.99
N ALA I 103 44.00 36.19 -35.10
CA ALA I 103 43.08 36.99 -34.31
C ALA I 103 42.96 38.37 -34.90
N VAL I 104 41.74 38.85 -35.06
CA VAL I 104 41.52 40.24 -35.42
C VAL I 104 41.50 40.97 -34.09
N PHE I 105 42.68 41.26 -33.56
CA PHE I 105 42.84 41.81 -32.23
C PHE I 105 42.81 43.33 -32.36
N VAL I 106 41.66 43.91 -32.05
CA VAL I 106 41.40 45.32 -32.27
C VAL I 106 41.25 45.99 -30.92
N GLY I 107 42.28 46.70 -30.49
CA GLY I 107 42.13 47.49 -29.28
C GLY I 107 43.43 47.62 -28.54
N GLN I 108 43.53 48.70 -27.77
CA GLN I 108 44.73 49.06 -27.05
C GLN I 108 44.99 48.07 -25.92
N SER I 109 46.21 47.56 -25.83
CA SER I 109 46.56 46.56 -24.83
C SER I 109 47.78 46.97 -24.05
N VAL I 110 47.89 46.40 -22.85
CA VAL I 110 49.08 46.48 -22.02
C VAL I 110 49.46 45.05 -21.68
N ALA I 111 50.74 44.74 -21.74
CA ALA I 111 51.19 43.39 -21.38
C ALA I 111 52.59 43.45 -20.77
N GLY I 112 53.25 42.30 -20.68
CA GLY I 112 54.62 42.24 -20.20
C GLY I 112 54.80 42.57 -18.74
N LEU J 12 23.69 20.39 -22.51
CA LEU J 12 23.85 20.47 -21.07
C LEU J 12 24.37 21.85 -20.72
N THR J 13 23.91 22.38 -19.58
CA THR J 13 24.39 23.64 -19.07
C THR J 13 24.53 23.53 -17.56
N TYR J 14 25.67 23.06 -17.09
CA TYR J 14 25.89 22.90 -15.66
C TYR J 14 26.44 24.20 -15.12
N LEU J 15 25.84 24.70 -14.04
CA LEU J 15 26.45 25.74 -13.25
C LEU J 15 27.01 25.14 -11.98
N GLY J 16 28.09 25.73 -11.49
CA GLY J 16 28.80 25.19 -10.36
C GLY J 16 28.08 25.43 -9.07
N PRO J 17 28.71 25.09 -7.96
CA PRO J 17 28.09 25.32 -6.64
C PRO J 17 28.04 26.78 -6.28
N ASP J 18 29.02 27.54 -6.74
CA ASP J 18 29.11 28.97 -6.45
C ASP J 18 29.24 29.82 -7.73
N THR J 19 28.13 29.90 -8.45
CA THR J 19 28.10 30.59 -9.74
C THR J 19 26.92 31.55 -9.72
N GLU J 20 27.12 32.72 -9.14
CA GLU J 20 26.01 33.63 -8.91
C GLU J 20 25.78 34.48 -10.14
N VAL J 21 24.74 34.16 -10.89
CA VAL J 21 24.47 34.86 -12.14
C VAL J 21 23.38 35.89 -11.93
N LEU J 22 23.77 37.16 -11.96
CA LEU J 22 22.79 38.23 -11.94
C LEU J 22 22.22 38.29 -13.35
N GLY J 23 20.95 38.62 -13.45
CA GLY J 23 20.35 38.90 -14.72
C GLY J 23 19.54 37.73 -15.22
N ASP J 24 18.90 37.95 -16.37
CA ASP J 24 17.88 37.05 -16.88
C ASP J 24 18.52 35.96 -17.73
N MET J 25 18.80 34.82 -17.11
CA MET J 25 19.40 33.70 -17.83
C MET J 25 18.38 33.09 -18.79
N ARG J 26 18.79 32.90 -20.04
CA ARG J 26 17.95 32.30 -21.07
C ARG J 26 18.73 31.14 -21.66
N ALA J 27 18.26 29.92 -21.42
CA ALA J 27 19.03 28.74 -21.77
C ALA J 27 18.17 27.85 -22.66
N LYS J 28 18.79 26.81 -23.20
CA LYS J 28 18.10 25.75 -23.93
C LYS J 28 18.75 24.42 -23.57
N GLY J 29 17.96 23.36 -23.60
CA GLY J 29 18.44 22.03 -23.29
C GLY J 29 18.37 21.71 -21.81
N GLN J 30 19.08 20.66 -21.44
CA GLN J 30 19.15 20.26 -20.04
C GLN J 30 20.00 21.23 -19.25
N VAL J 31 19.46 21.68 -18.12
CA VAL J 31 20.14 22.64 -17.26
C VAL J 31 20.22 22.04 -15.87
N ARG J 32 21.37 22.18 -15.22
CA ARG J 32 21.47 21.93 -13.81
C ARG J 32 22.07 23.15 -13.14
N ILE J 33 21.27 23.81 -12.30
CA ILE J 33 21.74 24.96 -11.53
C ILE J 33 22.06 24.48 -10.14
N ASP J 34 23.28 24.74 -9.68
CA ASP J 34 23.64 24.46 -8.30
C ASP J 34 24.15 25.69 -7.58
N GLY J 35 24.29 26.82 -8.27
CA GLY J 35 24.86 28.00 -7.66
C GLY J 35 23.81 28.95 -7.14
N LEU J 36 23.60 30.03 -7.87
CA LEU J 36 22.57 31.00 -7.54
C LEU J 36 22.14 31.66 -8.83
N VAL J 37 20.89 32.11 -8.87
CA VAL J 37 20.43 32.98 -9.94
C VAL J 37 19.72 34.16 -9.29
N ARG J 38 20.19 35.36 -9.57
CA ARG J 38 19.46 36.56 -9.23
C ARG J 38 18.82 37.07 -10.51
N GLY J 39 17.55 36.77 -10.69
CA GLY J 39 16.87 37.12 -11.91
C GLY J 39 15.95 36.00 -12.35
N SER J 40 15.50 36.05 -13.59
CA SER J 40 14.51 35.11 -14.08
C SER J 40 15.14 34.13 -15.06
N VAL J 41 14.82 32.85 -14.86
CA VAL J 41 15.38 31.76 -15.65
C VAL J 41 14.34 31.34 -16.68
N LEU J 42 14.75 31.32 -17.95
CA LEU J 42 13.90 30.86 -19.05
C LEU J 42 14.61 29.70 -19.72
N VAL J 43 14.18 28.48 -19.43
CA VAL J 43 14.79 27.27 -19.95
C VAL J 43 13.79 26.51 -20.79
N GLU J 44 14.23 26.03 -21.94
CA GLU J 44 13.51 25.01 -22.69
C GLU J 44 14.24 23.69 -22.48
N GLY J 45 13.63 22.79 -21.74
CA GLY J 45 14.20 21.49 -21.49
C GLY J 45 14.14 21.17 -20.02
N GLU J 46 14.80 20.08 -19.65
CA GLU J 46 14.88 19.69 -18.25
C GLU J 46 15.64 20.73 -17.45
N LEU J 47 15.13 21.01 -16.26
CA LEU J 47 15.80 21.93 -15.36
C LEU J 47 16.00 21.19 -14.05
N GLU J 48 17.11 21.46 -13.39
CA GLU J 48 17.31 21.02 -12.03
C GLU J 48 17.91 22.16 -11.23
N VAL J 49 17.31 22.44 -10.08
CA VAL J 49 17.96 23.25 -9.06
C VAL J 49 18.64 22.28 -8.12
N GLY J 50 19.93 22.49 -7.89
CA GLY J 50 20.70 21.61 -7.05
C GLY J 50 20.37 21.80 -5.57
N PRO J 51 21.03 21.05 -4.71
CA PRO J 51 20.70 21.11 -3.27
C PRO J 51 21.04 22.44 -2.62
N THR J 52 22.16 23.04 -2.98
CA THR J 52 22.51 24.37 -2.49
C THR J 52 22.15 25.46 -3.48
N GLY J 53 21.50 25.10 -4.58
CA GLY J 53 21.09 26.09 -5.55
C GLY J 53 19.95 26.94 -5.05
N ARG J 54 19.84 28.12 -5.62
CA ARG J 54 18.79 29.06 -5.30
C ARG J 54 18.46 29.84 -6.56
N VAL J 55 17.18 29.89 -6.92
CA VAL J 55 16.75 30.62 -8.10
C VAL J 55 15.82 31.73 -7.62
N GLU J 56 16.39 32.86 -7.28
CA GLU J 56 15.63 33.95 -6.71
C GLU J 56 15.28 34.91 -7.83
N GLY J 57 14.02 35.22 -7.97
CA GLY J 57 13.65 36.07 -9.07
C GLY J 57 12.15 36.11 -9.25
N GLU J 58 11.73 36.14 -10.52
CA GLU J 58 10.31 36.25 -10.82
C GLU J 58 9.78 35.16 -11.73
N ARG J 59 10.51 34.77 -12.76
CA ARG J 59 10.02 33.87 -13.80
C ARG J 59 10.97 32.68 -13.88
N VAL J 60 10.49 31.51 -13.53
CA VAL J 60 11.21 30.27 -13.78
C VAL J 60 10.29 29.41 -14.64
N GLU J 61 10.51 29.44 -15.95
CA GLU J 61 9.68 28.71 -16.88
C GLU J 61 10.50 27.61 -17.53
N ALA J 62 9.96 26.39 -17.54
CA ALA J 62 10.72 25.26 -18.04
C ALA J 62 9.78 24.21 -18.62
N ARG J 63 10.28 23.00 -18.82
CA ARG J 63 9.50 21.87 -19.27
C ARG J 63 9.38 20.80 -18.21
N SER J 64 10.48 20.49 -17.52
CA SER J 64 10.40 19.63 -16.35
C SER J 64 11.38 20.18 -15.33
N VAL J 65 10.89 20.44 -14.13
CA VAL J 65 11.68 21.09 -13.10
C VAL J 65 11.91 20.07 -11.99
N LEU J 66 13.16 19.94 -11.57
CA LEU J 66 13.51 19.12 -10.43
C LEU J 66 14.13 20.01 -9.37
N ILE J 67 13.33 20.37 -8.36
CA ILE J 67 13.76 21.28 -7.32
C ILE J 67 14.35 20.45 -6.18
N HIS J 68 15.57 20.78 -5.80
CA HIS J 68 16.20 20.14 -4.66
C HIS J 68 16.76 21.14 -3.67
N GLY J 69 16.72 22.44 -4.00
CA GLY J 69 17.20 23.48 -3.11
C GLY J 69 16.11 24.48 -2.81
N GLU J 70 16.32 25.74 -3.21
CA GLU J 70 15.35 26.79 -2.97
C GLU J 70 14.96 27.44 -4.28
N VAL J 71 13.69 27.81 -4.39
CA VAL J 71 13.17 28.59 -5.51
C VAL J 71 12.27 29.66 -4.91
N LYS J 72 12.35 30.88 -5.41
CA LYS J 72 11.36 31.88 -5.05
C LYS J 72 10.99 32.65 -6.31
N ALA J 73 10.01 32.14 -7.06
CA ALA J 73 9.54 32.80 -8.26
C ALA J 73 8.18 32.25 -8.69
N GLU J 74 7.59 32.84 -9.73
CA GLU J 74 6.32 32.37 -10.25
C GLU J 74 6.61 31.26 -11.24
N LEU J 75 6.89 30.07 -10.70
CA LEU J 75 7.35 28.96 -11.51
C LEU J 75 6.23 28.45 -12.39
N THR J 76 6.57 27.94 -13.56
CA THR J 76 5.59 27.41 -14.50
C THR J 76 6.26 26.33 -15.33
N ALA J 77 5.67 25.15 -15.37
CA ALA J 77 6.27 24.04 -16.08
C ALA J 77 5.18 23.06 -16.50
N GLU J 78 5.60 21.87 -16.90
CA GLU J 78 4.68 20.76 -17.10
C GLU J 78 4.70 19.85 -15.89
N LYS J 79 5.88 19.34 -15.53
CA LYS J 79 6.04 18.41 -14.44
C LYS J 79 6.98 19.07 -13.43
N VAL J 80 6.44 19.44 -12.27
CA VAL J 80 7.23 20.06 -11.22
C VAL J 80 7.46 19.00 -10.16
N VAL J 81 8.54 18.29 -10.28
CA VAL J 81 8.86 17.22 -9.35
C VAL J 81 9.89 17.75 -8.35
N LEU J 82 9.73 17.38 -7.09
CA LEU J 82 10.54 17.96 -6.04
C LEU J 82 11.29 16.85 -5.32
N SER J 83 11.94 17.21 -4.23
CA SER J 83 12.69 16.27 -3.42
C SER J 83 12.36 16.47 -1.95
N LYS J 84 13.12 15.77 -1.10
CA LYS J 84 12.86 15.78 0.33
C LYS J 84 13.31 17.07 0.99
N THR J 85 14.29 17.76 0.41
CA THR J 85 14.87 18.95 1.02
C THR J 85 14.57 20.21 0.22
N ALA J 86 13.57 20.14 -0.66
CA ALA J 86 13.22 21.28 -1.49
C ALA J 86 12.55 22.36 -0.66
N ARG J 87 12.44 23.55 -1.23
CA ARG J 87 11.81 24.68 -0.57
C ARG J 87 11.29 25.61 -1.66
N PHE J 88 9.99 25.59 -1.89
CA PHE J 88 9.35 26.42 -2.89
C PHE J 88 8.83 27.69 -2.23
N THR J 89 8.65 28.74 -3.02
CA THR J 89 7.95 29.94 -2.58
C THR J 89 7.33 30.52 -3.84
N GLY J 90 6.20 31.18 -3.73
CA GLY J 90 5.64 31.93 -4.83
C GLY J 90 4.59 31.13 -5.55
N GLN J 91 4.07 31.73 -6.63
CA GLN J 91 3.02 31.09 -7.40
C GLN J 91 3.56 29.89 -8.15
N LEU J 92 2.66 29.09 -8.71
CA LEU J 92 3.03 27.89 -9.44
C LEU J 92 1.93 27.63 -10.46
N LYS J 93 2.30 27.02 -11.59
CA LYS J 93 1.35 26.65 -12.62
C LYS J 93 1.91 25.45 -13.38
N ALA J 94 1.48 24.26 -13.00
CA ALA J 94 1.99 23.01 -13.53
C ALA J 94 0.88 22.17 -14.14
N GLN J 95 1.25 20.93 -14.46
CA GLN J 95 0.28 19.92 -14.84
C GLN J 95 0.40 18.66 -14.00
N ALA J 96 1.52 18.47 -13.30
CA ALA J 96 1.70 17.31 -12.43
C ALA J 96 2.62 17.74 -11.29
N LEU J 97 2.01 18.21 -10.20
CA LEU J 97 2.77 18.72 -9.06
C LEU J 97 3.15 17.56 -8.16
N GLU J 98 4.32 16.99 -8.39
CA GLU J 98 4.75 15.79 -7.69
C GLU J 98 5.74 16.17 -6.60
N VAL J 99 5.22 16.30 -5.39
CA VAL J 99 6.03 16.58 -4.20
C VAL J 99 6.24 15.27 -3.48
N GLU J 100 7.45 15.04 -2.95
CA GLU J 100 7.65 13.77 -2.28
C GLU J 100 7.17 13.80 -0.84
N ALA J 101 7.92 14.42 0.07
CA ALA J 101 7.37 14.71 1.39
C ALA J 101 7.69 16.12 1.84
N GLY J 102 8.97 16.46 1.93
CA GLY J 102 9.40 17.58 2.75
C GLY J 102 9.63 18.90 2.06
N ALA J 103 8.66 19.40 1.31
CA ALA J 103 8.77 20.72 0.71
C ALA J 103 7.97 21.70 1.53
N VAL J 104 8.58 22.85 1.84
CA VAL J 104 7.84 23.94 2.43
C VAL J 104 7.28 24.72 1.24
N PHE J 105 6.18 24.22 0.69
CA PHE J 105 5.61 24.74 -0.54
C PHE J 105 4.63 25.85 -0.16
N VAL J 106 5.09 27.07 -0.30
CA VAL J 106 4.36 28.25 0.16
C VAL J 106 3.94 29.05 -1.06
N GLY J 107 2.68 28.95 -1.43
CA GLY J 107 2.19 29.82 -2.48
C GLY J 107 1.09 29.18 -3.27
N GLN J 108 0.25 30.03 -3.85
CA GLN J 108 -0.94 29.60 -4.58
C GLN J 108 -0.54 28.89 -5.87
N SER J 109 -1.12 27.73 -6.11
CA SER J 109 -0.77 26.93 -7.28
C SER J 109 -2.01 26.54 -8.07
N VAL J 110 -1.79 26.25 -9.34
CA VAL J 110 -2.78 25.65 -10.22
C VAL J 110 -2.13 24.41 -10.81
N ALA J 111 -2.88 23.31 -10.88
CA ALA J 111 -2.34 22.11 -11.49
C ALA J 111 -3.46 21.31 -12.16
N GLY J 112 -3.19 20.05 -12.48
CA GLY J 112 -4.20 19.18 -13.04
C GLY J 112 -4.65 19.53 -14.44
N LEU K 12 16.75 -1.54 -16.10
CA LEU K 12 17.84 -1.33 -15.16
C LEU K 12 17.97 -2.54 -14.28
N THR K 13 19.20 -2.87 -13.92
CA THR K 13 19.46 -3.96 -12.97
C THR K 13 20.60 -3.53 -12.07
N TYR K 14 20.28 -2.86 -10.97
CA TYR K 14 21.28 -2.40 -10.04
C TYR K 14 21.54 -3.50 -9.03
N LEU K 15 22.80 -3.83 -8.83
CA LEU K 15 23.20 -4.63 -7.69
C LEU K 15 23.85 -3.73 -6.65
N GLY K 16 23.68 -4.09 -5.40
CA GLY K 16 24.14 -3.27 -4.31
C GLY K 16 25.64 -3.32 -4.13
N PRO K 17 26.12 -2.70 -3.07
CA PRO K 17 27.57 -2.73 -2.81
C PRO K 17 28.05 -4.10 -2.35
N ASP K 18 27.18 -4.83 -1.66
CA ASP K 18 27.50 -6.16 -1.14
C ASP K 18 26.48 -7.21 -1.56
N THR K 19 26.55 -7.56 -2.85
CA THR K 19 25.58 -8.49 -3.44
C THR K 19 26.38 -9.54 -4.20
N GLU K 20 26.85 -10.55 -3.48
CA GLU K 20 27.77 -11.51 -4.07
C GLU K 20 26.99 -12.60 -4.75
N VAL K 21 26.95 -12.56 -6.08
CA VAL K 21 26.15 -13.51 -6.84
C VAL K 21 27.06 -14.59 -7.40
N LEU K 22 26.94 -15.78 -6.85
CA LEU K 22 27.62 -16.93 -7.42
C LEU K 22 26.83 -17.32 -8.64
N GLY K 23 27.50 -17.82 -9.66
CA GLY K 23 26.84 -18.40 -10.80
C GLY K 23 26.79 -17.45 -11.97
N ASP K 24 26.25 -17.95 -13.06
CA ASP K 24 26.33 -17.29 -14.35
C ASP K 24 25.18 -16.32 -14.53
N MET K 25 25.40 -15.06 -14.19
CA MET K 25 24.35 -14.06 -14.32
C MET K 25 24.11 -13.76 -15.79
N ARG K 26 22.83 -13.77 -16.19
CA ARG K 26 22.43 -13.48 -17.56
C ARG K 26 21.38 -12.39 -17.50
N ALA K 27 21.73 -11.20 -17.99
CA ALA K 27 20.88 -10.03 -17.79
C ALA K 27 20.57 -9.43 -19.16
N LYS K 28 19.66 -8.46 -19.16
CA LYS K 28 19.36 -7.64 -20.33
C LYS K 28 19.16 -6.21 -19.87
N GLY K 29 19.48 -5.26 -20.75
CA GLY K 29 19.30 -3.86 -20.46
C GLY K 29 20.51 -3.27 -19.76
N GLN K 30 20.31 -2.09 -19.19
CA GLN K 30 21.36 -1.41 -18.45
C GLN K 30 21.61 -2.11 -17.13
N VAL K 31 22.87 -2.39 -16.85
CA VAL K 31 23.28 -3.08 -15.63
C VAL K 31 24.31 -2.21 -14.93
N ARG K 32 24.18 -2.10 -13.61
CA ARG K 32 25.25 -1.57 -12.79
C ARG K 32 25.56 -2.56 -11.69
N ILE K 33 26.77 -3.12 -11.74
CA ILE K 33 27.24 -4.04 -10.72
C ILE K 33 28.14 -3.27 -9.77
N ASP K 34 27.83 -3.30 -8.49
CA ASP K 34 28.71 -2.71 -7.49
C ASP K 34 29.12 -3.72 -6.43
N GLY K 35 28.59 -4.93 -6.47
CA GLY K 35 28.87 -5.90 -5.44
C GLY K 35 30.00 -6.84 -5.81
N LEU K 36 29.65 -8.06 -6.16
CA LEU K 36 30.60 -9.04 -6.63
C LEU K 36 29.87 -9.99 -7.55
N VAL K 37 30.60 -10.58 -8.49
CA VAL K 37 30.09 -11.68 -9.29
C VAL K 37 31.14 -12.77 -9.26
N ARG K 38 30.75 -13.95 -8.79
CA ARG K 38 31.58 -15.13 -8.95
C ARG K 38 30.96 -15.95 -10.07
N GLY K 39 31.53 -15.83 -11.26
CA GLY K 39 30.95 -16.48 -12.42
C GLY K 39 31.01 -15.58 -13.63
N SER K 40 30.28 -15.92 -14.67
CA SER K 40 30.35 -15.22 -15.93
C SER K 40 29.11 -14.38 -16.16
N VAL K 41 29.32 -13.14 -16.57
CA VAL K 41 28.26 -12.16 -16.76
C VAL K 41 27.97 -12.07 -18.25
N LEU K 42 26.70 -12.24 -18.63
CA LEU K 42 26.26 -12.11 -20.02
C LEU K 42 25.18 -11.04 -20.05
N VAL K 43 25.55 -9.83 -20.48
CA VAL K 43 24.65 -8.70 -20.51
C VAL K 43 24.48 -8.23 -21.94
N GLU K 44 23.23 -7.94 -22.31
CA GLU K 44 22.94 -7.18 -23.51
C GLU K 44 22.56 -5.77 -23.07
N GLY K 45 23.42 -4.81 -23.35
CA GLY K 45 23.16 -3.42 -23.01
C GLY K 45 24.36 -2.84 -22.30
N GLU K 46 24.16 -1.63 -21.78
CA GLU K 46 25.22 -0.96 -21.03
C GLU K 46 25.53 -1.74 -19.77
N LEU K 47 26.82 -1.84 -19.47
CA LEU K 47 27.26 -2.48 -18.24
C LEU K 47 28.13 -1.49 -17.50
N GLU K 48 28.05 -1.49 -16.20
CA GLU K 48 28.99 -0.78 -15.36
C GLU K 48 29.41 -1.66 -14.21
N VAL K 49 30.71 -1.78 -14.01
CA VAL K 49 31.25 -2.30 -12.76
C VAL K 49 31.52 -1.09 -11.87
N GLY K 50 30.99 -1.10 -10.66
CA GLY K 50 31.14 0.00 -9.75
C GLY K 50 32.54 0.06 -9.18
N PRO K 51 32.79 1.04 -8.31
CA PRO K 51 34.15 1.23 -7.78
C PRO K 51 34.62 0.10 -6.87
N THR K 52 33.74 -0.43 -6.03
CA THR K 52 34.06 -1.59 -5.22
C THR K 52 33.59 -2.89 -5.84
N GLY K 53 33.03 -2.83 -7.06
CA GLY K 53 32.57 -4.02 -7.72
C GLY K 53 33.72 -4.88 -8.18
N ARG K 54 33.44 -6.16 -8.36
CA ARG K 54 34.40 -7.14 -8.84
C ARG K 54 33.65 -8.16 -9.65
N VAL K 55 34.09 -8.42 -10.87
CA VAL K 55 33.47 -9.42 -11.72
C VAL K 55 34.50 -10.50 -11.98
N GLU K 56 34.56 -11.48 -11.11
CA GLU K 56 35.57 -12.50 -11.19
C GLU K 56 34.96 -13.70 -11.89
N GLY K 57 35.61 -14.16 -12.93
CA GLY K 57 35.01 -15.26 -13.67
C GLY K 57 35.73 -15.49 -14.98
N GLU K 58 34.96 -15.81 -16.00
CA GLU K 58 35.53 -16.14 -17.30
C GLU K 58 34.99 -15.31 -18.46
N ARG K 59 33.69 -15.06 -18.51
CA ARG K 59 33.05 -14.43 -19.66
C ARG K 59 32.32 -13.20 -19.18
N VAL K 60 32.76 -12.02 -19.61
CA VAL K 60 32.03 -10.79 -19.41
C VAL K 60 31.77 -10.22 -20.80
N GLU K 61 30.58 -10.49 -21.34
CA GLU K 61 30.24 -10.04 -22.68
C GLU K 61 29.12 -9.01 -22.59
N ALA K 62 29.30 -7.88 -23.27
CA ALA K 62 28.34 -6.80 -23.16
C ALA K 62 28.31 -6.00 -24.45
N ARG K 63 27.74 -4.80 -24.39
CA ARG K 63 27.72 -3.88 -25.51
C ARG K 63 28.53 -2.63 -25.23
N SER K 64 28.43 -2.08 -24.03
CA SER K 64 29.33 -1.02 -23.62
C SER K 64 29.65 -1.24 -22.16
N VAL K 65 30.94 -1.32 -21.84
CA VAL K 65 31.38 -1.65 -20.50
C VAL K 65 32.05 -0.43 -19.90
N LEU K 66 31.65 -0.09 -18.70
CA LEU K 66 32.30 0.97 -17.95
C LEU K 66 32.89 0.39 -16.68
N ILE K 67 34.19 0.15 -16.70
CA ILE K 67 34.89 -0.48 -15.58
C ILE K 67 35.38 0.61 -14.66
N HIS K 68 35.02 0.51 -13.38
CA HIS K 68 35.52 1.42 -12.37
C HIS K 68 36.10 0.69 -11.17
N GLY K 69 35.99 -0.64 -11.13
CA GLY K 69 36.53 -1.43 -10.05
C GLY K 69 37.51 -2.47 -10.56
N GLU K 70 37.20 -3.74 -10.36
CA GLU K 70 38.06 -4.82 -10.79
C GLU K 70 37.28 -5.77 -11.70
N VAL K 71 37.95 -6.28 -12.72
CA VAL K 71 37.43 -7.31 -13.61
C VAL K 71 38.54 -8.32 -13.79
N LYS K 72 38.22 -9.61 -13.76
CA LYS K 72 39.18 -10.62 -14.16
C LYS K 72 38.45 -11.67 -14.99
N ALA K 73 38.35 -11.42 -16.29
CA ALA K 73 37.71 -12.35 -17.21
C ALA K 73 38.09 -12.05 -18.65
N GLU K 74 37.66 -12.88 -19.58
CA GLU K 74 37.91 -12.67 -21.00
C GLU K 74 36.83 -11.75 -21.53
N LEU K 75 36.98 -10.46 -21.24
CA LEU K 75 35.95 -9.48 -21.55
C LEU K 75 35.84 -9.29 -23.04
N THR K 76 34.63 -8.98 -23.51
CA THR K 76 34.39 -8.76 -24.93
C THR K 76 33.22 -7.79 -25.06
N ALA K 77 33.41 -6.71 -25.81
CA ALA K 77 32.37 -5.70 -25.93
C ALA K 77 32.58 -4.96 -27.24
N GLU K 78 31.90 -3.83 -27.36
CA GLU K 78 32.14 -2.88 -28.43
C GLU K 78 33.02 -1.75 -27.93
N LYS K 79 32.58 -1.07 -26.90
CA LYS K 79 33.28 0.08 -26.34
C LYS K 79 33.62 -0.26 -24.90
N VAL K 80 34.91 -0.45 -24.62
CA VAL K 80 35.37 -0.77 -23.27
C VAL K 80 36.00 0.50 -22.71
N VAL K 81 35.20 1.29 -22.05
CA VAL K 81 35.66 2.54 -21.50
C VAL K 81 35.93 2.33 -20.02
N LEU K 82 37.00 2.93 -19.51
CA LEU K 82 37.45 2.66 -18.17
C LEU K 82 37.49 3.96 -17.38
N SER K 83 38.03 3.89 -16.18
CA SER K 83 38.16 5.05 -15.31
C SER K 83 39.57 5.11 -14.73
N LYS K 84 39.75 6.04 -13.80
CA LYS K 84 41.06 6.29 -13.21
C LYS K 84 41.46 5.21 -12.22
N THR K 85 40.50 4.53 -11.61
CA THR K 85 40.77 3.55 -10.57
C THR K 85 40.42 2.13 -11.00
N ALA K 86 40.28 1.92 -12.30
CA ALA K 86 39.92 0.60 -12.82
C ALA K 86 41.09 -0.35 -12.69
N ARG K 87 40.80 -1.64 -12.85
CA ARG K 87 41.81 -2.68 -12.78
C ARG K 87 41.34 -3.85 -13.60
N PHE K 88 41.90 -4.01 -14.79
CA PHE K 88 41.53 -5.10 -15.68
C PHE K 88 42.50 -6.26 -15.49
N THR K 89 42.07 -7.45 -15.86
CA THR K 89 42.95 -8.61 -15.94
C THR K 89 42.34 -9.50 -17.02
N GLY K 90 43.16 -10.25 -17.74
CA GLY K 90 42.66 -11.24 -18.65
C GLY K 90 42.60 -10.73 -20.06
N GLN K 91 42.08 -11.57 -20.95
CA GLN K 91 41.99 -11.22 -22.36
C GLN K 91 40.96 -10.13 -22.58
N LEU K 92 40.95 -9.57 -23.78
CA LEU K 92 40.02 -8.50 -24.12
C LEU K 92 39.79 -8.56 -25.62
N LYS K 93 38.61 -8.15 -26.06
CA LYS K 93 38.27 -8.10 -27.48
C LYS K 93 37.23 -7.02 -27.69
N ALA K 94 37.67 -5.84 -28.08
CA ALA K 94 36.81 -4.67 -28.20
C ALA K 94 36.87 -4.08 -29.59
N GLN K 95 36.28 -2.90 -29.73
CA GLN K 95 36.42 -2.10 -30.93
C GLN K 95 36.92 -0.69 -30.62
N ALA K 96 36.81 -0.25 -29.37
CA ALA K 96 37.30 1.07 -28.97
C ALA K 96 37.74 0.99 -27.52
N LEU K 97 39.02 0.68 -27.31
CA LEU K 97 39.56 0.48 -25.98
C LEU K 97 39.95 1.83 -25.39
N GLU K 98 39.03 2.47 -24.68
CA GLU K 98 39.24 3.82 -24.19
C GLU K 98 39.60 3.78 -22.71
N VAL K 99 40.88 3.83 -22.43
CA VAL K 99 41.41 3.88 -21.08
C VAL K 99 41.74 5.33 -20.77
N GLU K 100 41.45 5.77 -19.54
CA GLU K 100 41.74 7.17 -19.27
C GLU K 100 43.19 7.37 -18.86
N ALA K 101 43.56 7.03 -17.63
CA ALA K 101 44.97 6.96 -17.28
C ALA K 101 45.30 5.69 -16.50
N GLY K 102 44.66 5.51 -15.34
CA GLY K 102 45.20 4.64 -14.32
C GLY K 102 44.63 3.23 -14.24
N ALA K 103 44.64 2.49 -15.34
CA ALA K 103 44.22 1.11 -15.31
C ALA K 103 45.45 0.22 -15.30
N VAL K 104 45.45 -0.77 -14.42
CA VAL K 104 46.47 -1.79 -14.48
C VAL K 104 45.91 -2.84 -15.43
N PHE K 105 46.05 -2.58 -16.72
CA PHE K 105 45.44 -3.40 -17.76
C PHE K 105 46.41 -4.51 -18.12
N VAL K 106 46.15 -5.69 -17.58
CA VAL K 106 47.07 -6.81 -17.68
C VAL K 106 46.41 -7.88 -18.54
N GLY K 107 46.82 -8.00 -19.77
CA GLY K 107 46.34 -9.11 -20.57
C GLY K 107 46.27 -8.74 -22.04
N GLN K 108 46.37 -9.78 -22.86
CA GLN K 108 46.41 -9.64 -24.30
C GLN K 108 45.07 -9.16 -24.84
N SER K 109 45.09 -8.14 -25.68
CA SER K 109 43.87 -7.55 -26.20
C SER K 109 43.90 -7.45 -27.72
N VAL K 110 42.71 -7.40 -28.29
CA VAL K 110 42.50 -7.10 -29.70
C VAL K 110 41.53 -5.93 -29.75
N ALA K 111 41.79 -4.96 -30.62
CA ALA K 111 40.88 -3.85 -30.77
C ALA K 111 40.89 -3.32 -32.19
N GLY K 112 40.36 -2.13 -32.41
CA GLY K 112 40.40 -1.49 -33.72
C GLY K 112 39.55 -2.17 -34.77
N LEU L 12 19.60 -1.41 -1.99
CA LEU L 12 18.61 -1.90 -2.94
C LEU L 12 19.32 -2.77 -3.95
N THR L 13 18.65 -3.83 -4.40
CA THR L 13 19.16 -4.69 -5.44
C THR L 13 18.01 -5.07 -6.35
N TYR L 14 17.74 -4.25 -7.35
CA TYR L 14 16.65 -4.53 -8.28
C TYR L 14 17.18 -5.40 -9.40
N LEU L 15 16.48 -6.48 -9.69
CA LEU L 15 16.70 -7.22 -10.92
C LEU L 15 15.56 -6.90 -11.88
N GLY L 16 15.89 -6.92 -13.17
CA GLY L 16 14.95 -6.53 -14.18
C GLY L 16 13.89 -7.58 -14.43
N PRO L 17 13.07 -7.36 -15.43
CA PRO L 17 12.02 -8.34 -15.76
C PRO L 17 12.59 -9.61 -16.37
N ASP L 18 13.71 -9.47 -17.09
CA ASP L 18 14.35 -10.60 -17.76
C ASP L 18 15.84 -10.71 -17.40
N THR L 19 16.08 -11.13 -16.16
CA THR L 19 17.44 -11.20 -15.63
C THR L 19 17.62 -12.58 -15.02
N GLU L 20 17.94 -13.57 -15.84
CA GLU L 20 17.94 -14.94 -15.40
C GLU L 20 19.29 -15.26 -14.79
N VAL L 21 19.35 -15.33 -13.47
CA VAL L 21 20.61 -15.55 -12.77
C VAL L 21 20.70 -17.01 -12.35
N LEU L 22 21.59 -17.73 -13.03
CA LEU L 22 21.90 -19.08 -12.60
C LEU L 22 22.80 -18.95 -11.39
N GLY L 23 22.68 -19.87 -10.46
CA GLY L 23 23.60 -19.95 -9.36
C GLY L 23 23.04 -19.34 -8.10
N ASP L 24 23.81 -19.45 -7.04
CA ASP L 24 23.36 -19.16 -5.69
C ASP L 24 23.55 -17.69 -5.37
N MET L 25 22.50 -16.89 -5.59
CA MET L 25 22.57 -15.46 -5.32
C MET L 25 22.61 -15.23 -3.81
N ARG L 26 23.56 -14.41 -3.37
CA ARG L 26 23.72 -14.05 -1.96
C ARG L 26 23.72 -12.54 -1.87
N ALA L 27 22.68 -11.97 -1.28
CA ALA L 27 22.48 -10.52 -1.32
C ALA L 27 22.35 -10.02 0.11
N LYS L 28 22.35 -8.69 0.25
CA LYS L 28 22.05 -8.01 1.50
C LYS L 28 21.20 -6.79 1.20
N GLY L 29 20.35 -6.43 2.14
CA GLY L 29 19.50 -5.27 2.01
C GLY L 29 18.19 -5.60 1.32
N GLN L 30 17.51 -4.55 0.89
CA GLN L 30 16.25 -4.71 0.17
C GLN L 30 16.50 -5.26 -1.22
N VAL L 31 15.75 -6.29 -1.58
CA VAL L 31 15.88 -6.95 -2.87
C VAL L 31 14.52 -6.95 -3.53
N ARG L 32 14.48 -6.65 -4.82
CA ARG L 32 13.31 -6.91 -5.62
C ARG L 32 13.71 -7.74 -6.83
N ILE L 33 13.23 -8.97 -6.89
CA ILE L 33 13.47 -9.86 -8.02
C ILE L 33 12.25 -9.82 -8.91
N ASP L 34 12.45 -9.50 -10.18
CA ASP L 34 11.37 -9.58 -11.14
C ASP L 34 11.71 -10.49 -12.31
N GLY L 35 12.94 -10.99 -12.38
CA GLY L 35 13.36 -11.79 -13.51
C GLY L 35 13.19 -13.27 -13.28
N LEU L 36 14.30 -13.94 -13.05
CA LEU L 36 14.30 -15.35 -12.72
C LEU L 36 15.52 -15.63 -11.86
N VAL L 37 15.42 -16.65 -11.02
CA VAL L 37 16.59 -17.18 -10.31
C VAL L 37 16.57 -18.68 -10.49
N ARG L 38 17.64 -19.22 -11.06
CA ARG L 38 17.85 -20.66 -11.06
C ARG L 38 18.91 -20.93 -9.99
N GLY L 39 18.47 -21.36 -8.82
CA GLY L 39 19.37 -21.54 -7.72
C GLY L 39 18.75 -21.06 -6.43
N SER L 40 19.57 -20.91 -5.40
CA SER L 40 19.08 -20.57 -4.08
C SER L 40 19.42 -19.14 -3.71
N VAL L 41 18.43 -18.43 -3.19
CA VAL L 41 18.54 -17.02 -2.85
C VAL L 41 18.74 -16.90 -1.35
N LEU L 42 19.80 -16.20 -0.94
CA LEU L 42 20.10 -15.94 0.46
C LEU L 42 20.14 -14.43 0.64
N VAL L 43 19.06 -13.87 1.18
CA VAL L 43 18.93 -12.42 1.36
C VAL L 43 18.80 -12.12 2.83
N GLU L 44 19.52 -11.09 3.28
CA GLU L 44 19.25 -10.46 4.56
C GLU L 44 18.56 -9.14 4.28
N GLY L 45 17.28 -9.07 4.62
CA GLY L 45 16.51 -7.86 4.43
C GLY L 45 15.21 -8.18 3.75
N GLU L 46 14.50 -7.13 3.35
CA GLU L 46 13.24 -7.29 2.63
C GLU L 46 13.50 -7.94 1.29
N LEU L 47 12.62 -8.85 0.92
CA LEU L 47 12.69 -9.50 -0.37
C LEU L 47 11.34 -9.31 -1.04
N GLU L 48 11.36 -9.12 -2.35
CA GLU L 48 10.14 -9.16 -3.14
C GLU L 48 10.40 -9.98 -4.39
N VAL L 49 9.53 -10.94 -4.65
CA VAL L 49 9.44 -11.55 -5.97
C VAL L 49 8.38 -10.79 -6.74
N GLY L 50 8.74 -10.31 -7.93
CA GLY L 50 7.83 -9.53 -8.73
C GLY L 50 6.75 -10.37 -9.35
N PRO L 51 5.86 -9.75 -10.12
CA PRO L 51 4.72 -10.50 -10.69
C PRO L 51 5.12 -11.53 -11.72
N THR L 52 6.09 -11.24 -12.57
CA THR L 52 6.62 -12.21 -13.51
C THR L 52 7.89 -12.89 -13.00
N GLY L 53 8.28 -12.58 -11.77
CA GLY L 53 9.46 -13.20 -11.22
C GLY L 53 9.24 -14.66 -10.88
N ARG L 54 10.33 -15.40 -10.82
CA ARG L 54 10.32 -16.80 -10.47
C ARG L 54 11.60 -17.11 -9.75
N VAL L 55 11.50 -17.74 -8.58
CA VAL L 55 12.68 -18.10 -7.80
C VAL L 55 12.68 -19.62 -7.69
N GLU L 56 13.27 -20.27 -8.67
CA GLU L 56 13.24 -21.72 -8.72
C GLU L 56 14.53 -22.24 -8.13
N GLY L 57 14.42 -23.12 -7.16
CA GLY L 57 15.64 -23.57 -6.52
C GLY L 57 15.31 -24.36 -5.27
N GLU L 58 16.14 -24.17 -4.25
CA GLU L 58 15.99 -24.93 -3.01
C GLU L 58 15.87 -24.08 -1.76
N ARG L 59 16.64 -23.00 -1.63
CA ARG L 59 16.73 -22.23 -0.40
C ARG L 59 16.39 -20.79 -0.72
N VAL L 60 15.28 -20.30 -0.20
CA VAL L 60 14.96 -18.87 -0.24
C VAL L 60 14.82 -18.43 1.21
N GLU L 61 15.88 -17.86 1.77
CA GLU L 61 15.88 -17.45 3.15
C GLU L 61 15.99 -15.93 3.22
N ALA L 62 15.11 -15.31 3.99
CA ALA L 62 15.06 -13.86 4.04
C ALA L 62 14.58 -13.39 5.41
N ARG L 63 14.17 -12.12 5.49
CA ARG L 63 13.60 -11.56 6.70
C ARG L 63 12.14 -11.19 6.51
N SER L 64 11.78 -10.60 5.38
CA SER L 64 10.39 -10.42 5.03
C SER L 64 10.25 -10.64 3.54
N VAL L 65 9.36 -11.54 3.17
CA VAL L 65 9.22 -11.95 1.78
C VAL L 65 7.87 -11.47 1.29
N LEU L 66 7.87 -10.83 0.14
CA LEU L 66 6.64 -10.43 -0.52
C LEU L 66 6.56 -11.14 -1.87
N ILE L 67 5.78 -12.20 -1.93
CA ILE L 67 5.67 -13.02 -3.12
C ILE L 67 4.52 -12.48 -3.96
N HIS L 68 4.80 -12.19 -5.22
CA HIS L 68 3.77 -11.77 -6.15
C HIS L 68 3.81 -12.56 -7.44
N GLY L 69 4.80 -13.44 -7.62
CA GLY L 69 4.90 -14.28 -8.79
C GLY L 69 4.92 -15.75 -8.43
N GLU L 70 6.01 -16.43 -8.75
CA GLU L 70 6.15 -17.85 -8.45
C GLU L 70 7.40 -18.08 -7.62
N VAL L 71 7.30 -19.02 -6.68
CA VAL L 71 8.43 -19.49 -5.88
C VAL L 71 8.32 -21.01 -5.85
N LYS L 72 9.44 -21.70 -5.99
CA LYS L 72 9.44 -23.14 -5.73
C LYS L 72 10.72 -23.47 -4.98
N ALA L 73 10.67 -23.35 -3.66
CA ALA L 73 11.82 -23.68 -2.82
C ALA L 73 11.39 -23.86 -1.37
N GLU L 74 12.32 -24.26 -0.51
CA GLU L 74 12.04 -24.44 0.92
C GLU L 74 12.22 -23.08 1.58
N LEU L 75 11.21 -22.22 1.42
CA LEU L 75 11.30 -20.85 1.86
C LEU L 75 11.31 -20.78 3.37
N THR L 76 11.99 -19.77 3.91
CA THR L 76 12.07 -19.58 5.36
C THR L 76 12.27 -18.11 5.63
N ALA L 77 11.42 -17.53 6.47
CA ALA L 77 11.48 -16.11 6.74
C ALA L 77 10.87 -15.84 8.10
N GLU L 78 10.61 -14.57 8.37
CA GLU L 78 9.82 -14.17 9.51
C GLU L 78 8.38 -13.90 9.10
N LYS L 79 8.19 -12.99 8.15
CA LYS L 79 6.87 -12.59 7.69
C LYS L 79 6.80 -12.94 6.21
N VAL L 80 5.99 -13.92 5.86
CA VAL L 80 5.81 -14.33 4.47
C VAL L 80 4.48 -13.79 4.02
N VAL L 81 4.49 -12.61 3.47
CA VAL L 81 3.26 -11.97 3.03
C VAL L 81 3.15 -12.15 1.51
N LEU L 82 1.95 -12.41 1.03
CA LEU L 82 1.75 -12.78 -0.35
C LEU L 82 0.80 -11.78 -1.00
N SER L 83 0.41 -12.09 -2.22
CA SER L 83 -0.51 -11.26 -2.98
C SER L 83 -1.60 -12.12 -3.61
N LYS L 84 -2.41 -11.47 -4.45
CA LYS L 84 -3.55 -12.13 -5.06
C LYS L 84 -3.15 -13.10 -6.16
N THR L 85 -2.00 -12.86 -6.80
CA THR L 85 -1.57 -13.65 -7.95
C THR L 85 -0.33 -14.47 -7.65
N ALA L 86 -0.02 -14.66 -6.37
CA ALA L 86 1.15 -15.41 -5.97
C ALA L 86 0.96 -16.90 -6.25
N ARG L 87 2.05 -17.64 -6.20
CA ARG L 87 2.02 -19.07 -6.41
C ARG L 87 3.22 -19.68 -5.70
N PHE L 88 2.97 -20.30 -4.55
CA PHE L 88 4.01 -20.91 -3.76
C PHE L 88 4.09 -22.39 -4.11
N THR L 89 5.24 -23.00 -3.84
CA THR L 89 5.40 -24.45 -3.91
C THR L 89 6.48 -24.77 -2.90
N GLY L 90 6.44 -25.95 -2.29
CA GLY L 90 7.52 -26.42 -1.47
C GLY L 90 7.26 -26.15 -0.01
N GLN L 91 8.25 -26.49 0.81
CA GLN L 91 8.12 -26.32 2.24
C GLN L 91 8.14 -24.84 2.62
N LEU L 92 7.82 -24.55 3.86
CA LEU L 92 7.77 -23.18 4.35
C LEU L 92 8.04 -23.22 5.85
N LYS L 93 8.63 -22.16 6.37
CA LYS L 93 8.90 -22.04 7.80
C LYS L 93 8.93 -20.56 8.15
N ALA L 94 7.81 -20.04 8.65
CA ALA L 94 7.64 -18.63 8.91
C ALA L 94 7.24 -18.39 10.37
N GLN L 95 6.87 -17.15 10.63
CA GLN L 95 6.27 -16.78 11.91
C GLN L 95 4.94 -16.08 11.72
N ALA L 96 4.66 -15.57 10.53
CA ALA L 96 3.38 -14.90 10.24
C ALA L 96 3.06 -15.12 8.76
N LEU L 97 2.33 -16.20 8.48
CA LEU L 97 2.02 -16.57 7.11
C LEU L 97 0.79 -15.81 6.65
N GLU L 98 1.00 -14.65 6.05
CA GLU L 98 -0.11 -13.76 5.69
C GLU L 98 -0.39 -13.89 4.19
N VAL L 99 -1.38 -14.71 3.88
CA VAL L 99 -1.84 -14.89 2.51
C VAL L 99 -3.09 -14.05 2.33
N GLU L 100 -3.23 -13.41 1.17
CA GLU L 100 -4.41 -12.58 1.02
C GLU L 100 -5.63 -13.39 0.58
N ALA L 101 -5.71 -13.75 -0.70
CA ALA L 101 -6.70 -14.75 -1.10
C ALA L 101 -6.10 -15.79 -2.02
N GLY L 102 -5.57 -15.38 -3.16
CA GLY L 102 -5.39 -16.27 -4.29
C GLY L 102 -4.02 -16.89 -4.48
N ALA L 103 -3.47 -17.54 -3.46
CA ALA L 103 -2.21 -18.25 -3.61
C ALA L 103 -2.50 -19.72 -3.76
N VAL L 104 -1.86 -20.36 -4.74
CA VAL L 104 -1.90 -21.80 -4.83
C VAL L 104 -0.74 -22.27 -3.97
N PHE L 105 -0.96 -22.30 -2.66
CA PHE L 105 0.09 -22.57 -1.68
C PHE L 105 0.15 -24.08 -1.48
N VAL L 106 1.12 -24.70 -2.12
CA VAL L 106 1.24 -26.15 -2.17
C VAL L 106 2.47 -26.56 -1.41
N GLY L 107 2.31 -27.05 -0.20
CA GLY L 107 3.45 -27.58 0.51
C GLY L 107 3.31 -27.43 2.00
N GLN L 108 3.99 -28.33 2.71
CA GLN L 108 3.91 -28.40 4.17
C GLN L 108 4.58 -27.20 4.79
N SER L 109 3.89 -26.55 5.73
CA SER L 109 4.41 -25.35 6.36
C SER L 109 4.37 -25.45 7.87
N VAL L 110 5.23 -24.65 8.50
CA VAL L 110 5.22 -24.43 9.94
C VAL L 110 5.13 -22.93 10.13
N ALA L 111 4.31 -22.49 11.08
CA ALA L 111 4.22 -21.08 11.38
C ALA L 111 3.91 -20.86 12.85
N GLY L 112 3.48 -19.66 13.21
CA GLY L 112 3.07 -19.35 14.57
C GLY L 112 4.19 -19.36 15.59
N LEU M 12 -13.53 3.33 13.85
CA LEU M 12 -13.74 3.40 12.42
C LEU M 12 -15.09 4.06 12.17
N THR M 13 -15.18 4.86 11.11
CA THR M 13 -16.43 5.46 10.70
C THR M 13 -16.49 5.43 9.17
N TYR M 14 -17.00 4.34 8.63
CA TYR M 14 -17.11 4.21 7.19
C TYR M 14 -18.42 4.79 6.74
N LEU M 15 -18.37 5.66 5.74
CA LEU M 15 -19.57 6.06 5.03
C LEU M 15 -19.59 5.35 3.68
N GLY M 16 -20.80 5.07 3.21
CA GLY M 16 -20.97 4.29 2.01
C GLY M 16 -20.68 5.09 0.76
N PRO M 17 -20.94 4.50 -0.39
CA PRO M 17 -20.69 5.21 -1.65
C PRO M 17 -21.68 6.32 -1.89
N ASP M 18 -22.91 6.15 -1.38
CA ASP M 18 -23.98 7.12 -1.55
C ASP M 18 -24.61 7.52 -0.21
N THR M 19 -23.85 8.29 0.56
CA THR M 19 -24.27 8.68 1.90
C THR M 19 -24.08 10.18 2.02
N GLU M 20 -25.06 10.93 1.55
CA GLU M 20 -24.90 12.38 1.43
C GLU M 20 -25.29 13.03 2.75
N VAL M 21 -24.30 13.45 3.50
CA VAL M 21 -24.55 14.02 4.82
C VAL M 21 -24.50 15.53 4.74
N LEU M 22 -25.64 16.16 4.87
CA LEU M 22 -25.70 17.60 5.00
C LEU M 22 -25.27 17.92 6.42
N GLY M 23 -24.60 19.04 6.59
CA GLY M 23 -24.31 19.53 7.91
C GLY M 23 -22.90 19.22 8.33
N ASP M 24 -22.56 19.71 9.51
CA ASP M 24 -21.18 19.74 9.98
C ASP M 24 -20.83 18.45 10.70
N MET M 25 -20.27 17.50 9.97
CA MET M 25 -19.89 16.21 10.56
C MET M 25 -18.71 16.40 11.50
N ARG M 26 -18.82 15.86 12.71
CA ARG M 26 -17.75 15.93 13.71
C ARG M 26 -17.49 14.51 14.18
N ALA M 27 -16.31 13.99 13.83
CA ALA M 27 -16.02 12.58 14.05
C ALA M 27 -14.75 12.46 14.88
N LYS M 28 -14.46 11.24 15.31
CA LYS M 28 -13.21 10.90 15.96
C LYS M 28 -12.75 9.54 15.45
N GLY M 29 -11.44 9.33 15.42
CA GLY M 29 -10.87 8.08 14.98
C GLY M 29 -10.66 8.03 13.48
N GLN M 30 -10.45 6.83 12.98
CA GLN M 30 -10.27 6.62 11.56
C GLN M 30 -11.58 6.79 10.82
N VAL M 31 -11.56 7.59 9.76
CA VAL M 31 -12.74 7.88 8.96
C VAL M 31 -12.43 7.53 7.52
N ARG M 32 -13.37 6.88 6.86
CA ARG M 32 -13.33 6.77 5.40
C ARG M 32 -14.63 7.28 4.84
N ILE M 33 -14.56 8.37 4.08
CA ILE M 33 -15.71 8.94 3.41
C ILE M 33 -15.67 8.51 1.97
N ASP M 34 -16.73 7.88 1.49
CA ASP M 34 -16.85 7.56 0.09
C ASP M 34 -18.09 8.15 -0.54
N GLY M 35 -18.96 8.78 0.25
CA GLY M 35 -20.21 9.28 -0.27
C GLY M 35 -20.15 10.72 -0.67
N LEU M 36 -20.72 11.58 0.16
CA LEU M 36 -20.66 13.01 -0.04
C LEU M 36 -20.77 13.67 1.32
N VAL M 37 -20.19 14.86 1.45
CA VAL M 37 -20.42 15.71 2.62
C VAL M 37 -20.77 17.09 2.10
N ARG M 38 -21.92 17.58 2.47
CA ARG M 38 -22.24 18.99 2.27
C ARG M 38 -22.10 19.67 3.61
N GLY M 39 -20.97 20.34 3.81
CA GLY M 39 -20.68 20.95 5.09
C GLY M 39 -19.23 20.75 5.44
N SER M 40 -18.89 20.99 6.71
CA SER M 40 -17.52 20.96 7.15
C SER M 40 -17.25 19.74 8.01
N VAL M 41 -16.13 19.08 7.71
CA VAL M 41 -15.74 17.83 8.37
C VAL M 41 -14.68 18.16 9.40
N LEU M 42 -14.89 17.75 10.64
CA LEU M 42 -13.94 17.91 11.73
C LEU M 42 -13.61 16.53 12.26
N VAL M 43 -12.45 15.99 11.88
CA VAL M 43 -12.04 14.65 12.26
C VAL M 43 -10.76 14.74 13.06
N GLU M 44 -10.70 13.98 14.15
CA GLU M 44 -9.44 13.68 14.83
C GLU M 44 -9.05 12.26 14.48
N GLY M 45 -8.00 12.11 13.68
CA GLY M 45 -7.53 10.80 13.29
C GLY M 45 -7.30 10.76 11.80
N GLU M 46 -7.05 9.55 11.30
CA GLU M 46 -6.87 9.35 9.87
C GLU M 46 -8.18 9.64 9.15
N LEU M 47 -8.06 10.30 8.02
CA LEU M 47 -9.20 10.57 7.17
C LEU M 47 -8.88 10.03 5.79
N GLU M 48 -9.89 9.51 5.12
CA GLU M 48 -9.78 9.17 3.72
C GLU M 48 -11.03 9.63 3.00
N VAL M 49 -10.85 10.37 1.91
CA VAL M 49 -11.90 10.58 0.94
C VAL M 49 -11.76 9.50 -0.11
N GLY M 50 -12.83 8.77 -0.37
CA GLY M 50 -12.80 7.69 -1.33
C GLY M 50 -12.75 8.19 -2.74
N PRO M 51 -12.73 7.27 -3.71
CA PRO M 51 -12.59 7.68 -5.12
C PRO M 51 -13.78 8.44 -5.66
N THR M 52 -15.00 8.06 -5.29
CA THR M 52 -16.19 8.80 -5.67
C THR M 52 -16.65 9.74 -4.57
N GLY M 53 -15.89 9.84 -3.48
CA GLY M 53 -16.25 10.74 -2.41
C GLY M 53 -16.05 12.19 -2.79
N ARG M 54 -16.78 13.05 -2.10
CA ARG M 54 -16.69 14.48 -2.30
C ARG M 54 -16.94 15.15 -0.96
N VAL M 55 -16.06 16.04 -0.55
CA VAL M 55 -16.22 16.75 0.71
C VAL M 55 -16.33 18.24 0.36
N GLU M 56 -17.55 18.67 0.11
CA GLU M 56 -17.77 20.03 -0.34
C GLU M 56 -18.16 20.85 0.87
N GLY M 57 -17.47 21.94 1.09
CA GLY M 57 -17.76 22.71 2.29
C GLY M 57 -16.69 23.76 2.52
N GLU M 58 -16.37 23.96 3.80
CA GLU M 58 -15.42 25.00 4.16
C GLU M 58 -14.25 24.51 4.99
N ARG M 59 -14.46 23.62 5.95
CA ARG M 59 -13.44 23.23 6.92
C ARG M 59 -13.29 21.72 6.87
N VAL M 60 -12.13 21.25 6.42
CA VAL M 60 -11.78 19.85 6.53
C VAL M 60 -10.50 19.79 7.34
N GLU M 61 -10.62 19.55 8.64
CA GLU M 61 -9.48 19.52 9.53
C GLU M 61 -9.28 18.11 10.05
N ALA M 62 -8.05 17.61 9.95
CA ALA M 62 -7.79 16.23 10.33
C ALA M 62 -6.37 16.09 10.85
N ARG M 63 -5.87 14.86 10.91
CA ARG M 63 -4.50 14.57 11.29
C ARG M 63 -3.71 13.97 10.14
N SER M 64 -4.31 13.06 9.38
CA SER M 64 -3.70 12.60 8.15
C SER M 64 -4.82 12.40 7.15
N VAL M 65 -4.69 13.05 6.00
CA VAL M 65 -5.74 13.04 5.00
C VAL M 65 -5.25 12.27 3.80
N LEU M 66 -6.06 11.35 3.32
CA LEU M 66 -5.79 10.63 2.09
C LEU M 66 -6.89 10.92 1.09
N ILE M 67 -6.62 11.82 0.16
CA ILE M 67 -7.59 12.26 -0.82
C ILE M 67 -7.48 11.37 -2.04
N HIS M 68 -8.59 10.78 -2.44
CA HIS M 68 -8.65 9.99 -3.66
C HIS M 68 -9.78 10.41 -4.57
N GLY M 69 -10.64 11.33 -4.13
CA GLY M 69 -11.74 11.83 -4.93
C GLY M 69 -11.67 13.32 -5.10
N GLU M 70 -12.68 14.03 -4.60
CA GLU M 70 -12.73 15.48 -4.71
C GLU M 70 -12.86 16.10 -3.32
N VAL M 71 -12.20 17.22 -3.13
CA VAL M 71 -12.32 18.05 -1.93
C VAL M 71 -12.45 19.48 -2.39
N LYS M 72 -13.33 20.25 -1.79
CA LYS M 72 -13.33 21.69 -2.02
C LYS M 72 -13.56 22.38 -0.68
N ALA M 73 -12.49 22.63 0.05
CA ALA M 73 -12.56 23.32 1.33
C ALA M 73 -11.19 23.82 1.76
N GLU M 74 -11.13 24.56 2.86
CA GLU M 74 -9.87 25.07 3.40
C GLU M 74 -9.28 23.98 4.27
N LEU M 75 -8.68 23.00 3.61
CA LEU M 75 -8.20 21.81 4.30
C LEU M 75 -7.00 22.16 5.17
N THR M 76 -6.86 21.43 6.27
CA THR M 76 -5.75 21.66 7.19
C THR M 76 -5.44 20.35 7.90
N ALA M 77 -4.19 19.92 7.85
CA ALA M 77 -3.83 18.64 8.43
C ALA M 77 -2.34 18.68 8.80
N GLU M 78 -1.80 17.50 9.08
CA GLU M 78 -0.37 17.33 9.21
C GLU M 78 0.22 16.77 7.92
N LYS M 79 -0.29 15.62 7.48
CA LYS M 79 0.21 14.94 6.29
C LYS M 79 -0.96 14.86 5.32
N VAL M 80 -0.88 15.60 4.22
CA VAL M 80 -1.91 15.59 3.19
C VAL M 80 -1.39 14.77 2.04
N VAL M 81 -1.66 13.50 2.05
CA VAL M 81 -1.18 12.61 1.01
C VAL M 81 -2.31 12.36 0.04
N LEU M 82 -1.99 12.31 -1.25
CA LEU M 82 -3.01 12.27 -2.28
C LEU M 82 -2.81 11.02 -3.12
N SER M 83 -3.57 10.92 -4.20
CA SER M 83 -3.48 9.80 -5.12
C SER M 83 -3.43 10.31 -6.55
N LYS M 84 -3.52 9.35 -7.48
CA LYS M 84 -3.40 9.68 -8.89
C LYS M 84 -4.64 10.35 -9.45
N THR M 85 -5.80 10.10 -8.85
CA THR M 85 -7.07 10.59 -9.36
C THR M 85 -7.70 11.63 -8.44
N ALA M 86 -6.91 12.19 -7.54
CA ALA M 86 -7.42 13.18 -6.59
C ALA M 86 -7.72 14.49 -7.30
N ARG M 87 -8.45 15.35 -6.61
CA ARG M 87 -8.80 16.65 -7.14
C ARG M 87 -9.04 17.58 -5.96
N PHE M 88 -8.09 18.46 -5.68
CA PHE M 88 -8.18 19.40 -4.59
C PHE M 88 -8.70 20.72 -5.11
N THR M 89 -9.28 21.53 -4.22
CA THR M 89 -9.64 22.91 -4.53
C THR M 89 -9.55 23.64 -3.19
N GLY M 90 -9.20 24.91 -3.21
CA GLY M 90 -9.28 25.73 -2.02
C GLY M 90 -7.95 25.82 -1.34
N GLN M 91 -7.95 26.51 -0.19
CA GLN M 91 -6.72 26.72 0.56
C GLN M 91 -6.25 25.42 1.17
N LEU M 92 -5.03 25.43 1.69
CA LEU M 92 -4.43 24.25 2.30
C LEU M 92 -3.43 24.73 3.33
N LYS M 93 -3.23 23.94 4.38
CA LYS M 93 -2.24 24.24 5.42
C LYS M 93 -1.78 22.93 6.04
N ALA M 94 -0.65 22.42 5.57
CA ALA M 94 -0.14 21.13 5.97
C ALA M 94 1.27 21.24 6.54
N GLN M 95 1.88 20.08 6.73
CA GLN M 95 3.30 20.01 7.05
C GLN M 95 4.05 19.10 6.09
N ALA M 96 3.35 18.25 5.34
CA ALA M 96 4.00 17.37 4.37
C ALA M 96 3.01 17.15 3.23
N LEU M 97 3.07 18.00 2.21
CA LEU M 97 2.13 17.95 1.09
C LEU M 97 2.64 16.93 0.07
N GLU M 98 2.20 15.69 0.21
CA GLU M 98 2.71 14.60 -0.61
C GLU M 98 1.70 14.28 -1.71
N VAL M 99 1.92 14.84 -2.87
CA VAL M 99 1.11 14.59 -4.06
C VAL M 99 1.85 13.57 -4.91
N GLU M 100 1.12 12.62 -5.50
CA GLU M 100 1.83 11.63 -6.29
C GLU M 100 2.11 12.13 -7.70
N ALA M 101 1.11 12.12 -8.58
CA ALA M 101 1.24 12.83 -9.85
C ALA M 101 0.02 13.66 -10.17
N GLY M 102 -1.15 13.02 -10.28
CA GLY M 102 -2.26 13.59 -11.01
C GLY M 102 -3.32 14.31 -10.21
N ALA M 103 -2.94 15.27 -9.38
CA ALA M 103 -3.92 16.07 -8.67
C ALA M 103 -4.07 17.40 -9.37
N VAL M 104 -5.31 17.83 -9.58
CA VAL M 104 -5.56 19.17 -10.06
C VAL M 104 -5.65 20.00 -8.78
N PHE M 105 -4.50 20.36 -8.24
CA PHE M 105 -4.40 21.03 -6.94
C PHE M 105 -4.49 22.52 -7.18
N VAL M 106 -5.67 23.07 -6.94
CA VAL M 106 -5.98 24.45 -7.27
C VAL M 106 -6.19 25.21 -5.97
N GLY M 107 -5.22 25.99 -5.57
CA GLY M 107 -5.43 26.84 -4.42
C GLY M 107 -4.16 27.08 -3.65
N GLN M 108 -4.13 28.22 -2.96
CA GLN M 108 -2.97 28.67 -2.23
C GLN M 108 -2.71 27.78 -1.02
N SER M 109 -1.46 27.33 -0.87
CA SER M 109 -1.11 26.41 0.20
C SER M 109 0.07 26.93 1.00
N VAL M 110 0.16 26.44 2.23
CA VAL M 110 1.33 26.62 3.09
C VAL M 110 1.74 25.24 3.54
N ALA M 111 3.04 24.97 3.53
CA ALA M 111 3.52 23.68 4.01
C ALA M 111 4.90 23.84 4.65
N GLY M 112 5.60 22.73 4.84
CA GLY M 112 6.96 22.76 5.35
C GLY M 112 7.08 23.19 6.80
N LEU N 12 -23.00 -0.45 3.69
CA LEU N 12 -22.90 -0.27 5.13
C LEU N 12 -22.45 1.16 5.40
N THR N 13 -22.96 1.74 6.48
CA THR N 13 -22.53 3.06 6.92
C THR N 13 -22.44 3.05 8.44
N TYR N 14 -21.30 2.66 8.96
CA TYR N 14 -21.13 2.61 10.40
C TYR N 14 -20.64 3.97 10.88
N LEU N 15 -21.29 4.51 11.89
CA LEU N 15 -20.75 5.63 12.63
C LEU N 15 -20.21 5.14 13.96
N GLY N 16 -19.17 5.80 14.43
CA GLY N 16 -18.48 5.37 15.62
C GLY N 16 -19.25 5.67 16.88
N PRO N 17 -18.63 5.44 18.02
CA PRO N 17 -19.30 5.72 19.29
C PRO N 17 -19.43 7.21 19.56
N ASP N 18 -18.46 7.98 19.07
CA ASP N 18 -18.43 9.43 19.27
C ASP N 18 -18.30 10.19 17.94
N THR N 19 -19.39 10.18 17.18
CA THR N 19 -19.40 10.77 15.84
C THR N 19 -20.62 11.68 15.76
N GLU N 20 -20.49 12.90 16.25
CA GLU N 20 -21.64 13.77 16.40
C GLU N 20 -21.87 14.52 15.11
N VAL N 21 -22.86 14.12 14.35
CA VAL N 21 -23.11 14.71 13.05
C VAL N 21 -24.25 15.71 13.16
N LEU N 22 -23.91 16.98 13.06
CA LEU N 22 -24.93 18.01 12.96
C LEU N 22 -25.47 17.95 11.54
N GLY N 23 -26.74 18.23 11.39
CA GLY N 23 -27.31 18.39 10.07
C GLY N 23 -28.06 17.16 9.63
N ASP N 24 -28.67 17.27 8.45
CA ASP N 24 -29.64 16.30 7.97
C ASP N 24 -28.94 15.18 7.23
N MET N 25 -28.62 14.10 7.93
CA MET N 25 -27.96 12.96 7.31
C MET N 25 -28.92 12.24 6.38
N ARG N 26 -28.46 11.99 5.15
CA ARG N 26 -29.26 11.28 4.14
C ARG N 26 -28.41 10.11 3.65
N ALA N 27 -28.84 8.90 3.96
CA ALA N 27 -28.02 7.73 3.72
C ALA N 27 -28.81 6.74 2.87
N LYS N 28 -28.13 5.70 2.41
CA LYS N 28 -28.75 4.56 1.75
C LYS N 28 -28.07 3.28 2.22
N GLY N 29 -28.82 2.19 2.24
CA GLY N 29 -28.29 0.91 2.64
C GLY N 29 -28.40 0.70 4.14
N GLN N 30 -27.66 -0.30 4.62
CA GLN N 30 -27.62 -0.61 6.03
C GLN N 30 -26.83 0.46 6.78
N VAL N 31 -27.41 0.96 7.85
CA VAL N 31 -26.80 2.00 8.67
C VAL N 31 -26.76 1.51 10.10
N ARG N 32 -25.62 1.73 10.76
CA ARG N 32 -25.56 1.59 12.20
C ARG N 32 -25.03 2.88 12.80
N ILE N 33 -25.87 3.56 13.57
CA ILE N 33 -25.48 4.77 14.27
C ILE N 33 -25.19 4.41 15.71
N ASP N 34 -23.99 4.74 16.17
CA ASP N 34 -23.66 4.57 17.58
C ASP N 34 -23.22 5.87 18.22
N GLY N 35 -23.09 6.95 17.46
CA GLY N 35 -22.60 8.20 18.00
C GLY N 35 -23.69 9.14 18.43
N LEU N 36 -23.93 10.16 17.63
CA LEU N 36 -25.01 11.09 17.85
C LEU N 36 -25.42 11.65 16.50
N VAL N 37 -26.68 12.05 16.40
CA VAL N 37 -27.16 12.82 15.26
C VAL N 37 -27.92 14.02 15.80
N ARG N 38 -27.49 15.20 15.45
CA ARG N 38 -28.28 16.40 15.69
C ARG N 38 -28.89 16.79 14.36
N GLY N 39 -30.16 16.44 14.17
CA GLY N 39 -30.80 16.67 12.90
C GLY N 39 -31.66 15.48 12.52
N SER N 40 -32.07 15.43 11.26
CA SER N 40 -33.01 14.42 10.80
C SER N 40 -32.32 13.41 9.92
N VAL N 41 -32.59 12.14 10.20
CA VAL N 41 -31.97 11.01 9.51
C VAL N 41 -32.95 10.47 8.48
N LEU N 42 -32.51 10.38 7.23
CA LEU N 42 -33.30 9.83 6.14
C LEU N 42 -32.53 8.64 5.57
N VAL N 43 -32.92 7.43 5.94
CA VAL N 43 -32.24 6.22 5.52
C VAL N 43 -33.19 5.36 4.69
N GLU N 44 -32.69 4.81 3.60
CA GLU N 44 -33.35 3.72 2.90
C GLU N 44 -32.57 2.45 3.23
N GLY N 45 -33.18 1.58 4.00
CA GLY N 45 -32.56 0.32 4.36
C GLY N 45 -32.66 0.09 5.85
N GLU N 46 -31.95 -0.93 6.32
CA GLU N 46 -31.92 -1.23 7.74
C GLU N 46 -31.23 -0.11 8.48
N LEU N 47 -31.77 0.24 9.64
CA LEU N 47 -31.18 1.25 10.49
C LEU N 47 -30.99 0.60 11.85
N GLU N 48 -29.92 0.97 12.52
CA GLU N 48 -29.73 0.63 13.92
C GLU N 48 -29.20 1.84 14.66
N VAL N 49 -29.85 2.18 15.75
CA VAL N 49 -29.27 3.09 16.74
C VAL N 49 -28.57 2.21 17.77
N GLY N 50 -27.30 2.49 18.02
CA GLY N 50 -26.53 1.70 18.95
C GLY N 50 -26.91 1.98 20.38
N PRO N 51 -26.25 1.31 21.33
CA PRO N 51 -26.63 1.46 22.74
C PRO N 51 -26.36 2.84 23.32
N THR N 52 -25.25 3.46 22.95
CA THR N 52 -24.96 4.83 23.35
C THR N 52 -25.35 5.84 22.27
N GLY N 53 -25.95 5.38 21.18
CA GLY N 53 -26.35 6.28 20.13
C GLY N 53 -27.55 7.12 20.54
N ARG N 54 -27.68 8.26 19.87
CA ARG N 54 -28.79 9.17 20.10
C ARG N 54 -29.11 9.84 18.79
N VAL N 55 -30.37 9.82 18.40
CA VAL N 55 -30.78 10.45 17.15
C VAL N 55 -31.77 11.54 17.52
N GLU N 56 -31.26 12.73 17.79
CA GLU N 56 -32.08 13.81 18.27
C GLU N 56 -32.43 14.68 17.09
N GLY N 57 -33.69 14.93 16.88
CA GLY N 57 -34.06 15.70 15.71
C GLY N 57 -35.56 15.65 15.49
N GLU N 58 -35.95 15.58 14.21
CA GLU N 58 -37.36 15.61 13.87
C GLU N 58 -37.81 14.44 13.01
N ARG N 59 -37.03 14.01 12.03
CA ARG N 59 -37.46 13.02 11.06
C ARG N 59 -36.46 11.87 11.08
N VAL N 60 -36.92 10.70 11.50
CA VAL N 60 -36.13 9.48 11.36
C VAL N 60 -36.99 8.53 10.53
N GLU N 61 -36.73 8.47 9.23
CA GLU N 61 -37.51 7.64 8.32
C GLU N 61 -36.62 6.54 7.78
N ALA N 62 -37.11 5.31 7.84
CA ALA N 62 -36.28 4.18 7.44
C ALA N 62 -37.18 3.05 6.90
N ARG N 63 -36.61 1.86 6.81
CA ARG N 63 -37.35 0.67 6.41
C ARG N 63 -37.45 -0.34 7.54
N SER N 64 -36.37 -0.56 8.28
CA SER N 64 -36.44 -1.33 9.50
C SER N 64 -35.52 -0.69 10.52
N VAL N 65 -36.06 -0.36 11.68
CA VAL N 65 -35.33 0.39 12.69
C VAL N 65 -35.09 -0.53 13.87
N LEU N 66 -33.86 -0.58 14.33
CA LEU N 66 -33.52 -1.31 15.53
C LEU N 66 -32.96 -0.32 16.55
N ILE N 67 -33.79 0.07 17.51
CA ILE N 67 -33.43 1.07 18.51
C ILE N 67 -32.85 0.34 19.70
N HIS N 68 -31.66 0.75 20.10
CA HIS N 68 -31.04 0.21 21.30
C HIS N 68 -30.55 1.30 22.23
N GLY N 69 -30.63 2.57 21.81
CA GLY N 69 -30.23 3.69 22.64
C GLY N 69 -31.36 4.67 22.84
N GLU N 70 -31.19 5.89 22.37
CA GLU N 70 -32.21 6.92 22.50
C GLU N 70 -32.57 7.48 21.14
N VAL N 71 -33.86 7.78 20.95
CA VAL N 71 -34.37 8.45 19.77
C VAL N 71 -35.33 9.52 20.28
N LYS N 72 -35.29 10.71 19.69
CA LYS N 72 -36.33 11.70 19.95
C LYS N 72 -36.68 12.37 18.63
N ALA N 73 -37.60 11.76 17.90
CA ALA N 73 -38.07 12.32 16.63
C ALA N 73 -39.39 11.68 16.20
N GLU N 74 -39.98 12.16 15.12
CA GLU N 74 -41.21 11.62 14.59
C GLU N 74 -40.84 10.45 13.68
N LEU N 75 -40.53 9.32 14.31
CA LEU N 75 -40.00 8.17 13.59
C LEU N 75 -41.09 7.56 12.73
N THR N 76 -40.68 6.99 11.60
CA THR N 76 -41.61 6.36 10.67
C THR N 76 -40.87 5.25 9.93
N ALA N 77 -41.41 4.04 9.96
CA ALA N 77 -40.74 2.91 9.36
C ALA N 77 -41.79 1.86 8.97
N GLU N 78 -41.32 0.67 8.67
CA GLU N 78 -42.17 -0.49 8.52
C GLU N 78 -42.16 -1.33 9.79
N LYS N 79 -40.98 -1.76 10.21
CA LYS N 79 -40.80 -2.60 11.38
C LYS N 79 -39.94 -1.83 12.37
N VAL N 80 -40.52 -1.42 13.48
CA VAL N 80 -39.79 -0.68 14.51
C VAL N 80 -39.55 -1.65 15.65
N VAL N 81 -38.44 -2.33 15.60
CA VAL N 81 -38.11 -3.32 16.62
C VAL N 81 -37.15 -2.68 17.60
N LEU N 82 -37.32 -2.97 18.87
CA LEU N 82 -36.57 -2.29 19.91
C LEU N 82 -35.79 -3.32 20.73
N SER N 83 -35.19 -2.85 21.80
CA SER N 83 -34.44 -3.70 22.70
C SER N 83 -34.82 -3.42 24.15
N LYS N 84 -34.06 -4.03 25.06
CA LYS N 84 -34.36 -3.92 26.49
C LYS N 84 -33.99 -2.57 27.06
N THR N 85 -33.01 -1.88 26.47
CA THR N 85 -32.49 -0.64 27.00
C THR N 85 -32.82 0.55 26.10
N ALA N 86 -33.79 0.39 25.21
CA ALA N 86 -34.17 1.44 24.29
C ALA N 86 -34.90 2.55 25.03
N ARG N 87 -35.04 3.69 24.37
CA ARG N 87 -35.73 4.84 24.93
C ARG N 87 -36.25 5.67 23.77
N PHE N 88 -37.55 5.58 23.50
CA PHE N 88 -38.18 6.32 22.43
C PHE N 88 -38.77 7.60 22.98
N THR N 89 -38.97 8.59 22.12
CA THR N 89 -39.73 9.78 22.45
C THR N 89 -40.32 10.25 21.13
N GLY N 90 -41.49 10.87 21.17
CA GLY N 90 -42.04 11.52 20.01
C GLY N 90 -43.05 10.64 19.31
N GLN N 91 -43.54 11.13 18.18
CA GLN N 91 -44.54 10.40 17.42
C GLN N 91 -43.93 9.17 16.78
N LEU N 92 -44.79 8.31 16.25
CA LEU N 92 -44.34 7.07 15.61
C LEU N 92 -45.39 6.70 14.58
N LYS N 93 -44.96 6.03 13.51
CA LYS N 93 -45.87 5.55 12.48
C LYS N 93 -45.24 4.32 11.83
N ALA N 94 -45.65 3.15 12.28
CA ALA N 94 -45.06 1.89 11.84
C ALA N 94 -46.12 0.96 11.27
N GLN N 95 -45.70 -0.28 11.05
CA GLN N 95 -46.61 -1.36 10.70
C GLN N 95 -46.48 -2.55 11.63
N ALA N 96 -45.37 -2.64 12.37
CA ALA N 96 -45.16 -3.72 13.32
C ALA N 96 -44.31 -3.20 14.47
N LEU N 97 -44.96 -2.68 15.50
CA LEU N 97 -44.27 -2.06 16.62
C LEU N 97 -43.87 -3.13 17.62
N GLU N 98 -42.66 -3.66 17.46
CA GLU N 98 -42.21 -4.81 18.27
C GLU N 98 -41.27 -4.31 19.35
N VAL N 99 -41.82 -4.11 20.53
CA VAL N 99 -41.08 -3.73 21.71
C VAL N 99 -40.83 -4.98 22.54
N GLU N 100 -39.64 -5.10 23.11
CA GLU N 100 -39.41 -6.32 23.87
C GLU N 100 -39.93 -6.22 25.30
N ALA N 101 -39.24 -5.50 26.19
CA ALA N 101 -39.84 -5.15 27.47
C ALA N 101 -39.59 -3.70 27.82
N GLY N 102 -38.32 -3.29 27.92
CA GLY N 102 -37.97 -2.11 28.67
C GLY N 102 -37.76 -0.82 27.90
N ALA N 103 -38.73 -0.42 27.09
CA ALA N 103 -38.65 0.85 26.40
C ALA N 103 -39.51 1.87 27.13
N VAL N 104 -38.96 3.05 27.37
CA VAL N 104 -39.76 4.15 27.86
C VAL N 104 -40.31 4.81 26.61
N PHE N 105 -41.37 4.23 26.06
CA PHE N 105 -41.93 4.64 24.78
C PHE N 105 -42.96 5.73 25.06
N VAL N 106 -42.54 6.98 24.84
CA VAL N 106 -43.33 8.14 25.19
C VAL N 106 -43.75 8.84 23.92
N GLY N 107 -45.00 8.67 23.52
CA GLY N 107 -45.47 9.44 22.39
C GLY N 107 -46.54 8.69 21.61
N GLN N 108 -47.39 9.47 20.96
CA GLN N 108 -48.52 8.95 20.22
C GLN N 108 -48.06 8.18 19.01
N SER N 109 -48.60 6.97 18.82
CA SER N 109 -48.18 6.11 17.73
C SER N 109 -49.37 5.61 16.93
N VAL N 110 -49.09 5.24 15.69
CA VAL N 110 -50.03 4.54 14.82
C VAL N 110 -49.32 3.29 14.35
N ALA N 111 -50.01 2.17 14.32
CA ALA N 111 -49.43 0.94 13.82
C ALA N 111 -50.48 0.06 13.17
N GLY N 112 -50.16 -1.21 12.96
CA GLY N 112 -51.12 -2.16 12.43
C GLY N 112 -51.52 -1.92 10.98
N LEU O 12 -29.29 -22.16 11.42
CA LEU O 12 -28.24 -21.83 12.37
C LEU O 12 -28.09 -22.97 13.35
N THR O 13 -26.86 -23.25 13.76
CA THR O 13 -26.58 -24.24 14.78
C THR O 13 -25.50 -23.71 15.69
N TYR O 14 -25.88 -22.98 16.72
CA TYR O 14 -24.91 -22.42 17.65
C TYR O 14 -24.65 -23.43 18.74
N LEU O 15 -23.39 -23.69 19.00
CA LEU O 15 -22.99 -24.40 20.20
C LEU O 15 -22.41 -23.40 21.19
N GLY O 16 -22.61 -23.69 22.47
CA GLY O 16 -22.22 -22.77 23.51
C GLY O 16 -20.72 -22.75 23.74
N PRO O 17 -20.29 -22.05 24.76
CA PRO O 17 -18.86 -21.99 25.07
C PRO O 17 -18.33 -23.30 25.63
N ASP O 18 -19.20 -24.03 26.35
CA ASP O 18 -18.84 -25.30 26.97
C ASP O 18 -19.81 -26.42 26.59
N THR O 19 -19.69 -26.85 25.34
CA THR O 19 -20.59 -27.86 24.78
C THR O 19 -19.74 -28.93 24.12
N GLU O 20 -19.25 -29.86 24.92
CA GLU O 20 -18.27 -30.82 24.43
C GLU O 20 -18.99 -31.99 23.79
N VAL O 21 -18.99 -32.04 22.47
CA VAL O 21 -19.72 -33.07 21.75
C VAL O 21 -18.75 -34.15 21.30
N LEU O 22 -18.84 -35.30 21.93
CA LEU O 22 -18.11 -36.46 21.46
C LEU O 22 -18.85 -36.98 20.24
N GLY O 23 -18.12 -37.49 19.28
CA GLY O 23 -18.72 -38.19 18.17
C GLY O 23 -18.78 -37.32 16.94
N ASP O 24 -19.26 -37.92 15.86
CA ASP O 24 -19.16 -37.35 14.53
C ASP O 24 -20.35 -36.45 14.26
N MET O 25 -20.19 -35.16 14.52
CA MET O 25 -21.26 -34.20 14.28
C MET O 25 -21.48 -34.01 12.79
N ARG O 26 -22.73 -34.10 12.36
CA ARG O 26 -23.11 -33.94 10.95
C ARG O 26 -24.20 -32.87 10.91
N ALA O 27 -23.89 -31.71 10.35
CA ALA O 27 -24.78 -30.57 10.44
C ALA O 27 -25.07 -30.08 9.03
N LYS O 28 -26.02 -29.15 8.93
CA LYS O 28 -26.31 -28.42 7.70
C LYS O 28 -26.59 -26.97 8.05
N GLY O 29 -26.28 -26.08 7.13
CA GLY O 29 -26.51 -24.67 7.30
C GLY O 29 -25.35 -23.97 8.00
N GLN O 30 -25.61 -22.77 8.48
CA GLN O 30 -24.62 -22.01 9.19
C GLN O 30 -24.38 -22.60 10.57
N VAL O 31 -23.11 -22.80 10.91
CA VAL O 31 -22.72 -23.40 12.18
C VAL O 31 -21.75 -22.44 12.85
N ARG O 32 -21.92 -22.24 14.15
CA ARG O 32 -20.91 -21.61 14.96
C ARG O 32 -20.58 -22.51 16.13
N ILE O 33 -19.36 -23.02 16.17
CA ILE O 33 -18.88 -23.85 17.26
C ILE O 33 -18.04 -22.97 18.17
N ASP O 34 -18.40 -22.93 19.45
CA ASP O 34 -17.58 -22.25 20.43
C ASP O 34 -17.14 -23.16 21.56
N GLY O 35 -17.64 -24.39 21.59
CA GLY O 35 -17.34 -25.28 22.70
C GLY O 35 -16.18 -26.19 22.44
N LEU O 36 -16.47 -27.45 22.15
CA LEU O 36 -15.46 -28.41 21.79
C LEU O 36 -16.12 -29.46 20.91
N VAL O 37 -15.35 -30.08 20.04
CA VAL O 37 -15.79 -31.25 19.30
C VAL O 37 -14.69 -32.30 19.43
N ARG O 38 -15.05 -33.45 19.97
CA ARG O 38 -14.18 -34.61 19.92
C ARG O 38 -14.73 -35.53 18.83
N GLY O 39 -14.13 -35.48 17.66
CA GLY O 39 -14.64 -36.22 16.53
C GLY O 39 -14.57 -35.40 15.27
N SER O 40 -15.27 -35.85 14.24
CA SER O 40 -15.18 -35.22 12.93
C SER O 40 -16.45 -34.46 12.61
N VAL O 41 -16.27 -33.24 12.12
CA VAL O 41 -17.37 -32.33 11.83
C VAL O 41 -17.61 -32.34 10.33
N LEU O 42 -18.85 -32.59 9.93
CA LEU O 42 -19.26 -32.59 8.53
C LEU O 42 -20.38 -31.55 8.39
N VAL O 43 -20.04 -30.37 7.88
CA VAL O 43 -20.99 -29.27 7.75
C VAL O 43 -21.13 -28.92 6.28
N GLU O 44 -22.38 -28.70 5.85
CA GLU O 44 -22.65 -28.03 4.60
C GLU O 44 -23.11 -26.62 4.93
N GLY O 45 -22.28 -25.64 4.61
CA GLY O 45 -22.60 -24.25 4.85
C GLY O 45 -21.44 -23.56 5.53
N GLU O 46 -21.70 -22.33 5.97
CA GLU O 46 -20.70 -21.58 6.70
C GLU O 46 -20.40 -22.25 8.02
N LEU O 47 -19.12 -22.27 8.38
CA LEU O 47 -18.69 -22.82 9.65
C LEU O 47 -17.88 -21.74 10.33
N GLU O 48 -18.00 -21.66 11.64
CA GLU O 48 -17.12 -20.84 12.45
C GLU O 48 -16.70 -21.63 13.67
N VAL O 49 -15.40 -21.69 13.93
CA VAL O 49 -14.88 -22.08 15.22
C VAL O 49 -14.68 -20.82 16.02
N GLY O 50 -15.26 -20.77 17.22
CA GLY O 50 -15.17 -19.60 18.05
C GLY O 50 -13.80 -19.45 18.66
N PRO O 51 -13.61 -18.39 19.46
CA PRO O 51 -12.27 -18.12 20.02
C PRO O 51 -11.80 -19.16 21.01
N THR O 52 -12.68 -19.67 21.86
CA THR O 52 -12.34 -20.76 22.77
C THR O 52 -12.75 -22.12 22.22
N GLY O 53 -13.26 -22.15 20.99
CA GLY O 53 -13.65 -23.41 20.41
C GLY O 53 -12.45 -24.25 20.03
N ARG O 54 -12.69 -25.56 19.94
CA ARG O 54 -11.67 -26.51 19.55
C ARG O 54 -12.36 -27.63 18.80
N VAL O 55 -11.86 -27.95 17.61
CA VAL O 55 -12.43 -29.03 16.82
C VAL O 55 -11.35 -30.08 16.66
N GLU O 56 -11.27 -31.00 17.60
CA GLU O 56 -10.22 -31.98 17.61
C GLU O 56 -10.75 -33.25 16.98
N GLY O 57 -10.07 -33.75 16.00
CA GLY O 57 -10.60 -34.92 15.33
C GLY O 57 -9.83 -35.21 14.05
N GLU O 58 -10.56 -35.63 13.03
CA GLU O 58 -9.91 -36.03 11.78
C GLU O 58 -10.46 -35.30 10.55
N ARG O 59 -11.76 -35.10 10.44
CA ARG O 59 -12.40 -34.59 9.24
C ARG O 59 -13.19 -33.35 9.60
N VAL O 60 -12.78 -32.20 9.11
CA VAL O 60 -13.57 -30.98 9.20
C VAL O 60 -13.81 -30.53 7.77
N GLU O 61 -14.96 -30.87 7.22
CA GLU O 61 -15.29 -30.54 5.84
C GLU O 61 -16.44 -29.55 5.82
N ALA O 62 -16.27 -28.46 5.07
CA ALA O 62 -17.29 -27.41 5.08
C ALA O 62 -17.30 -26.70 3.73
N ARG O 63 -17.92 -25.53 3.69
CA ARG O 63 -17.95 -24.69 2.51
C ARG O 63 -17.19 -23.39 2.72
N SER O 64 -17.35 -22.76 3.88
CA SER O 64 -16.51 -21.65 4.24
C SER O 64 -16.23 -21.74 5.72
N VAL O 65 -14.95 -21.75 6.08
CA VAL O 65 -14.54 -21.98 7.45
C VAL O 65 -13.94 -20.69 7.98
N LEU O 66 -14.38 -20.27 9.15
CA LEU O 66 -13.81 -19.14 9.85
C LEU O 66 -13.23 -19.61 11.17
N ILE O 67 -11.91 -19.79 11.20
CA ILE O 67 -11.23 -20.32 12.38
C ILE O 67 -10.81 -19.15 13.24
N HIS O 68 -11.19 -19.18 14.51
CA HIS O 68 -10.77 -18.19 15.46
C HIS O 68 -10.20 -18.80 16.73
N GLY O 69 -10.26 -20.13 16.86
CA GLY O 69 -9.72 -20.82 18.01
C GLY O 69 -8.70 -21.85 17.60
N GLU O 70 -8.96 -23.11 17.89
CA GLU O 70 -8.05 -24.20 17.54
C GLU O 70 -8.76 -25.23 16.69
N VAL O 71 -8.03 -25.78 15.72
CA VAL O 71 -8.49 -26.89 14.90
C VAL O 71 -7.33 -27.87 14.83
N LYS O 72 -7.62 -29.16 14.93
CA LYS O 72 -6.60 -30.16 14.63
C LYS O 72 -7.26 -31.29 13.86
N ALA O 73 -7.33 -31.13 12.54
CA ALA O 73 -7.90 -32.15 11.66
C ALA O 73 -7.48 -31.93 10.22
N GLU O 74 -7.87 -32.84 9.33
CA GLU O 74 -7.57 -32.73 7.91
C GLU O 74 -8.67 -31.89 7.29
N LEU O 75 -8.57 -30.58 7.49
CA LEU O 75 -9.63 -29.66 7.09
C LEU O 75 -9.70 -29.58 5.57
N THR O 76 -10.91 -29.35 5.06
CA THR O 76 -11.11 -29.24 3.62
C THR O 76 -12.31 -28.34 3.39
N ALA O 77 -12.14 -27.30 2.58
CA ALA O 77 -13.21 -26.34 2.35
C ALA O 77 -13.00 -25.68 1.01
N GLU O 78 -13.73 -24.59 0.78
CA GLU O 78 -13.48 -23.71 -0.35
C GLU O 78 -12.66 -22.51 0.09
N LYS O 79 -13.16 -21.77 1.07
CA LYS O 79 -12.53 -20.57 1.57
C LYS O 79 -12.21 -20.80 3.03
N VAL O 80 -10.93 -20.91 3.37
CA VAL O 80 -10.49 -21.12 4.74
C VAL O 80 -9.94 -19.80 5.23
N VAL O 81 -10.79 -19.00 5.82
CA VAL O 81 -10.39 -17.69 6.30
C VAL O 81 -10.17 -17.78 7.79
N LEU O 82 -9.13 -17.11 8.28
CA LEU O 82 -8.72 -17.26 9.66
C LEU O 82 -8.75 -15.91 10.35
N SER O 83 -8.24 -15.88 11.57
CA SER O 83 -8.18 -14.66 12.35
C SER O 83 -6.80 -14.50 12.97
N LYS O 84 -6.69 -13.50 13.85
CA LYS O 84 -5.41 -13.17 14.45
C LYS O 84 -4.99 -14.16 15.52
N THR O 85 -5.95 -14.83 16.15
CA THR O 85 -5.68 -15.72 17.27
C THR O 85 -5.94 -17.18 16.93
N ALA O 86 -6.05 -17.49 15.64
CA ALA O 86 -6.33 -18.85 15.20
C ALA O 86 -5.13 -19.75 15.44
N ARG O 87 -5.36 -21.05 15.35
CA ARG O 87 -4.31 -22.04 15.53
C ARG O 87 -4.72 -23.29 14.78
N PHE O 88 -4.12 -23.51 13.62
CA PHE O 88 -4.42 -24.66 12.78
C PHE O 88 -3.41 -25.76 13.09
N THR O 89 -3.78 -27.00 12.79
CA THR O 89 -2.86 -28.12 12.82
C THR O 89 -3.39 -29.10 11.78
N GLY O 90 -2.53 -29.87 11.14
CA GLY O 90 -2.95 -30.95 10.30
C GLY O 90 -2.99 -30.53 8.85
N GLN O 91 -3.44 -31.46 8.00
CA GLN O 91 -3.50 -31.20 6.57
C GLN O 91 -4.58 -30.17 6.25
N LEU O 92 -4.57 -29.69 5.02
CA LEU O 92 -5.53 -28.70 4.57
C LEU O 92 -5.70 -28.87 3.08
N LYS O 93 -6.89 -28.54 2.58
CA LYS O 93 -7.17 -28.59 1.14
C LYS O 93 -8.26 -27.58 0.84
N ALA O 94 -7.85 -26.41 0.37
CA ALA O 94 -8.76 -25.29 0.15
C ALA O 94 -8.67 -24.79 -1.29
N GLN O 95 -9.30 -23.65 -1.52
CA GLN O 95 -9.15 -22.92 -2.77
C GLN O 95 -8.73 -21.48 -2.54
N ALA O 96 -8.88 -20.96 -1.33
CA ALA O 96 -8.46 -19.60 -1.01
C ALA O 96 -8.06 -19.56 0.46
N LEU O 97 -6.79 -19.80 0.72
CA LEU O 97 -6.28 -19.89 2.09
C LEU O 97 -5.95 -18.49 2.58
N GLU O 98 -6.92 -17.84 3.22
CA GLU O 98 -6.78 -16.44 3.62
C GLU O 98 -6.48 -16.38 5.11
N VAL O 99 -5.21 -16.26 5.41
CA VAL O 99 -4.72 -16.09 6.78
C VAL O 99 -4.45 -14.61 6.99
N GLU O 100 -4.79 -14.10 8.18
CA GLU O 100 -4.56 -12.68 8.36
C GLU O 100 -3.13 -12.37 8.80
N ALA O 101 -2.80 -12.63 10.07
CA ALA O 101 -1.39 -12.61 10.45
C ALA O 101 -1.05 -13.81 11.34
N GLY O 102 -1.70 -13.93 12.48
CA GLY O 102 -1.18 -14.72 13.57
C GLY O 102 -1.68 -16.13 13.74
N ALA O 103 -1.61 -16.94 12.69
CA ALA O 103 -1.98 -18.34 12.80
C ALA O 103 -0.72 -19.17 12.90
N VAL O 104 -0.71 -20.10 13.85
CA VAL O 104 0.36 -21.09 13.91
C VAL O 104 -0.14 -22.21 13.01
N PHE O 105 0.03 -22.04 11.71
CA PHE O 105 -0.52 -22.95 10.71
C PHE O 105 0.52 -24.03 10.46
N VAL O 106 0.29 -25.19 11.08
CA VAL O 106 1.24 -26.28 11.08
C VAL O 106 0.66 -27.42 10.29
N GLY O 107 1.11 -27.62 9.07
CA GLY O 107 0.70 -28.79 8.33
C GLY O 107 0.65 -28.53 6.85
N GLN O 108 0.82 -29.63 6.10
CA GLN O 108 0.91 -29.58 4.64
C GLN O 108 -0.44 -29.20 4.04
N SER O 109 -0.42 -28.23 3.13
CA SER O 109 -1.66 -27.73 2.54
C SER O 109 -1.58 -27.74 1.03
N VAL O 110 -2.75 -27.77 0.41
CA VAL O 110 -2.92 -27.57 -1.02
C VAL O 110 -3.94 -26.46 -1.18
N ALA O 111 -3.69 -25.53 -2.11
CA ALA O 111 -4.65 -24.47 -2.35
C ALA O 111 -4.60 -24.05 -3.81
N GLY O 112 -5.17 -22.90 -4.13
CA GLY O 112 -5.12 -22.36 -5.47
C GLY O 112 -5.91 -23.13 -6.51
N LEU P 12 -26.89 -20.95 25.57
CA LEU P 12 -27.82 -21.54 24.62
C LEU P 12 -27.05 -22.45 23.69
N THR P 13 -27.68 -23.56 23.31
CA THR P 13 -27.09 -24.47 22.33
C THR P 13 -28.21 -24.96 21.42
N TYR P 14 -28.47 -24.23 20.36
CA TYR P 14 -29.51 -24.61 19.43
C TYR P 14 -28.92 -25.52 18.38
N LEU P 15 -29.56 -26.65 18.15
CA LEU P 15 -29.29 -27.46 16.98
C LEU P 15 -30.39 -27.26 15.97
N GLY P 16 -30.04 -27.36 14.69
CA GLY P 16 -30.95 -27.07 13.62
C GLY P 16 -31.96 -28.18 13.42
N PRO P 17 -32.76 -28.07 12.38
CA PRO P 17 -33.75 -29.11 12.09
C PRO P 17 -33.11 -30.39 11.60
N ASP P 18 -31.99 -30.26 10.90
CA ASP P 18 -31.27 -31.41 10.33
C ASP P 18 -29.80 -31.42 10.74
N THR P 19 -29.58 -31.74 12.01
CA THR P 19 -28.24 -31.73 12.58
C THR P 19 -28.03 -33.05 13.30
N GLU P 20 -27.64 -34.07 12.55
CA GLU P 20 -27.59 -35.42 13.09
C GLU P 20 -26.26 -35.64 13.76
N VAL P 21 -26.25 -35.62 15.09
CA VAL P 21 -25.00 -35.74 15.83
C VAL P 21 -24.86 -37.16 16.34
N LEU P 22 -23.93 -37.89 15.76
CA LEU P 22 -23.57 -39.19 16.28
C LEU P 22 -22.71 -38.94 17.50
N GLY P 23 -22.83 -39.80 18.49
CA GLY P 23 -21.93 -39.76 19.62
C GLY P 23 -22.56 -39.10 20.82
N ASP P 24 -21.81 -39.09 21.91
CA ASP P 24 -22.33 -38.73 23.22
C ASP P 24 -22.22 -37.24 23.44
N MET P 25 -23.27 -36.50 23.13
CA MET P 25 -23.27 -35.07 23.31
C MET P 25 -23.29 -34.72 24.79
N ARG P 26 -22.38 -33.83 25.20
CA ARG P 26 -22.29 -33.38 26.59
C ARG P 26 -22.35 -31.86 26.57
N ALA P 27 -23.42 -31.29 27.09
CA ALA P 27 -23.68 -29.87 26.95
C ALA P 27 -23.87 -29.27 28.34
N LYS P 28 -23.94 -27.94 28.38
CA LYS P 28 -24.30 -27.19 29.58
C LYS P 28 -25.19 -26.04 29.16
N GLY P 29 -26.08 -25.63 30.06
CA GLY P 29 -26.97 -24.52 29.82
C GLY P 29 -28.24 -24.96 29.12
N GLN P 30 -28.94 -23.96 28.59
CA GLN P 30 -30.17 -24.23 27.86
C GLN P 30 -29.86 -24.85 26.51
N VAL P 31 -30.55 -25.94 26.20
CA VAL P 31 -30.36 -26.67 24.96
C VAL P 31 -31.70 -26.79 24.27
N ARG P 32 -31.71 -26.58 22.96
CA ARG P 32 -32.85 -26.94 22.14
C ARG P 32 -32.37 -27.83 21.01
N ILE P 33 -32.81 -29.08 21.02
CA ILE P 33 -32.49 -30.03 19.96
C ILE P 33 -33.69 -30.10 19.04
N ASP P 34 -33.47 -29.86 17.75
CA ASP P 34 -34.51 -30.05 16.77
C ASP P 34 -34.10 -31.03 15.68
N GLY P 35 -32.85 -31.48 15.68
CA GLY P 35 -32.36 -32.34 14.62
C GLY P 35 -32.47 -33.81 14.94
N LEU P 36 -31.35 -34.42 15.26
CA LEU P 36 -31.31 -35.80 15.68
C LEU P 36 -30.11 -35.97 16.59
N VAL P 37 -30.18 -36.92 17.50
CA VAL P 37 -29.02 -37.35 18.27
C VAL P 37 -28.97 -38.87 18.20
N ARG P 38 -27.88 -39.40 17.71
CA ARG P 38 -27.61 -40.82 17.82
C ARG P 38 -26.57 -40.98 18.92
N GLY P 39 -27.03 -41.34 20.11
CA GLY P 39 -26.15 -41.42 21.25
C GLY P 39 -26.83 -40.87 22.48
N SER P 40 -26.06 -40.61 23.52
CA SER P 40 -26.60 -40.21 24.80
C SER P 40 -26.32 -38.74 25.07
N VAL P 41 -27.35 -38.04 25.51
CA VAL P 41 -27.31 -36.60 25.75
C VAL P 41 -27.16 -36.38 27.25
N LEU P 42 -26.15 -35.61 27.64
CA LEU P 42 -25.91 -35.25 29.03
C LEU P 42 -25.93 -33.72 29.11
N VAL P 43 -27.04 -33.16 29.58
CA VAL P 43 -27.23 -31.72 29.64
C VAL P 43 -27.42 -31.31 31.10
N GLU P 44 -26.77 -30.23 31.50
CA GLU P 44 -27.09 -29.53 32.72
C GLU P 44 -27.84 -28.26 32.32
N GLY P 45 -29.12 -28.21 32.62
CA GLY P 45 -29.93 -27.05 32.32
C GLY P 45 -31.20 -27.48 31.63
N GLU P 46 -31.94 -26.49 31.14
CA GLU P 46 -33.15 -26.75 30.40
C GLU P 46 -32.83 -27.48 29.11
N LEU P 47 -33.67 -28.45 28.78
CA LEU P 47 -33.53 -29.19 27.54
C LEU P 47 -34.87 -29.09 26.83
N GLU P 48 -34.82 -29.00 25.51
CA GLU P 48 -35.99 -29.14 24.69
C GLU P 48 -35.67 -30.02 23.50
N VAL P 49 -36.49 -31.04 23.28
CA VAL P 49 -36.52 -31.75 22.01
C VAL P 49 -37.57 -31.07 21.16
N GLY P 50 -37.21 -30.67 19.95
CA GLY P 50 -38.12 -29.98 19.07
C GLY P 50 -39.15 -30.91 18.48
N PRO P 51 -40.04 -30.38 17.65
CA PRO P 51 -41.13 -31.21 17.10
C PRO P 51 -40.66 -32.30 16.15
N THR P 52 -39.66 -32.02 15.31
CA THR P 52 -39.07 -33.04 14.46
C THR P 52 -37.80 -33.62 15.05
N GLY P 53 -37.45 -33.21 16.26
CA GLY P 53 -36.26 -33.74 16.89
C GLY P 53 -36.45 -35.19 17.33
N ARG P 54 -35.33 -35.88 17.47
CA ARG P 54 -35.30 -37.26 17.91
C ARG P 54 -34.02 -37.46 18.69
N VAL P 55 -34.14 -38.00 19.89
CA VAL P 55 -32.97 -38.26 20.72
C VAL P 55 -32.92 -39.77 20.94
N GLU P 56 -32.27 -40.47 20.04
CA GLU P 56 -32.24 -41.91 20.08
C GLU P 56 -30.95 -42.33 20.76
N GLY P 57 -31.05 -43.15 21.77
CA GLY P 57 -29.85 -43.51 22.47
C GLY P 57 -30.18 -44.22 23.77
N GLU P 58 -29.38 -43.93 24.80
CA GLU P 58 -29.55 -44.61 26.08
C GLU P 58 -29.74 -43.68 27.26
N ARG P 59 -29.02 -42.56 27.34
CA ARG P 59 -29.00 -41.71 28.52
C ARG P 59 -29.38 -40.30 28.09
N VAL P 60 -30.52 -39.83 28.54
CA VAL P 60 -30.90 -38.42 28.39
C VAL P 60 -31.10 -37.89 29.80
N GLU P 61 -30.08 -37.24 30.35
CA GLU P 61 -30.14 -36.73 31.70
C GLU P 61 -30.10 -35.21 31.66
N ALA P 62 -31.03 -34.57 32.37
CA ALA P 62 -31.13 -33.12 32.31
C ALA P 62 -31.67 -32.58 33.63
N ARG P 63 -32.13 -31.33 33.62
CA ARG P 63 -32.76 -30.70 34.75
C ARG P 63 -34.23 -30.41 34.50
N SER P 64 -34.57 -29.92 33.32
CA SER P 64 -35.96 -29.82 32.93
C SER P 64 -36.04 -30.15 31.46
N VAL P 65 -36.89 -31.12 31.12
CA VAL P 65 -36.97 -31.62 29.77
C VAL P 65 -38.32 -31.23 29.19
N LEU P 66 -38.31 -30.67 28.00
CA LEU P 66 -39.53 -30.37 27.28
C LEU P 66 -39.53 -31.17 25.99
N ILE P 67 -40.27 -32.26 25.98
CA ILE P 67 -40.32 -33.17 24.84
C ILE P 67 -41.45 -32.74 23.94
N HIS P 68 -41.15 -32.51 22.67
CA HIS P 68 -42.16 -32.20 21.68
C HIS P 68 -42.06 -33.08 20.45
N GLY P 69 -41.04 -33.93 20.36
CA GLY P 69 -40.86 -34.84 19.26
C GLY P 69 -40.79 -36.27 19.72
N GLU P 70 -39.66 -36.94 19.49
CA GLU P 70 -39.49 -38.32 19.88
C GLU P 70 -38.26 -38.45 20.76
N VAL P 71 -38.35 -39.33 21.76
CA VAL P 71 -37.23 -39.69 22.62
C VAL P 71 -37.28 -41.20 22.76
N LYS P 72 -36.13 -41.86 22.70
CA LYS P 72 -36.07 -43.27 23.05
C LYS P 72 -34.80 -43.50 23.86
N ALA P 73 -34.90 -43.30 25.17
CA ALA P 73 -33.77 -43.52 26.07
C ALA P 73 -34.24 -43.62 27.52
N GLU P 74 -33.32 -43.92 28.43
CA GLU P 74 -33.64 -44.01 29.85
C GLU P 74 -33.54 -42.60 30.42
N LEU P 75 -34.57 -41.80 30.17
CA LEU P 75 -34.54 -40.39 30.51
C LEU P 75 -34.59 -40.22 32.03
N THR P 76 -33.96 -39.16 32.50
CA THR P 76 -33.93 -38.86 33.93
C THR P 76 -33.81 -37.37 34.11
N ALA P 77 -34.70 -36.77 34.89
CA ALA P 77 -34.70 -35.34 35.05
C ALA P 77 -35.36 -34.99 36.39
N GLU P 78 -35.69 -33.72 36.55
CA GLU P 78 -36.53 -33.27 37.64
C GLU P 78 -37.95 -33.09 37.17
N LYS P 79 -38.16 -32.26 36.16
CA LYS P 79 -39.47 -31.95 35.62
C LYS P 79 -39.48 -32.40 34.17
N VAL P 80 -40.25 -33.44 33.87
CA VAL P 80 -40.35 -33.95 32.52
C VAL P 80 -41.71 -33.49 31.99
N VAL P 81 -41.72 -32.36 31.35
CA VAL P 81 -42.95 -31.80 30.83
C VAL P 81 -43.01 -32.08 29.34
N LEU P 82 -44.20 -32.42 28.84
CA LEU P 82 -44.32 -32.89 27.48
C LEU P 82 -45.29 -31.99 26.74
N SER P 83 -45.64 -32.39 25.52
CA SER P 83 -46.57 -31.65 24.69
C SER P 83 -47.60 -32.60 24.09
N LYS P 84 -48.41 -32.04 23.18
CA LYS P 84 -49.49 -32.79 22.59
C LYS P 84 -49.02 -33.81 21.56
N THR P 85 -47.87 -33.57 20.94
CA THR P 85 -47.37 -34.42 19.86
C THR P 85 -46.11 -35.17 20.26
N ALA P 86 -45.84 -35.25 21.56
CA ALA P 86 -44.64 -35.94 22.03
C ALA P 86 -44.78 -37.44 21.86
N ARG P 87 -43.66 -38.12 21.99
CA ARG P 87 -43.62 -39.58 21.87
C ARG P 87 -42.43 -40.08 22.67
N PHE P 88 -42.69 -40.63 23.85
CA PHE P 88 -41.65 -41.15 24.71
C PHE P 88 -41.49 -42.65 24.46
N THR P 89 -40.33 -43.18 24.81
CA THR P 89 -40.12 -44.63 24.85
C THR P 89 -39.06 -44.84 25.90
N GLY P 90 -39.08 -45.97 26.60
CA GLY P 90 -38.01 -46.34 27.48
C GLY P 90 -38.31 -45.98 28.91
N GLN P 91 -37.34 -46.22 29.77
CA GLN P 91 -37.52 -45.96 31.20
C GLN P 91 -37.56 -44.46 31.46
N LEU P 92 -37.94 -44.10 32.67
CA LEU P 92 -38.05 -42.70 33.06
C LEU P 92 -37.83 -42.63 34.56
N LYS P 93 -37.29 -41.50 35.03
CA LYS P 93 -37.09 -41.27 36.45
C LYS P 93 -37.13 -39.77 36.70
N ALA P 94 -38.27 -39.27 37.13
CA ALA P 94 -38.51 -37.85 37.29
C ALA P 94 -38.95 -37.53 38.71
N GLN P 95 -39.39 -36.29 38.88
CA GLN P 95 -40.05 -35.86 40.11
C GLN P 95 -41.40 -35.23 39.84
N ALA P 96 -41.67 -34.81 38.60
CA ALA P 96 -42.95 -34.22 38.23
C ALA P 96 -43.21 -34.56 36.76
N LEU P 97 -43.90 -35.67 36.54
CA LEU P 97 -44.15 -36.16 35.18
C LEU P 97 -45.39 -35.49 34.64
N GLU P 98 -45.21 -34.36 33.97
CA GLU P 98 -46.33 -33.54 33.51
C GLU P 98 -46.56 -33.79 32.03
N VAL P 99 -47.50 -34.66 31.73
CA VAL P 99 -47.92 -34.96 30.38
C VAL P 99 -49.19 -34.18 30.10
N GLU P 100 -49.33 -33.62 28.90
CA GLU P 100 -50.54 -32.86 28.66
C GLU P 100 -51.70 -33.74 28.24
N ALA P 101 -51.73 -34.21 26.99
CA ALA P 101 -52.67 -35.26 26.62
C ALA P 101 -52.00 -36.34 25.80
N GLY P 102 -51.44 -35.98 24.65
CA GLY P 102 -51.19 -36.94 23.59
C GLY P 102 -49.81 -37.52 23.48
N ALA P 103 -49.27 -38.06 24.56
CA ALA P 103 -47.98 -38.73 24.50
C ALA P 103 -48.20 -40.23 24.44
N VAL P 104 -47.50 -40.89 23.53
CA VAL P 104 -47.48 -42.34 23.54
C VAL P 104 -46.33 -42.70 24.46
N PHE P 105 -46.60 -42.65 25.76
CA PHE P 105 -45.56 -42.82 26.79
C PHE P 105 -45.46 -44.31 27.09
N VAL P 106 -44.43 -44.93 26.53
CA VAL P 106 -44.27 -46.37 26.58
C VAL P 106 -43.03 -46.67 27.41
N GLY P 107 -43.22 -47.09 28.64
CA GLY P 107 -42.08 -47.54 29.41
C GLY P 107 -42.26 -47.28 30.89
N GLN P 108 -41.59 -48.10 31.68
CA GLN P 108 -41.70 -48.08 33.13
C GLN P 108 -41.10 -46.80 33.69
N SER P 109 -41.84 -46.12 34.57
CA SER P 109 -41.39 -44.85 35.12
C SER P 109 -41.48 -44.85 36.64
N VAL P 110 -40.67 -43.98 37.24
CA VAL P 110 -40.73 -43.67 38.65
C VAL P 110 -40.89 -42.16 38.74
N ALA P 111 -41.74 -41.70 39.64
CA ALA P 111 -41.91 -40.27 39.83
C ALA P 111 -42.28 -39.96 41.27
N GLY P 112 -42.75 -38.75 41.53
CA GLY P 112 -43.22 -38.37 42.85
C GLY P 112 -42.14 -38.27 43.90
N LEU Q 12 -60.66 -16.49 40.09
CA LEU Q 12 -60.83 -16.52 38.64
C LEU Q 12 -62.19 -15.94 38.30
N THR Q 13 -62.28 -15.23 37.19
CA THR Q 13 -63.53 -14.71 36.69
C THR Q 13 -63.55 -14.85 35.19
N TYR Q 14 -64.00 -15.99 34.70
CA TYR Q 14 -64.05 -16.22 33.27
C TYR Q 14 -65.38 -15.72 32.75
N LEU Q 15 -65.34 -14.92 31.69
CA LEU Q 15 -66.52 -14.63 30.91
C LEU Q 15 -66.48 -15.42 29.62
N GLY Q 16 -67.66 -15.79 29.14
CA GLY Q 16 -67.76 -16.66 27.99
C GLY Q 16 -67.45 -15.93 26.70
N PRO Q 17 -67.65 -16.60 25.58
CA PRO Q 17 -67.40 -15.97 24.28
C PRO Q 17 -68.43 -14.91 23.95
N ASP Q 18 -69.66 -15.11 24.42
CA ASP Q 18 -70.76 -14.20 24.16
C ASP Q 18 -71.45 -13.74 25.45
N THR Q 19 -70.74 -12.89 26.19
CA THR Q 19 -71.22 -12.42 27.48
C THR Q 19 -71.09 -10.90 27.50
N GLU Q 20 -72.10 -10.23 26.95
CA GLU Q 20 -71.98 -8.80 26.74
C GLU Q 20 -72.44 -8.07 28.00
N VAL Q 21 -71.49 -7.55 28.76
CA VAL Q 21 -71.80 -6.91 30.02
C VAL Q 21 -71.79 -5.40 29.83
N LEU Q 22 -72.98 -4.82 29.89
CA LEU Q 22 -73.09 -3.37 29.91
C LEU Q 22 -72.72 -2.94 31.32
N GLY Q 23 -72.09 -1.78 31.44
CA GLY Q 23 -71.87 -1.18 32.72
C GLY Q 23 -70.47 -1.41 33.20
N ASP Q 24 -70.16 -0.83 34.36
CA ASP Q 24 -68.82 -0.72 34.86
C ASP Q 24 -68.45 -1.93 35.67
N MET Q 25 -67.82 -2.92 35.03
CA MET Q 25 -67.42 -4.13 35.73
C MET Q 25 -66.27 -3.83 36.67
N ARG Q 26 -66.40 -4.29 37.92
CA ARG Q 26 -65.37 -4.11 38.94
C ARG Q 26 -65.05 -5.49 39.50
N ALA Q 27 -63.85 -5.98 39.25
CA ALA Q 27 -63.51 -7.36 39.56
C ALA Q 27 -62.27 -7.36 40.44
N LYS Q 28 -61.94 -8.54 40.96
CA LYS Q 28 -60.69 -8.79 41.66
C LYS Q 28 -60.18 -10.17 41.26
N GLY Q 29 -58.86 -10.31 41.28
CA GLY Q 29 -58.23 -11.57 40.95
C GLY Q 29 -57.97 -11.71 39.46
N GLN Q 30 -57.70 -12.94 39.05
CA GLN Q 30 -57.45 -13.24 37.65
C GLN Q 30 -58.76 -13.17 36.87
N VAL Q 31 -58.72 -12.45 35.76
CA VAL Q 31 -59.90 -12.26 34.91
C VAL Q 31 -59.52 -12.69 33.51
N ARG Q 32 -60.42 -13.42 32.86
CA ARG Q 32 -60.32 -13.64 31.43
C ARG Q 32 -61.63 -13.22 30.78
N ILE Q 33 -61.58 -12.18 29.97
CA ILE Q 33 -62.73 -11.71 29.22
C ILE Q 33 -62.62 -12.23 27.80
N ASP Q 34 -63.65 -12.94 27.35
CA ASP Q 34 -63.71 -13.36 25.96
C ASP Q 34 -64.96 -12.87 25.25
N GLY Q 35 -65.87 -12.22 25.98
CA GLY Q 35 -67.12 -11.80 25.39
C GLY Q 35 -67.10 -10.38 24.89
N LEU Q 36 -67.73 -9.49 25.64
CA LEU Q 36 -67.72 -8.08 25.35
C LEU Q 36 -67.90 -7.34 26.65
N VAL Q 37 -67.37 -6.12 26.72
CA VAL Q 37 -67.67 -5.21 27.81
C VAL Q 37 -68.04 -3.88 27.20
N ARG Q 38 -69.23 -3.40 27.50
CA ARG Q 38 -69.61 -2.03 27.19
C ARG Q 38 -69.53 -1.25 28.48
N GLY Q 39 -68.44 -0.53 28.66
CA GLY Q 39 -68.21 0.18 29.91
C GLY Q 39 -66.77 0.07 30.32
N SER Q 40 -66.48 0.40 31.57
CA SER Q 40 -65.11 0.47 32.06
C SER Q 40 -64.82 -0.69 33.00
N VAL Q 41 -63.68 -1.33 32.78
CA VAL Q 41 -63.26 -2.50 33.53
C VAL Q 41 -62.24 -2.06 34.57
N LEU Q 42 -62.48 -2.40 35.83
CA LEU Q 42 -61.56 -2.12 36.93
C LEU Q 42 -61.19 -3.45 37.57
N VAL Q 43 -60.02 -3.96 37.25
CA VAL Q 43 -59.56 -5.26 37.74
C VAL Q 43 -58.31 -5.07 38.58
N GLU Q 44 -58.25 -5.74 39.71
CA GLU Q 44 -57.01 -5.93 40.45
C GLU Q 44 -56.56 -7.36 40.21
N GLY Q 45 -55.48 -7.53 39.45
CA GLY Q 45 -54.94 -8.83 39.17
C GLY Q 45 -54.67 -8.98 37.70
N GLU Q 46 -54.35 -10.20 37.29
CA GLU Q 46 -54.12 -10.49 35.88
C GLU Q 46 -55.42 -10.31 35.11
N LEU Q 47 -55.28 -9.72 33.92
CA LEU Q 47 -56.41 -9.55 33.03
C LEU Q 47 -56.02 -10.17 31.71
N GLU Q 48 -56.99 -10.79 31.04
CA GLU Q 48 -56.83 -11.21 29.68
C GLU Q 48 -58.06 -10.85 28.89
N VAL Q 49 -57.88 -10.19 27.76
CA VAL Q 49 -58.91 -10.08 26.75
C VAL Q 49 -58.69 -11.22 25.78
N GLY Q 50 -59.73 -12.01 25.53
CA GLY Q 50 -59.62 -13.16 24.67
C GLY Q 50 -59.55 -12.75 23.22
N PRO Q 51 -59.46 -13.73 22.32
CA PRO Q 51 -59.29 -13.42 20.89
C PRO Q 51 -60.50 -12.74 20.26
N THR Q 52 -61.72 -13.15 20.62
CA THR Q 52 -62.92 -12.49 20.17
C THR Q 52 -63.45 -11.49 21.18
N GLY Q 53 -62.72 -11.29 22.27
CA GLY Q 53 -63.16 -10.34 23.27
C GLY Q 53 -63.00 -8.91 22.80
N ARG Q 54 -63.78 -8.03 23.40
CA ARG Q 54 -63.75 -6.61 23.11
C ARG Q 54 -64.06 -5.87 24.38
N VAL Q 55 -63.23 -4.91 24.75
CA VAL Q 55 -63.45 -4.12 25.95
C VAL Q 55 -63.62 -2.68 25.51
N GLU Q 56 -64.84 -2.31 25.19
CA GLU Q 56 -65.10 -0.99 24.65
C GLU Q 56 -65.55 -0.10 25.78
N GLY Q 57 -64.91 1.02 25.95
CA GLY Q 57 -65.28 1.86 27.07
C GLY Q 57 -64.26 2.96 27.26
N GLU Q 58 -63.98 3.27 28.53
CA GLU Q 58 -63.09 4.37 28.85
C GLU Q 58 -61.93 3.99 29.75
N ARG Q 59 -62.13 3.16 30.76
CA ARG Q 59 -61.13 2.88 31.78
C ARG Q 59 -60.92 1.37 31.83
N VAL Q 60 -59.73 0.92 31.46
CA VAL Q 60 -59.32 -0.46 31.67
C VAL Q 60 -58.07 -0.40 32.52
N GLU Q 61 -58.23 -0.56 33.83
CA GLU Q 61 -57.11 -0.48 34.75
C GLU Q 61 -56.88 -1.85 35.38
N ALA Q 62 -55.62 -2.29 35.36
CA ALA Q 62 -55.32 -3.64 35.83
C ALA Q 62 -53.90 -3.68 36.40
N ARG Q 63 -53.37 -4.88 36.56
CA ARG Q 63 -52.00 -5.09 37.01
C ARG Q 63 -51.14 -5.74 35.92
N SER Q 64 -51.68 -6.72 35.21
CA SER Q 64 -51.02 -7.23 34.03
C SER Q 64 -52.10 -7.55 33.01
N VAL Q 65 -51.97 -6.98 31.82
CA VAL Q 65 -52.99 -7.10 30.80
C VAL Q 65 -52.42 -7.93 29.66
N LEU Q 66 -53.19 -8.92 29.23
CA LEU Q 66 -52.84 -9.71 28.07
C LEU Q 66 -53.92 -9.53 27.02
N ILE Q 67 -53.65 -8.69 26.03
CA ILE Q 67 -54.61 -8.36 24.99
C ILE Q 67 -54.43 -9.32 23.84
N HIS Q 68 -55.51 -9.98 23.45
CA HIS Q 68 -55.48 -10.85 22.29
C HIS Q 68 -56.61 -10.55 21.33
N GLY Q 69 -57.52 -9.64 21.67
CA GLY Q 69 -58.61 -9.24 20.82
C GLY Q 69 -58.60 -7.76 20.54
N GLU Q 70 -59.64 -7.06 20.95
CA GLU Q 70 -59.74 -5.62 20.74
C GLU Q 70 -59.95 -4.92 22.07
N VAL Q 71 -59.33 -3.75 22.21
CA VAL Q 71 -59.53 -2.86 23.36
C VAL Q 71 -59.69 -1.46 22.78
N LYS Q 72 -60.63 -0.69 23.31
CA LYS Q 72 -60.68 0.73 22.98
C LYS Q 72 -60.98 1.50 24.26
N ALA Q 73 -59.93 1.84 25.01
CA ALA Q 73 -60.07 2.62 26.22
C ALA Q 73 -58.74 3.21 26.65
N GLU Q 74 -58.75 4.02 27.71
CA GLU Q 74 -57.53 4.62 28.24
C GLU Q 74 -56.92 3.62 29.20
N LEU Q 75 -56.25 2.61 28.63
CA LEU Q 75 -55.75 1.49 29.42
C LEU Q 75 -54.60 1.95 30.29
N THR Q 76 -54.46 1.31 31.45
CA THR Q 76 -53.40 1.64 32.39
C THR Q 76 -53.06 0.40 33.19
N ALA Q 77 -51.79 0.01 33.20
CA ALA Q 77 -51.38 -1.20 33.89
C ALA Q 77 -49.93 -1.09 34.29
N GLU Q 78 -49.35 -2.21 34.67
CA GLU Q 78 -47.91 -2.32 34.85
C GLU Q 78 -47.27 -2.94 33.62
N LYS Q 79 -47.71 -4.13 33.24
CA LYS Q 79 -47.16 -4.88 32.12
C LYS Q 79 -48.28 -5.07 31.12
N VAL Q 80 -48.19 -4.40 29.98
CA VAL Q 80 -49.20 -4.52 28.93
C VAL Q 80 -48.60 -5.40 27.84
N VAL Q 81 -48.83 -6.67 27.95
CA VAL Q 81 -48.28 -7.62 26.98
C VAL Q 81 -49.38 -7.97 26.00
N LEU Q 82 -49.02 -8.10 24.73
CA LEU Q 82 -50.00 -8.27 23.68
C LEU Q 82 -49.72 -9.56 22.93
N SER Q 83 -50.44 -9.76 21.85
CA SER Q 83 -50.28 -10.93 21.00
C SER Q 83 -50.21 -10.52 19.54
N LYS Q 84 -50.23 -11.53 18.67
CA LYS Q 84 -50.07 -11.31 17.24
C LYS Q 84 -51.33 -10.74 16.61
N THR Q 85 -52.49 -10.99 17.19
CA THR Q 85 -53.76 -10.58 16.61
C THR Q 85 -54.46 -9.51 17.44
N ALA Q 86 -53.72 -8.85 18.32
CA ALA Q 86 -54.30 -7.83 19.18
C ALA Q 86 -54.62 -6.58 18.38
N ARG Q 87 -55.41 -5.71 18.98
CA ARG Q 87 -55.80 -4.45 18.36
C ARG Q 87 -56.12 -3.46 19.46
N PHE Q 88 -55.19 -2.54 19.70
CA PHE Q 88 -55.36 -1.52 20.73
C PHE Q 88 -55.93 -0.26 20.09
N THR Q 89 -56.56 0.58 20.91
CA THR Q 89 -56.96 1.92 20.51
C THR Q 89 -56.93 2.74 21.78
N GLY Q 90 -56.65 4.03 21.69
CA GLY Q 90 -56.79 4.92 22.81
C GLY Q 90 -55.48 5.13 23.53
N GLN Q 91 -55.55 5.88 24.61
CA GLN Q 91 -54.35 6.19 25.40
C GLN Q 91 -53.84 4.95 26.10
N LEU Q 92 -52.65 5.06 26.66
CA LEU Q 92 -52.03 3.95 27.36
C LEU Q 92 -51.07 4.53 28.39
N LYS Q 93 -50.87 3.83 29.49
CA LYS Q 93 -49.94 4.24 30.53
C LYS Q 93 -49.44 2.99 31.25
N ALA Q 94 -48.28 2.51 30.85
CA ALA Q 94 -47.73 1.26 31.36
C ALA Q 94 -46.35 1.47 31.95
N GLN Q 95 -45.69 0.35 32.24
CA GLN Q 95 -44.29 0.35 32.62
C GLN Q 95 -43.47 -0.58 31.75
N ALA Q 96 -44.10 -1.51 31.04
CA ALA Q 96 -43.40 -2.42 30.14
C ALA Q 96 -44.34 -2.77 28.99
N LEU Q 97 -44.28 -1.99 27.93
CA LEU Q 97 -45.18 -2.16 26.79
C LEU Q 97 -44.61 -3.21 25.86
N GLU Q 98 -45.01 -4.47 26.07
CA GLU Q 98 -44.42 -5.58 25.33
C GLU Q 98 -45.39 -6.02 24.24
N VAL Q 99 -45.15 -5.53 23.04
CA VAL Q 99 -45.91 -5.90 21.85
C VAL Q 99 -45.12 -6.94 21.10
N GLU Q 100 -45.79 -7.96 20.56
CA GLU Q 100 -45.01 -8.96 19.86
C GLU Q 100 -44.71 -8.56 18.42
N ALA Q 101 -45.69 -8.66 17.51
CA ALA Q 101 -45.53 -8.04 16.21
C ALA Q 101 -46.78 -7.28 15.79
N GLY Q 102 -47.91 -7.98 15.69
CA GLY Q 102 -49.02 -7.50 14.89
C GLY Q 102 -50.14 -6.78 15.61
N ALA Q 103 -49.82 -5.76 16.38
CA ALA Q 103 -50.85 -4.94 17.00
C ALA Q 103 -51.03 -3.67 16.21
N VAL Q 104 -52.28 -3.31 15.94
CA VAL Q 104 -52.57 -2.01 15.36
C VAL Q 104 -52.74 -1.11 16.57
N PHE Q 105 -51.62 -0.66 17.12
CA PHE Q 105 -51.59 0.09 18.37
C PHE Q 105 -51.72 1.57 18.03
N VAL Q 106 -52.93 2.08 18.19
CA VAL Q 106 -53.28 3.42 17.76
C VAL Q 106 -53.56 4.25 18.99
N GLY Q 107 -52.63 5.10 19.37
CA GLY Q 107 -52.91 6.03 20.45
C GLY Q 107 -51.67 6.37 21.24
N GLN Q 108 -51.72 7.55 21.84
CA GLN Q 108 -50.59 8.10 22.57
C GLN Q 108 -50.33 7.31 23.85
N SER Q 109 -49.08 6.91 24.07
CA SER Q 109 -48.73 6.09 25.21
C SER Q 109 -47.59 6.70 26.01
N VAL Q 110 -47.52 6.32 27.27
CA VAL Q 110 -46.39 6.60 28.15
C VAL Q 110 -45.94 5.26 28.71
N ALA Q 111 -44.63 5.05 28.76
CA ALA Q 111 -44.10 3.82 29.33
C ALA Q 111 -42.77 4.08 30.00
N GLY Q 112 -42.02 3.01 30.28
CA GLY Q 112 -40.69 3.13 30.84
C GLY Q 112 -40.63 3.66 32.26
N LEU R 12 -69.66 -21.34 29.94
CA LEU R 12 -69.60 -21.06 31.37
C LEU R 12 -69.22 -19.61 31.55
N THR R 13 -69.79 -18.97 32.57
CA THR R 13 -69.43 -17.61 32.93
C THR R 13 -69.39 -17.51 34.45
N TYR R 14 -68.25 -17.82 35.03
CA TYR R 14 -68.11 -17.76 36.47
C TYR R 14 -67.69 -16.35 36.87
N LEU R 15 -68.40 -15.77 37.82
CA LEU R 15 -67.92 -14.58 38.50
C LEU R 15 -67.40 -14.96 39.86
N GLY R 16 -66.41 -14.22 40.32
CA GLY R 16 -65.73 -14.54 41.55
C GLY R 16 -66.56 -14.18 42.77
N PRO R 17 -65.97 -14.32 43.94
CA PRO R 17 -66.69 -13.98 45.18
C PRO R 17 -66.88 -12.47 45.33
N ASP R 18 -65.93 -11.70 44.81
CA ASP R 18 -65.96 -10.25 44.91
C ASP R 18 -65.82 -9.58 43.53
N THR R 19 -66.88 -9.68 42.75
CA THR R 19 -66.87 -9.18 41.38
C THR R 19 -68.12 -8.33 41.19
N GLU R 20 -68.06 -7.08 41.61
CA GLU R 20 -69.24 -6.24 41.66
C GLU R 20 -69.45 -5.59 40.32
N VAL R 21 -70.41 -6.09 39.55
CA VAL R 21 -70.65 -5.60 38.21
C VAL R 21 -71.83 -4.63 38.22
N LEU R 22 -71.53 -3.36 38.04
CA LEU R 22 -72.59 -2.39 37.83
C LEU R 22 -73.08 -2.56 36.41
N GLY R 23 -74.35 -2.34 36.20
CA GLY R 23 -74.89 -2.30 34.87
C GLY R 23 -75.58 -3.59 34.49
N ASP R 24 -76.15 -3.58 33.29
CA ASP R 24 -77.07 -4.62 32.86
C ASP R 24 -76.31 -5.77 32.21
N MET R 25 -75.97 -6.78 33.00
CA MET R 25 -75.24 -7.92 32.48
C MET R 25 -76.15 -8.75 31.55
N ARG R 26 -75.64 -9.07 30.37
CA ARG R 26 -76.37 -9.87 29.39
C ARG R 26 -75.46 -11.04 29.01
N ALA R 27 -75.86 -12.24 29.39
CA ALA R 27 -74.98 -13.39 29.25
C ALA R 27 -75.71 -14.46 28.45
N LYS R 28 -74.98 -15.51 28.09
CA LYS R 28 -75.53 -16.72 27.49
C LYS R 28 -74.81 -17.92 28.07
N GLY R 29 -75.52 -19.04 28.14
CA GLY R 29 -74.96 -20.28 28.65
C GLY R 29 -75.10 -20.39 30.16
N GLN R 30 -74.34 -21.32 30.72
CA GLN R 30 -74.33 -21.53 32.15
C GLN R 30 -73.61 -20.38 32.85
N VAL R 31 -74.24 -19.84 33.88
CA VAL R 31 -73.71 -18.71 34.63
C VAL R 31 -73.68 -19.11 36.08
N ARG R 32 -72.58 -18.79 36.77
CA ARG R 32 -72.56 -18.83 38.21
C ARG R 32 -72.10 -17.48 38.74
N ILE R 33 -72.98 -16.79 39.44
CA ILE R 33 -72.66 -15.51 40.05
C ILE R 33 -72.40 -15.77 41.52
N ASP R 34 -71.23 -15.35 41.99
CA ASP R 34 -70.94 -15.41 43.42
C ASP R 34 -70.58 -14.05 43.99
N GLY R 35 -70.47 -13.03 43.16
CA GLY R 35 -70.04 -11.72 43.61
C GLY R 35 -71.18 -10.81 43.95
N LEU R 36 -71.43 -9.85 43.07
CA LEU R 36 -72.55 -8.95 43.20
C LEU R 36 -72.95 -8.50 41.81
N VAL R 37 -74.22 -8.17 41.64
CA VAL R 37 -74.68 -7.49 40.43
C VAL R 37 -75.51 -6.30 40.87
N ARG R 38 -75.12 -5.12 40.45
CA ARG R 38 -75.96 -3.94 40.58
C ARG R 38 -76.54 -3.67 39.21
N GLY R 39 -77.79 -4.09 39.01
CA GLY R 39 -78.40 -3.97 37.70
C GLY R 39 -79.20 -5.21 37.38
N SER R 40 -79.57 -5.37 36.13
CA SER R 40 -80.46 -6.44 35.70
C SER R 40 -79.69 -7.49 34.92
N VAL R 41 -79.93 -8.75 35.28
CA VAL R 41 -79.24 -9.89 34.68
C VAL R 41 -80.17 -10.53 33.67
N LEU R 42 -79.68 -10.70 32.44
CA LEU R 42 -80.42 -11.36 31.37
C LEU R 42 -79.57 -12.54 30.90
N VAL R 43 -79.94 -13.74 31.34
CA VAL R 43 -79.19 -14.96 31.04
C VAL R 43 -80.09 -15.90 30.25
N GLU R 44 -79.53 -16.50 29.20
CA GLU R 44 -80.12 -17.66 28.57
C GLU R 44 -79.31 -18.87 29.00
N GLY R 45 -79.90 -19.72 29.82
CA GLY R 45 -79.25 -20.92 30.28
C GLY R 45 -79.38 -21.05 31.78
N GLU R 46 -78.66 -22.01 32.34
CA GLU R 46 -78.66 -22.20 33.77
C GLU R 46 -78.03 -21.01 34.45
N LEU R 47 -78.63 -20.60 35.57
CA LEU R 47 -78.11 -19.52 36.38
C LEU R 47 -77.93 -20.06 37.78
N GLU R 48 -76.89 -19.61 38.45
CA GLU R 48 -76.73 -19.85 39.88
C GLU R 48 -76.28 -18.56 40.54
N VAL R 49 -76.98 -18.17 41.59
CA VAL R 49 -76.46 -17.19 42.52
C VAL R 49 -75.77 -17.96 43.63
N GLY R 50 -74.52 -17.60 43.90
CA GLY R 50 -73.74 -18.29 44.90
C GLY R 50 -74.18 -17.94 46.31
N PRO R 51 -73.53 -18.52 47.31
CA PRO R 51 -73.96 -18.28 48.71
C PRO R 51 -73.75 -16.86 49.19
N THR R 52 -72.65 -16.21 48.81
CA THR R 52 -72.44 -14.81 49.12
C THR R 52 -72.82 -13.90 47.96
N GLY R 53 -73.37 -14.46 46.90
CA GLY R 53 -73.78 -13.65 45.78
C GLY R 53 -75.02 -12.82 46.09
N ARG R 54 -75.18 -11.75 45.34
CA ARG R 54 -76.31 -10.86 45.47
C ARG R 54 -76.62 -10.30 44.10
N VAL R 55 -77.87 -10.41 43.67
CA VAL R 55 -78.28 -9.88 42.38
C VAL R 55 -79.32 -8.80 42.65
N GLU R 56 -78.86 -7.58 42.85
CA GLU R 56 -79.75 -6.50 43.22
C GLU R 56 -80.08 -5.73 41.97
N GLY R 57 -81.35 -5.55 41.72
CA GLY R 57 -81.70 -4.88 40.49
C GLY R 57 -83.19 -5.00 40.22
N GLU R 58 -83.54 -5.17 38.95
CA GLU R 58 -84.93 -5.22 38.55
C GLU R 58 -85.32 -6.47 37.77
N ARG R 59 -84.49 -6.94 36.85
CA ARG R 59 -84.85 -8.00 35.92
C ARG R 59 -83.81 -9.11 36.06
N VAL R 60 -84.23 -10.26 36.54
CA VAL R 60 -83.40 -11.47 36.52
C VAL R 60 -84.19 -12.50 35.73
N GLU R 61 -83.89 -12.63 34.45
CA GLU R 61 -84.60 -13.54 33.58
C GLU R 61 -83.66 -14.66 33.14
N ALA R 62 -84.10 -15.90 33.28
CA ALA R 62 -83.22 -17.02 32.97
C ALA R 62 -84.05 -18.21 32.49
N ARG R 63 -83.44 -19.39 32.50
CA ARG R 63 -84.11 -20.63 32.17
C ARG R 63 -84.21 -21.57 33.36
N SER R 64 -83.15 -21.68 34.15
CA SER R 64 -83.23 -22.37 35.42
C SER R 64 -82.36 -21.62 36.41
N VAL R 65 -82.95 -21.23 37.52
CA VAL R 65 -82.27 -20.39 38.50
C VAL R 65 -82.05 -21.22 39.75
N LEU R 66 -80.82 -21.19 40.25
CA LEU R 66 -80.49 -21.81 41.51
C LEU R 66 -80.02 -20.74 42.47
N ILE R 67 -80.89 -20.32 43.37
CA ILE R 67 -80.59 -19.24 44.31
C ILE R 67 -80.03 -19.86 45.57
N HIS R 68 -78.86 -19.39 45.98
CA HIS R 68 -78.26 -19.81 47.22
C HIS R 68 -77.84 -18.63 48.09
N GLY R 69 -77.96 -17.40 47.58
CA GLY R 69 -77.62 -16.21 48.33
C GLY R 69 -78.79 -15.27 48.44
N GLU R 70 -78.67 -14.07 47.89
CA GLU R 70 -79.72 -13.08 47.92
C GLU R 70 -80.07 -12.64 46.51
N VAL R 71 -81.36 -12.41 46.27
CA VAL R 71 -81.86 -11.83 45.03
C VAL R 71 -82.87 -10.78 45.43
N LYS R 72 -82.85 -9.63 44.76
CA LYS R 72 -83.94 -8.67 44.92
C LYS R 72 -84.28 -8.11 43.56
N ALA R 73 -85.17 -8.80 42.83
CA ALA R 73 -85.61 -8.35 41.52
C ALA R 73 -86.89 -9.06 41.11
N GLU R 74 -87.45 -8.68 39.97
CA GLU R 74 -88.65 -9.31 39.44
C GLU R 74 -88.21 -10.52 38.64
N LEU R 75 -87.87 -11.60 39.35
CA LEU R 75 -87.28 -12.77 38.73
C LEU R 75 -88.31 -13.48 37.87
N THR R 76 -87.85 -14.11 36.80
CA THR R 76 -88.72 -14.85 35.90
C THR R 76 -87.92 -15.97 35.27
N ALA R 77 -88.42 -17.20 35.36
CA ALA R 77 -87.69 -18.34 34.84
C ALA R 77 -88.67 -19.45 34.51
N GLU R 78 -88.14 -20.64 34.30
CA GLU R 78 -88.96 -21.84 34.21
C GLU R 78 -88.95 -22.58 35.54
N LYS R 79 -87.76 -22.93 36.02
CA LYS R 79 -87.59 -23.69 37.25
C LYS R 79 -86.79 -22.82 38.21
N VAL R 80 -87.42 -22.35 39.27
CA VAL R 80 -86.76 -21.53 40.27
C VAL R 80 -86.52 -22.40 41.47
N VAL R 81 -85.37 -23.03 41.51
CA VAL R 81 -85.04 -23.93 42.60
C VAL R 81 -84.13 -23.19 43.56
N LEU R 82 -84.33 -23.41 44.85
CA LEU R 82 -83.64 -22.62 45.86
C LEU R 82 -82.85 -23.56 46.76
N SER R 83 -82.30 -22.99 47.82
CA SER R 83 -81.53 -23.75 48.80
C SER R 83 -81.98 -23.38 50.21
N LYS R 84 -81.23 -23.89 51.19
CA LYS R 84 -81.58 -23.71 52.59
C LYS R 84 -81.28 -22.31 53.08
N THR R 85 -80.31 -21.62 52.47
CA THR R 85 -79.86 -20.32 52.92
C THR R 85 -80.21 -19.21 51.94
N ALA R 86 -81.14 -19.48 51.03
CA ALA R 86 -81.52 -18.49 50.03
C ALA R 86 -82.32 -17.38 50.66
N ARG R 87 -82.48 -16.29 49.92
CA ARG R 87 -83.24 -15.14 50.38
C ARG R 87 -83.76 -14.41 49.16
N PHE R 88 -85.03 -14.58 48.85
CA PHE R 88 -85.66 -13.94 47.71
C PHE R 88 -86.32 -12.64 48.16
N THR R 89 -86.53 -11.73 47.23
CA THR R 89 -87.34 -10.54 47.45
C THR R 89 -87.92 -10.19 46.10
N GLY R 90 -89.12 -9.61 46.06
CA GLY R 90 -89.65 -9.07 44.83
C GLY R 90 -90.59 -10.04 44.17
N GLN R 91 -91.08 -9.65 43.00
CA GLN R 91 -92.02 -10.47 42.26
C GLN R 91 -91.34 -11.71 41.72
N LEU R 92 -92.14 -12.65 41.23
CA LEU R 92 -91.64 -13.90 40.69
C LEU R 92 -92.64 -14.39 39.66
N LYS R 93 -92.15 -15.11 38.65
CA LYS R 93 -93.01 -15.70 37.63
C LYS R 93 -92.31 -16.94 37.08
N ALA R 94 -92.69 -18.10 37.60
CA ALA R 94 -92.04 -19.35 37.27
C ALA R 94 -93.03 -20.36 36.74
N GLN R 95 -92.56 -21.60 36.61
CA GLN R 95 -93.42 -22.73 36.32
C GLN R 95 -93.26 -23.85 37.33
N ALA R 96 -92.18 -23.85 38.12
CA ALA R 96 -91.96 -24.86 39.15
C ALA R 96 -91.16 -24.21 40.27
N LEU R 97 -91.87 -23.65 41.24
CA LEU R 97 -91.23 -22.93 42.34
C LEU R 97 -90.83 -23.91 43.41
N GLU R 98 -89.60 -24.41 43.33
CA GLU R 98 -89.13 -25.47 44.22
C GLU R 98 -88.25 -24.87 45.30
N VAL R 99 -88.84 -24.61 46.45
CA VAL R 99 -88.14 -24.10 47.62
C VAL R 99 -87.88 -25.28 48.54
N GLU R 100 -86.70 -25.33 49.16
CA GLU R 100 -86.44 -26.49 50.00
C GLU R 100 -87.03 -26.30 51.40
N ALA R 101 -86.38 -25.50 52.25
CA ALA R 101 -87.03 -25.09 53.49
C ALA R 101 -86.85 -23.61 53.75
N GLY R 102 -85.61 -23.14 53.86
CA GLY R 102 -85.32 -21.90 54.53
C GLY R 102 -85.14 -20.66 53.69
N ALA R 103 -86.10 -20.35 52.81
CA ALA R 103 -86.05 -19.13 52.05
C ALA R 103 -86.97 -18.11 52.68
N VAL R 104 -86.47 -16.89 52.85
CA VAL R 104 -87.33 -15.79 53.24
C VAL R 104 -87.87 -15.24 51.93
N PHE R 105 -88.88 -15.90 51.40
CA PHE R 105 -89.41 -15.59 50.07
C PHE R 105 -90.49 -14.53 50.24
N VAL R 106 -90.12 -13.30 49.95
CA VAL R 106 -90.97 -12.14 50.21
C VAL R 106 -91.38 -11.54 48.87
N GLY R 107 -92.59 -11.79 48.45
CA GLY R 107 -93.07 -11.12 47.25
C GLY R 107 -94.07 -11.96 46.51
N GLN R 108 -94.93 -11.27 45.77
CA GLN R 108 -96.03 -11.89 45.04
C GLN R 108 -95.49 -12.73 43.89
N SER R 109 -95.98 -13.96 43.78
CA SER R 109 -95.49 -14.87 42.76
C SER R 109 -96.64 -15.48 41.97
N VAL R 110 -96.31 -15.92 40.76
CA VAL R 110 -97.19 -16.71 39.92
C VAL R 110 -96.41 -17.96 39.55
N ALA R 111 -97.07 -19.11 39.59
CA ALA R 111 -96.41 -20.35 39.19
C ALA R 111 -97.42 -21.31 38.58
N GLY R 112 -97.04 -22.57 38.46
CA GLY R 112 -97.94 -23.60 37.97
C GLY R 112 -98.32 -23.47 36.51
N LEU S 12 -75.33 -42.72 38.98
CA LEU S 12 -74.33 -42.28 39.94
C LEU S 12 -74.17 -43.34 40.99
N THR S 13 -72.93 -43.53 41.46
CA THR S 13 -72.66 -44.44 42.56
C THR S 13 -71.61 -43.81 43.46
N TYR S 14 -72.06 -43.03 44.42
CA TYR S 14 -71.15 -42.37 45.33
C TYR S 14 -70.88 -43.29 46.50
N LEU S 15 -69.61 -43.48 46.82
CA LEU S 15 -69.23 -44.08 48.08
C LEU S 15 -68.72 -43.01 49.01
N GLY S 16 -68.94 -43.20 50.30
CA GLY S 16 -68.62 -42.20 51.28
C GLY S 16 -67.14 -42.11 51.55
N PRO S 17 -66.77 -41.32 52.54
CA PRO S 17 -65.35 -41.18 52.88
C PRO S 17 -64.79 -42.43 53.55
N ASP S 18 -65.65 -43.13 54.28
CA ASP S 18 -65.26 -44.34 55.00
C ASP S 18 -66.17 -45.53 54.67
N THR S 19 -66.00 -46.04 53.46
CA THR S 19 -66.84 -47.12 52.96
C THR S 19 -65.93 -48.19 52.39
N GLU S 20 -65.43 -49.05 53.27
CA GLU S 20 -64.40 -50.00 52.87
C GLU S 20 -65.05 -51.24 52.30
N VAL S 21 -65.01 -51.38 50.99
CA VAL S 21 -65.68 -52.48 50.33
C VAL S 21 -64.65 -53.55 49.97
N LEU S 22 -64.72 -54.67 50.68
CA LEU S 22 -63.93 -55.82 50.31
C LEU S 22 -64.60 -56.44 49.11
N GLY S 23 -63.83 -57.01 48.21
CA GLY S 23 -64.37 -57.79 47.13
C GLY S 23 -64.41 -57.02 45.85
N ASP S 24 -64.84 -57.71 44.80
CA ASP S 24 -64.73 -57.22 43.44
C ASP S 24 -65.93 -56.38 43.06
N MET S 25 -65.83 -55.08 43.24
CA MET S 25 -66.94 -54.19 42.91
C MET S 25 -67.11 -54.12 41.40
N ARG S 26 -68.35 -54.29 40.94
CA ARG S 26 -68.68 -54.23 39.52
C ARG S 26 -69.81 -53.22 39.37
N ALA S 27 -69.53 -52.09 38.74
CA ALA S 27 -70.47 -50.98 38.72
C ALA S 27 -70.74 -50.59 37.27
N LYS S 28 -71.72 -49.71 37.08
CA LYS S 28 -71.99 -49.09 35.80
C LYS S 28 -72.34 -47.63 36.03
N GLY S 29 -72.03 -46.79 35.06
CA GLY S 29 -72.33 -45.38 35.14
C GLY S 29 -71.22 -44.60 35.81
N GLN S 30 -71.55 -43.37 36.20
CA GLN S 30 -70.60 -42.51 36.88
C GLN S 30 -70.39 -43.01 38.31
N VAL S 31 -69.13 -43.14 38.69
CA VAL S 31 -68.75 -43.62 40.01
C VAL S 31 -67.83 -42.59 40.64
N ARG S 32 -68.06 -42.30 41.92
CA ARG S 32 -67.09 -41.58 42.71
C ARG S 32 -66.77 -42.38 43.96
N ILE S 33 -65.53 -42.84 44.06
CA ILE S 33 -65.06 -43.57 45.23
C ILE S 33 -64.28 -42.60 46.10
N ASP S 34 -64.67 -42.48 47.35
CA ASP S 34 -63.91 -41.70 48.30
C ASP S 34 -63.48 -42.51 49.52
N GLY S 35 -63.92 -43.76 49.61
CA GLY S 35 -63.64 -44.57 50.79
C GLY S 35 -62.42 -45.43 50.62
N LEU S 36 -62.65 -46.72 50.42
CA LEU S 36 -61.60 -47.67 50.15
C LEU S 36 -62.20 -48.80 49.33
N VAL S 37 -61.37 -49.44 48.52
CA VAL S 37 -61.74 -50.68 47.87
C VAL S 37 -60.62 -51.67 48.10
N ARG S 38 -60.94 -52.80 48.70
CA ARG S 38 -60.02 -53.92 48.76
C ARG S 38 -60.51 -54.93 47.73
N GLY S 39 -59.87 -54.93 46.57
CA GLY S 39 -60.31 -55.78 45.48
C GLY S 39 -60.24 -55.04 44.17
N SER S 40 -60.89 -55.58 43.15
CA SER S 40 -60.78 -55.05 41.80
C SER S 40 -62.06 -54.36 41.39
N VAL S 41 -61.92 -53.18 40.83
CA VAL S 41 -63.04 -52.33 40.44
C VAL S 41 -63.24 -52.45 38.94
N LEU S 42 -64.45 -52.79 38.52
CA LEU S 42 -64.82 -52.88 37.11
C LEU S 42 -65.97 -51.91 36.87
N VAL S 43 -65.66 -50.76 36.29
CA VAL S 43 -66.64 -49.71 36.06
C VAL S 43 -66.76 -49.46 34.56
N GLU S 44 -67.99 -49.32 34.09
CA GLU S 44 -68.26 -48.76 32.78
C GLU S 44 -68.78 -47.34 33.00
N GLY S 45 -67.98 -46.36 32.63
CA GLY S 45 -68.36 -44.98 32.77
C GLY S 45 -67.26 -44.19 33.43
N GLU S 46 -67.58 -42.95 33.78
CA GLU S 46 -66.63 -42.10 34.49
C GLU S 46 -66.34 -42.68 35.85
N LEU S 47 -65.08 -42.62 36.24
CA LEU S 47 -64.66 -43.05 37.57
C LEU S 47 -63.92 -41.89 38.20
N GLU S 48 -64.08 -41.73 39.49
CA GLU S 48 -63.26 -40.83 40.26
C GLU S 48 -62.85 -41.51 41.56
N VAL S 49 -61.56 -41.49 41.84
CA VAL S 49 -61.07 -41.79 43.18
C VAL S 49 -60.95 -40.46 43.89
N GLY S 50 -61.56 -40.36 45.07
CA GLY S 50 -61.54 -39.13 45.82
C GLY S 50 -60.19 -38.87 46.46
N PRO S 51 -60.08 -37.76 47.19
CA PRO S 51 -58.77 -37.40 47.76
C PRO S 51 -58.28 -38.34 48.84
N THR S 52 -59.18 -38.84 49.70
CA THR S 52 -58.81 -39.85 50.69
C THR S 52 -59.15 -41.25 50.22
N GLY S 53 -59.62 -41.40 48.99
CA GLY S 53 -59.95 -42.70 48.47
C GLY S 53 -58.70 -43.52 48.19
N ARG S 54 -58.88 -44.83 48.19
CA ARG S 54 -57.83 -45.77 47.90
C ARG S 54 -58.44 -46.96 47.20
N VAL S 55 -57.90 -47.34 46.06
CA VAL S 55 -58.39 -48.50 45.32
C VAL S 55 -57.27 -49.51 45.27
N GLU S 56 -57.19 -50.35 46.27
CA GLU S 56 -56.10 -51.29 46.38
C GLU S 56 -56.57 -52.62 45.84
N GLY S 57 -55.83 -53.17 44.90
CA GLY S 57 -56.29 -54.40 44.30
C GLY S 57 -55.47 -54.74 43.08
N GLU S 58 -56.15 -55.27 42.06
CA GLU S 58 -55.46 -55.71 40.86
C GLU S 58 -55.99 -55.10 39.57
N ARG S 59 -57.30 -54.95 39.41
CA ARG S 59 -57.91 -54.55 38.16
C ARG S 59 -58.77 -53.33 38.41
N VAL S 60 -58.38 -52.19 37.84
CA VAL S 60 -59.22 -51.01 37.83
C VAL S 60 -59.43 -50.67 36.36
N GLU S 61 -60.55 -51.10 35.80
CA GLU S 61 -60.84 -50.87 34.40
C GLU S 61 -62.03 -49.93 34.29
N ALA S 62 -61.89 -48.90 33.46
CA ALA S 62 -62.94 -47.89 33.36
C ALA S 62 -62.95 -47.28 31.97
N ARG S 63 -63.61 -46.13 31.84
CA ARG S 63 -63.63 -45.37 30.59
C ARG S 63 -62.93 -44.04 30.74
N SER S 64 -63.15 -43.34 31.85
CA SER S 64 -62.36 -42.16 32.16
C SER S 64 -62.13 -42.16 33.65
N VAL S 65 -60.86 -42.08 34.04
CA VAL S 65 -60.48 -42.19 35.44
C VAL S 65 -59.94 -40.85 35.89
N LEU S 66 -60.45 -40.38 37.02
CA LEU S 66 -59.93 -39.18 37.64
C LEU S 66 -59.38 -39.53 39.01
N ILE S 67 -58.06 -39.66 39.10
CA ILE S 67 -57.40 -40.08 40.32
C ILE S 67 -57.05 -38.84 41.12
N HIS S 68 -57.47 -38.80 42.37
CA HIS S 68 -57.12 -37.71 43.27
C HIS S 68 -56.57 -38.23 44.58
N GLY S 69 -56.58 -39.54 44.81
CA GLY S 69 -56.05 -40.13 46.02
C GLY S 69 -54.97 -41.13 45.71
N GLU S 70 -55.20 -42.39 46.08
CA GLU S 70 -54.22 -43.45 45.84
C GLU S 70 -54.87 -44.56 45.04
N VAL S 71 -54.10 -45.16 44.13
CA VAL S 71 -54.48 -46.34 43.37
C VAL S 71 -53.29 -47.27 43.40
N LYS S 72 -53.53 -48.57 43.59
CA LYS S 72 -52.46 -49.54 43.39
C LYS S 72 -53.05 -50.74 42.67
N ALA S 73 -53.08 -50.68 41.35
CA ALA S 73 -53.59 -51.79 40.54
C ALA S 73 -53.14 -51.64 39.09
N GLU S 74 -53.45 -52.63 38.26
CA GLU S 74 -53.11 -52.59 36.84
C GLU S 74 -54.23 -51.85 36.13
N LEU S 75 -54.19 -50.53 36.24
CA LEU S 75 -55.27 -49.69 35.75
C LEU S 75 -55.30 -49.70 34.24
N THR S 76 -56.49 -49.56 33.67
CA THR S 76 -56.67 -49.55 32.21
C THR S 76 -57.89 -48.72 31.89
N ALA S 77 -57.73 -47.74 31.01
CA ALA S 77 -58.83 -46.84 30.70
C ALA S 77 -58.60 -46.27 29.30
N GLU S 78 -59.36 -45.23 28.99
CA GLU S 78 -59.12 -44.42 27.81
C GLU S 78 -58.36 -43.16 28.19
N LYS S 79 -58.91 -42.38 29.10
CA LYS S 79 -58.34 -41.11 29.53
C LYS S 79 -58.07 -41.23 31.02
N VAL S 80 -56.79 -41.27 31.39
CA VAL S 80 -56.39 -41.36 32.79
C VAL S 80 -55.91 -39.99 33.19
N VAL S 81 -56.80 -39.18 33.70
CA VAL S 81 -56.47 -37.83 34.10
C VAL S 81 -56.28 -37.82 35.60
N LEU S 82 -55.30 -37.07 36.08
CA LEU S 82 -54.91 -37.11 37.48
C LEU S 82 -55.03 -35.71 38.07
N SER S 83 -54.56 -35.58 39.29
CA SER S 83 -54.58 -34.31 40.00
C SER S 83 -53.22 -34.05 40.64
N LYS S 84 -53.17 -32.99 41.44
CA LYS S 84 -51.92 -32.56 42.06
C LYS S 84 -51.50 -33.46 43.21
N THR S 85 -52.45 -34.13 43.86
CA THR S 85 -52.19 -34.93 45.04
C THR S 85 -52.39 -36.41 44.80
N ALA S 86 -52.43 -36.81 43.53
CA ALA S 86 -52.65 -38.21 43.19
C ALA S 86 -51.42 -39.04 43.52
N ARG S 87 -51.60 -40.36 43.51
CA ARG S 87 -50.52 -41.29 43.79
C ARG S 87 -50.86 -42.60 43.10
N PHE S 88 -50.21 -42.87 41.99
CA PHE S 88 -50.44 -44.09 41.24
C PHE S 88 -49.40 -45.13 41.64
N THR S 89 -49.72 -46.40 41.42
CA THR S 89 -48.74 -47.48 41.54
C THR S 89 -49.21 -48.55 40.57
N GLY S 90 -48.29 -49.31 40.01
CA GLY S 90 -48.65 -50.47 39.22
C GLY S 90 -48.66 -50.15 37.75
N GLN S 91 -49.06 -51.15 36.96
CA GLN S 91 -49.08 -51.00 35.52
C GLN S 91 -50.18 -50.04 35.10
N LEU S 92 -50.16 -49.65 33.83
CA LEU S 92 -51.13 -48.73 33.29
C LEU S 92 -51.26 -49.01 31.80
N LYS S 93 -52.43 -48.76 31.24
CA LYS S 93 -52.67 -48.93 29.82
C LYS S 93 -53.79 -47.97 29.41
N ALA S 94 -53.41 -46.82 28.88
CA ALA S 94 -54.35 -45.76 28.55
C ALA S 94 -54.24 -45.37 27.08
N GLN S 95 -54.91 -44.27 26.75
CA GLN S 95 -54.75 -43.62 25.47
C GLN S 95 -54.38 -42.15 25.60
N ALA S 96 -54.60 -41.55 26.77
CA ALA S 96 -54.25 -40.15 27.01
C ALA S 96 -53.88 -40.01 28.48
N LEU S 97 -52.61 -40.18 28.80
CA LEU S 97 -52.14 -40.14 30.17
C LEU S 97 -51.89 -38.70 30.58
N GLU S 98 -52.91 -38.05 31.14
CA GLU S 98 -52.83 -36.63 31.45
C GLU S 98 -52.57 -36.44 32.94
N VAL S 99 -51.31 -36.26 33.27
CA VAL S 99 -50.88 -35.98 34.63
C VAL S 99 -50.68 -34.47 34.76
N GLU S 100 -51.08 -33.90 35.89
CA GLU S 100 -50.91 -32.45 35.98
C GLU S 100 -49.51 -32.08 36.44
N ALA S 101 -49.20 -32.21 37.73
CA ALA S 101 -47.81 -32.12 38.15
C ALA S 101 -47.45 -33.24 39.12
N GLY S 102 -48.14 -33.30 40.26
CA GLY S 102 -47.62 -34.00 41.42
C GLY S 102 -48.07 -35.42 41.66
N ALA S 103 -47.94 -36.29 40.67
CA ALA S 103 -48.25 -37.69 40.87
C ALA S 103 -46.96 -38.47 41.07
N VAL S 104 -46.95 -39.32 42.08
CA VAL S 104 -45.84 -40.25 42.23
C VAL S 104 -46.26 -41.46 41.40
N PHE S 105 -46.07 -41.37 40.10
CA PHE S 105 -46.54 -42.37 39.15
C PHE S 105 -45.46 -43.43 39.01
N VAL S 106 -45.66 -44.55 39.70
CA VAL S 106 -44.66 -45.59 39.80
C VAL S 106 -45.18 -46.81 39.07
N GLY S 107 -44.68 -47.06 37.89
CA GLY S 107 -45.03 -48.31 37.22
C GLY S 107 -45.04 -48.16 35.72
N GLN S 108 -44.80 -49.28 35.06
CA GLN S 108 -44.67 -49.34 33.61
C GLN S 108 -46.01 -49.05 32.94
N SER S 109 -46.01 -48.15 31.97
CA SER S 109 -47.24 -47.74 31.31
C SER S 109 -47.11 -47.85 29.80
N VAL S 110 -48.26 -47.98 29.16
CA VAL S 110 -48.40 -47.89 27.70
C VAL S 110 -49.45 -46.82 27.45
N ALA S 111 -49.21 -45.96 26.47
CA ALA S 111 -50.20 -44.95 26.11
C ALA S 111 -50.13 -44.63 24.63
N GLY S 112 -50.73 -43.53 24.22
CA GLY S 112 -50.65 -43.08 22.84
C GLY S 112 -51.38 -43.95 21.85
N LEU T 12 -73.43 -40.43 53.06
CA LEU T 12 -74.31 -41.13 52.14
C LEU T 12 -73.47 -42.07 51.30
N THR T 13 -74.03 -43.22 50.98
CA THR T 13 -73.40 -44.17 50.09
C THR T 13 -74.45 -44.77 49.18
N TYR T 14 -74.71 -44.12 48.06
CA TYR T 14 -75.72 -44.61 47.13
C TYR T 14 -75.05 -45.57 46.17
N LEU T 15 -75.65 -46.74 46.00
CA LEU T 15 -75.30 -47.62 44.90
C LEU T 15 -76.39 -47.53 43.84
N GLY T 16 -75.97 -47.70 42.59
CA GLY T 16 -76.88 -47.53 41.47
C GLY T 16 -77.83 -48.68 41.33
N PRO T 17 -78.60 -48.68 40.25
CA PRO T 17 -79.54 -49.78 40.02
C PRO T 17 -78.84 -51.06 39.63
N ASP T 18 -77.70 -50.94 38.95
CA ASP T 18 -76.93 -52.08 38.48
C ASP T 18 -75.46 -52.01 38.94
N THR T 19 -75.27 -52.24 40.23
CA THR T 19 -73.95 -52.13 40.83
C THR T 19 -73.70 -53.39 41.65
N GLU T 20 -73.26 -54.44 40.99
CA GLU T 20 -73.18 -55.75 41.62
C GLU T 20 -71.85 -55.87 42.35
N VAL T 21 -71.88 -55.75 43.66
CA VAL T 21 -70.67 -55.77 44.45
C VAL T 21 -70.47 -57.15 45.07
N LEU T 22 -69.50 -57.88 44.55
CA LEU T 22 -69.11 -59.12 45.18
C LEU T 22 -68.30 -58.75 46.41
N GLY T 23 -68.42 -59.55 47.46
CA GLY T 23 -67.56 -59.40 48.61
C GLY T 23 -68.25 -58.67 49.72
N ASP T 24 -67.54 -58.57 50.83
CA ASP T 24 -68.11 -58.14 52.11
C ASP T 24 -68.05 -56.63 52.22
N MET T 25 -69.13 -55.96 51.83
CA MET T 25 -69.19 -54.51 51.91
C MET T 25 -69.27 -54.06 53.36
N ARG T 26 -68.42 -53.12 53.74
CA ARG T 26 -68.38 -52.57 55.09
C ARG T 26 -68.50 -51.06 54.97
N ALA T 27 -69.62 -50.50 55.41
CA ALA T 27 -69.91 -49.10 55.17
C ALA T 27 -70.17 -48.42 56.50
N LYS T 28 -70.29 -47.09 56.45
CA LYS T 28 -70.71 -46.28 57.58
C LYS T 28 -71.64 -45.18 57.06
N GLY T 29 -72.57 -44.76 57.90
CA GLY T 29 -73.49 -43.71 57.55
C GLY T 29 -74.73 -44.24 56.86
N GLN T 30 -75.46 -43.32 56.23
CA GLN T 30 -76.65 -43.68 55.49
C GLN T 30 -76.27 -44.38 54.20
N VAL T 31 -76.92 -45.52 53.94
CA VAL T 31 -76.65 -46.33 52.77
C VAL T 31 -77.96 -46.54 52.04
N ARG T 32 -77.94 -46.42 50.73
CA ARG T 32 -79.03 -46.89 49.91
C ARG T 32 -78.49 -47.83 48.86
N ILE T 33 -78.88 -49.10 48.94
CA ILE T 33 -78.49 -50.11 47.96
C ILE T 33 -79.65 -50.28 47.01
N ASP T 34 -79.40 -50.13 45.71
CA ASP T 34 -80.40 -50.43 44.72
C ASP T 34 -79.92 -51.45 43.70
N GLY T 35 -78.66 -51.86 43.78
CA GLY T 35 -78.10 -52.77 42.79
C GLY T 35 -78.17 -54.21 43.21
N LEU T 36 -77.03 -54.75 43.61
CA LEU T 36 -76.95 -56.10 44.12
C LEU T 36 -75.77 -56.15 45.08
N VAL T 37 -75.84 -57.05 46.05
CA VAL T 37 -74.70 -57.38 46.88
C VAL T 37 -74.58 -58.89 46.92
N ARG T 38 -73.45 -59.40 46.50
CA ARG T 38 -73.12 -60.80 46.71
C ARG T 38 -72.13 -60.84 47.85
N GLY T 39 -72.60 -61.15 49.04
CA GLY T 39 -71.76 -61.11 50.22
C GLY T 39 -72.50 -60.51 51.39
N SER T 40 -71.76 -60.14 52.43
CA SER T 40 -72.36 -59.68 53.66
C SER T 40 -72.16 -58.18 53.84
N VAL T 41 -73.23 -57.50 54.20
CA VAL T 41 -73.25 -56.05 54.34
C VAL T 41 -73.16 -55.71 55.82
N LEU T 42 -72.18 -54.88 56.18
CA LEU T 42 -72.00 -54.41 57.56
C LEU T 42 -72.08 -52.88 57.52
N VAL T 43 -73.23 -52.34 57.92
CA VAL T 43 -73.48 -50.91 57.88
C VAL T 43 -73.73 -50.41 59.30
N GLU T 44 -73.12 -49.29 59.64
CA GLU T 44 -73.52 -48.51 60.80
C GLU T 44 -74.29 -47.30 60.29
N GLY T 45 -75.59 -47.29 60.55
CA GLY T 45 -76.44 -46.19 60.15
C GLY T 45 -77.67 -46.71 59.45
N GLU T 46 -78.43 -45.77 58.87
CA GLU T 46 -79.62 -46.14 58.12
C GLU T 46 -79.22 -46.94 56.89
N LEU T 47 -80.00 -47.98 56.61
CA LEU T 47 -79.80 -48.78 55.42
C LEU T 47 -81.11 -48.79 54.67
N GLU T 48 -81.02 -48.79 53.35
CA GLU T 48 -82.18 -49.04 52.51
C GLU T 48 -81.78 -49.98 51.39
N VAL T 49 -82.56 -51.04 51.22
CA VAL T 49 -82.51 -51.84 50.00
C VAL T 49 -83.57 -51.27 49.08
N GLY T 50 -83.17 -50.93 47.86
CA GLY T 50 -84.09 -50.34 46.91
C GLY T 50 -85.05 -51.36 46.36
N PRO T 51 -85.94 -50.92 45.46
CA PRO T 51 -86.98 -51.83 44.94
C PRO T 51 -86.43 -52.96 44.09
N THR T 52 -85.43 -52.70 43.26
CA THR T 52 -84.77 -53.74 42.49
C THR T 52 -83.50 -54.24 43.15
N GLY T 53 -83.21 -53.74 44.35
CA GLY T 53 -82.02 -54.17 45.05
C GLY T 53 -82.16 -55.58 45.58
N ARG T 54 -81.02 -56.21 45.79
CA ARG T 54 -80.95 -57.56 46.33
C ARG T 54 -79.70 -57.66 47.17
N VAL T 55 -79.83 -58.12 48.40
CA VAL T 55 -78.68 -58.28 49.28
C VAL T 55 -78.58 -59.76 49.61
N GLU T 56 -77.87 -60.49 48.77
CA GLU T 56 -77.79 -61.93 48.92
C GLU T 56 -76.50 -62.25 49.65
N GLY T 57 -76.61 -63.00 50.72
CA GLY T 57 -75.40 -63.26 51.48
C GLY T 57 -75.75 -63.89 52.81
N GLU T 58 -75.00 -63.50 53.84
CA GLU T 58 -75.17 -64.09 55.15
C GLU T 58 -75.44 -63.10 56.27
N ARG T 59 -74.77 -61.95 56.29
CA ARG T 59 -74.82 -61.01 57.40
C ARG T 59 -75.24 -59.66 56.86
N VAL T 60 -76.41 -59.20 57.26
CA VAL T 60 -76.84 -57.82 57.00
C VAL T 60 -77.11 -57.21 58.36
N GLU T 61 -76.13 -56.49 58.88
CA GLU T 61 -76.25 -55.88 60.20
C GLU T 61 -76.27 -54.36 60.05
N ALA T 62 -77.24 -53.72 60.69
CA ALA T 62 -77.40 -52.28 60.52
C ALA T 62 -78.00 -51.68 61.78
N ARG T 63 -78.51 -50.45 61.67
CA ARG T 63 -79.20 -49.77 62.75
C ARG T 63 -80.67 -49.56 62.44
N SER T 64 -80.99 -49.17 61.22
CA SER T 64 -82.37 -49.14 60.77
C SER T 64 -82.40 -49.58 59.32
N VAL T 65 -83.19 -50.60 59.04
CA VAL T 65 -83.21 -51.20 57.71
C VAL T 65 -84.56 -50.90 57.08
N LEU T 66 -84.53 -50.42 55.85
CA LEU T 66 -85.74 -50.23 55.08
C LEU T 66 -85.67 -51.10 53.85
N ILE T 67 -86.37 -52.24 53.89
CA ILE T 67 -86.34 -53.22 52.81
C ILE T 67 -87.47 -52.90 51.85
N HIS T 68 -87.13 -52.76 50.58
CA HIS T 68 -88.12 -52.54 49.55
C HIS T 68 -87.95 -53.50 48.38
N GLY T 69 -86.88 -54.31 48.39
CA GLY T 69 -86.64 -55.29 47.35
C GLY T 69 -86.53 -56.69 47.92
N GLU T 70 -85.37 -57.31 47.76
CA GLU T 70 -85.15 -58.66 48.25
C GLU T 70 -83.95 -58.68 49.18
N VAL T 71 -84.03 -59.48 50.23
CA VAL T 71 -82.93 -59.75 51.15
C VAL T 71 -82.92 -61.24 51.39
N LYS T 72 -81.75 -61.85 51.41
CA LYS T 72 -81.65 -63.24 51.86
C LYS T 72 -80.40 -63.36 52.72
N ALA T 73 -80.54 -63.08 54.01
CA ALA T 73 -79.44 -63.19 54.96
C ALA T 73 -79.94 -63.20 56.39
N GLU T 74 -79.04 -63.40 57.34
CA GLU T 74 -79.40 -63.40 58.76
C GLU T 74 -79.37 -61.96 59.23
N LEU T 75 -80.43 -61.23 58.90
CA LEU T 75 -80.47 -59.79 59.14
C LEU T 75 -80.57 -59.51 60.64
N THR T 76 -80.00 -58.40 61.07
CA THR T 76 -80.02 -58.01 62.47
C THR T 76 -79.96 -56.50 62.54
N ALA T 77 -80.91 -55.88 63.24
CA ALA T 77 -80.97 -54.44 63.32
C ALA T 77 -81.68 -54.04 64.59
N GLU T 78 -82.05 -52.77 64.67
CA GLU T 78 -82.95 -52.28 65.70
C GLU T 78 -84.37 -52.20 65.18
N LYS T 79 -84.57 -51.45 64.10
CA LYS T 79 -85.88 -51.22 63.51
C LYS T 79 -85.83 -51.78 62.09
N VAL T 80 -86.54 -52.86 61.84
CA VAL T 80 -86.59 -53.47 60.52
C VAL T 80 -87.94 -53.11 59.92
N VAL T 81 -87.98 -52.02 59.22
CA VAL T 81 -89.22 -51.55 58.62
C VAL T 81 -89.21 -51.94 57.15
N LEU T 82 -90.36 -52.36 56.65
CA LEU T 82 -90.44 -52.93 55.31
C LEU T 82 -91.41 -52.11 54.48
N SER T 83 -91.71 -52.61 53.29
CA SER T 83 -92.64 -51.96 52.38
C SER T 83 -93.61 -52.99 51.82
N LYS T 84 -94.40 -52.54 50.85
CA LYS T 84 -95.46 -53.38 50.28
C LYS T 84 -94.91 -54.44 49.35
N THR T 85 -93.74 -54.19 48.74
CA THR T 85 -93.18 -55.09 47.74
C THR T 85 -91.91 -55.77 48.22
N ALA T 86 -91.67 -55.75 49.53
CA ALA T 86 -90.47 -56.34 50.09
C ALA T 86 -90.53 -57.86 50.02
N ARG T 87 -89.39 -58.49 50.23
CA ARG T 87 -89.30 -59.95 50.21
C ARG T 87 -88.11 -60.34 51.07
N PHE T 88 -88.39 -60.82 52.28
CA PHE T 88 -87.36 -61.24 53.22
C PHE T 88 -87.14 -62.73 53.08
N THR T 89 -85.97 -63.20 53.49
CA THR T 89 -85.70 -64.63 53.63
C THR T 89 -84.65 -64.72 54.73
N GLY T 90 -84.66 -65.80 55.49
CA GLY T 90 -83.60 -66.07 56.43
C GLY T 90 -83.97 -65.62 57.82
N GLN T 91 -83.01 -65.77 58.74
CA GLN T 91 -83.24 -65.40 60.13
C GLN T 91 -83.36 -63.90 60.28
N LEU T 92 -83.79 -63.47 61.46
CA LEU T 92 -83.97 -62.06 61.74
C LEU T 92 -83.80 -61.87 63.24
N LYS T 93 -83.32 -60.70 63.65
CA LYS T 93 -83.16 -60.37 65.05
C LYS T 93 -83.26 -58.85 65.20
N ALA T 94 -84.45 -58.38 65.55
CA ALA T 94 -84.74 -56.95 65.61
C ALA T 94 -85.25 -56.56 66.99
N GLN T 95 -85.73 -55.33 67.06
CA GLN T 95 -86.44 -54.84 68.24
C GLN T 95 -87.81 -54.29 67.88
N ALA T 96 -88.04 -53.96 66.62
CA ALA T 96 -89.35 -53.45 66.17
C ALA T 96 -89.56 -53.90 64.73
N LEU T 97 -90.18 -55.06 64.56
CA LEU T 97 -90.37 -55.64 63.23
C LEU T 97 -91.62 -55.05 62.61
N GLU T 98 -91.46 -53.98 61.86
CA GLU T 98 -92.61 -53.24 61.32
C GLU T 98 -92.78 -53.59 59.85
N VAL T 99 -93.68 -54.53 59.59
CA VAL T 99 -94.04 -54.93 58.25
C VAL T 99 -95.34 -54.23 57.88
N GLU T 100 -95.44 -53.76 56.63
CA GLU T 100 -96.67 -53.06 56.32
C GLU T 100 -97.79 -54.01 55.92
N ALA T 101 -97.76 -54.56 54.71
CA ALA T 101 -98.64 -55.68 54.39
C ALA T 101 -97.91 -56.79 53.66
N GLY T 102 -97.34 -56.48 52.50
CA GLY T 102 -97.02 -57.51 51.52
C GLY T 102 -95.60 -58.04 51.49
N ALA T 103 -95.07 -58.48 52.62
CA ALA T 103 -93.76 -59.09 52.64
C ALA T 103 -93.92 -60.60 52.69
N VAL T 104 -93.18 -61.30 51.85
CA VAL T 104 -93.09 -62.74 51.95
C VAL T 104 -91.96 -63.00 52.93
N PHE T 105 -92.27 -62.86 54.22
CA PHE T 105 -91.27 -62.91 55.28
C PHE T 105 -91.10 -64.38 55.69
N VAL T 106 -90.05 -64.99 55.20
CA VAL T 106 -89.82 -66.41 55.36
C VAL T 106 -88.61 -66.61 56.25
N GLY T 107 -88.81 -66.95 57.50
CA GLY T 107 -87.69 -67.29 58.34
C GLY T 107 -87.93 -66.95 59.78
N GLN T 108 -87.24 -67.68 60.64
CA GLN T 108 -87.40 -67.57 62.08
C GLN T 108 -86.87 -66.22 62.58
N SER T 109 -87.66 -65.53 63.38
CA SER T 109 -87.29 -64.20 63.85
C SER T 109 -87.41 -64.11 65.36
N VAL T 110 -86.66 -63.16 65.92
CA VAL T 110 -86.78 -62.75 67.30
C VAL T 110 -86.99 -61.25 67.29
N ALA T 111 -87.90 -60.76 68.13
CA ALA T 111 -88.12 -59.32 68.21
C ALA T 111 -88.54 -58.94 69.62
N GLY T 112 -89.08 -57.74 69.78
CA GLY T 112 -89.60 -57.28 71.06
C GLY T 112 -88.55 -57.06 72.13
N LEU U 12 -107.78 -36.38 66.27
CA LEU U 12 -107.92 -36.52 64.83
C LEU U 12 -109.28 -36.02 64.42
N THR U 13 -109.36 -35.38 63.25
CA THR U 13 -110.62 -34.95 62.69
C THR U 13 -110.59 -35.19 61.19
N TYR U 14 -110.97 -36.38 60.77
CA TYR U 14 -110.97 -36.71 59.37
C TYR U 14 -112.29 -36.31 58.77
N LEU U 15 -112.24 -35.59 57.66
CA LEU U 15 -113.42 -35.39 56.83
C LEU U 15 -113.31 -36.27 55.60
N GLY U 16 -114.45 -36.72 55.11
CA GLY U 16 -114.49 -37.66 54.02
C GLY U 16 -114.17 -37.02 52.70
N PRO U 17 -114.31 -37.78 51.63
CA PRO U 17 -114.04 -37.23 50.29
C PRO U 17 -115.10 -36.23 49.84
N ASP U 18 -116.33 -36.45 50.30
CA ASP U 18 -117.46 -35.60 49.94
C ASP U 18 -118.21 -35.07 51.18
N THR U 19 -117.56 -34.15 51.88
CA THR U 19 -118.09 -33.61 53.12
C THR U 19 -118.03 -32.10 53.03
N GLU U 20 -119.03 -31.51 52.42
CA GLU U 20 -118.98 -30.09 52.10
C GLU U 20 -119.49 -29.29 53.29
N VAL U 21 -118.59 -28.69 54.03
CA VAL U 21 -118.96 -27.98 55.24
C VAL U 21 -119.02 -26.49 54.96
N LEU U 22 -120.22 -25.94 54.93
CA LEU U 22 -120.39 -24.51 54.86
C LEU U 22 -120.09 -23.96 56.24
N GLY U 23 -119.51 -22.79 56.29
CA GLY U 23 -119.34 -22.09 57.54
C GLY U 23 -117.94 -22.23 58.08
N ASP U 24 -117.71 -21.55 59.20
CA ASP U 24 -116.37 -21.34 59.73
C ASP U 24 -115.99 -22.50 60.64
N MET U 25 -115.30 -23.48 60.08
CA MET U 25 -114.87 -24.63 60.87
C MET U 25 -113.76 -24.23 61.83
N ARG U 26 -113.92 -24.60 63.10
CA ARG U 26 -112.93 -24.30 64.14
C ARG U 26 -112.59 -25.63 64.80
N ALA U 27 -111.35 -26.10 64.60
CA ALA U 27 -110.97 -27.43 65.04
C ALA U 27 -109.75 -27.33 65.94
N LYS U 28 -109.39 -28.45 66.55
CA LYS U 28 -108.16 -28.60 67.31
C LYS U 28 -107.58 -29.97 67.02
N GLY U 29 -106.26 -30.07 67.09
CA GLY U 29 -105.57 -31.31 66.86
C GLY U 29 -105.26 -31.54 65.39
N GLN U 30 -104.92 -32.79 65.08
CA GLN U 30 -104.63 -33.17 63.72
C GLN U 30 -105.90 -33.21 62.89
N VAL U 31 -105.88 -32.57 61.74
CA VAL U 31 -107.02 -32.49 60.84
C VAL U 31 -106.60 -33.00 59.48
N ARG U 32 -107.44 -33.81 58.86
CA ARG U 32 -107.28 -34.11 57.45
C ARG U 32 -108.58 -33.79 56.74
N ILE U 33 -108.55 -32.81 55.85
CA ILE U 33 -109.70 -32.44 55.04
C ILE U 33 -109.52 -33.06 53.68
N ASP U 34 -110.50 -33.83 53.24
CA ASP U 34 -110.50 -34.36 51.89
C ASP U 34 -111.75 -33.96 51.11
N GLY U 35 -112.71 -33.30 51.76
CA GLY U 35 -113.96 -32.98 51.11
C GLY U 35 -113.98 -31.60 50.52
N LEU U 36 -114.67 -30.69 51.18
CA LEU U 36 -114.70 -29.29 50.79
C LEU U 36 -114.95 -28.47 52.03
N VAL U 37 -114.47 -27.23 52.03
CA VAL U 37 -114.84 -26.26 53.05
C VAL U 37 -115.25 -25.00 52.33
N ARG U 38 -116.47 -24.55 52.56
CA ARG U 38 -116.88 -23.22 52.15
C ARG U 38 -116.87 -22.35 53.39
N GLY U 39 -115.81 -21.56 53.55
CA GLY U 39 -115.65 -20.77 54.74
C GLY U 39 -114.22 -20.80 55.21
N SER U 40 -113.98 -20.36 56.44
CA SER U 40 -112.64 -20.21 56.96
C SER U 40 -112.33 -21.28 57.99
N VAL U 41 -111.16 -21.89 57.84
CA VAL U 41 -110.72 -22.99 58.69
C VAL U 41 -109.75 -22.44 59.72
N LEU U 42 -110.01 -22.70 60.99
CA LEU U 42 -109.15 -22.31 62.10
C LEU U 42 -108.75 -23.57 62.84
N VAL U 43 -107.54 -24.06 62.60
CA VAL U 43 -107.05 -25.30 63.19
C VAL U 43 -105.83 -24.99 64.04
N GLU U 44 -105.79 -25.59 65.23
CA GLU U 44 -104.56 -25.68 66.01
C GLU U 44 -104.04 -27.11 65.87
N GLY U 45 -102.95 -27.27 65.17
CA GLY U 45 -102.34 -28.57 64.99
C GLY U 45 -102.02 -28.80 63.53
N GLU U 46 -101.64 -30.04 63.22
CA GLU U 46 -101.35 -30.42 61.85
C GLU U 46 -102.63 -30.34 61.02
N LEU U 47 -102.48 -29.84 59.81
CA LEU U 47 -103.58 -29.77 58.88
C LEU U 47 -103.13 -30.47 57.61
N GLU U 48 -104.05 -31.17 56.97
CA GLU U 48 -103.83 -31.68 55.63
C GLU U 48 -105.07 -31.42 54.79
N VAL U 49 -104.86 -30.83 53.62
CA VAL U 49 -105.87 -30.84 52.58
C VAL U 49 -105.57 -32.04 51.70
N GLY U 50 -106.58 -32.87 51.49
CA GLY U 50 -106.39 -34.07 50.69
C GLY U 50 -106.29 -33.77 49.22
N PRO U 51 -106.14 -34.80 48.40
CA PRO U 51 -105.93 -34.58 46.96
C PRO U 51 -107.14 -34.00 46.24
N THR U 52 -108.35 -34.43 46.60
CA THR U 52 -109.57 -33.85 46.06
C THR U 52 -110.17 -32.80 46.98
N GLY U 53 -109.49 -32.49 48.09
CA GLY U 53 -109.99 -31.50 49.00
C GLY U 53 -109.87 -30.10 48.43
N ARG U 54 -110.70 -29.22 48.96
CA ARG U 54 -110.71 -27.82 48.57
C ARG U 54 -111.10 -27.01 49.78
N VAL U 55 -110.32 -25.99 50.10
CA VAL U 55 -110.61 -25.14 51.24
C VAL U 55 -110.82 -23.73 50.69
N GLU U 56 -112.04 -23.43 50.31
CA GLU U 56 -112.33 -22.17 49.67
C GLU U 56 -112.86 -21.23 50.73
N GLY U 57 -112.27 -20.07 50.83
CA GLY U 57 -112.70 -19.17 51.89
C GLY U 57 -111.73 -18.02 52.03
N GLU U 58 -111.51 -17.61 53.28
CA GLU U 58 -110.66 -16.45 53.55
C GLU U 58 -109.51 -16.73 54.50
N ARG U 59 -109.73 -17.49 55.56
CA ARG U 59 -108.74 -17.67 56.63
C ARG U 59 -108.47 -19.15 56.79
N VAL U 60 -107.26 -19.57 56.48
CA VAL U 60 -106.81 -20.92 56.80
C VAL U 60 -105.59 -20.75 57.69
N GLU U 61 -105.77 -20.83 58.99
CA GLU U 61 -104.69 -20.64 59.95
C GLU U 61 -104.42 -21.95 60.66
N ALA U 62 -103.15 -22.35 60.71
CA ALA U 62 -102.81 -23.64 61.29
C ALA U 62 -101.42 -23.59 61.90
N ARG U 63 -100.84 -24.76 62.16
CA ARG U 63 -99.48 -24.87 62.65
C ARG U 63 -98.57 -25.56 61.64
N SER U 64 -99.05 -26.61 60.99
CA SER U 64 -98.33 -27.18 59.86
C SER U 64 -99.36 -27.61 58.84
N VAL U 65 -99.21 -27.11 57.62
CA VAL U 65 -100.19 -27.34 56.58
C VAL U 65 -99.57 -28.22 55.52
N LEU U 66 -100.27 -29.27 55.14
CA LEU U 66 -99.86 -30.12 54.03
C LEU U 66 -100.92 -30.06 52.95
N ILE U 67 -100.65 -29.28 51.92
CA ILE U 67 -101.59 -29.05 50.83
C ILE U 67 -101.33 -30.09 49.75
N HIS U 68 -102.37 -30.82 49.38
CA HIS U 68 -102.28 -31.77 48.29
C HIS U 68 -103.38 -31.58 47.27
N GLY U 69 -104.34 -30.68 47.53
CA GLY U 69 -105.41 -30.39 46.61
C GLY U 69 -105.45 -28.93 46.23
N GLU U 70 -106.53 -28.24 46.57
CA GLU U 70 -106.69 -26.83 46.26
C GLU U 70 -106.96 -26.05 47.53
N VAL U 71 -106.39 -24.86 47.61
CA VAL U 71 -106.66 -23.89 48.67
C VAL U 71 -106.86 -22.54 48.00
N LYS U 72 -107.84 -21.77 48.44
CA LYS U 72 -107.93 -20.39 48.01
C LYS U 72 -108.31 -19.54 49.22
N ALA U 73 -107.29 -19.11 49.98
CA ALA U 73 -107.51 -18.27 51.14
C ALA U 73 -106.21 -17.59 51.56
N GLU U 74 -106.28 -16.71 52.55
CA GLU U 74 -105.10 -16.02 53.08
C GLU U 74 -104.49 -16.93 54.12
N LEU U 75 -103.77 -17.94 53.65
CA LEU U 75 -103.24 -18.99 54.52
C LEU U 75 -102.13 -18.42 55.39
N THR U 76 -102.01 -18.98 56.60
CA THR U 76 -100.98 -18.53 57.54
C THR U 76 -100.63 -19.71 58.44
N ALA U 77 -99.35 -20.04 58.52
CA ALA U 77 -98.92 -21.19 59.29
C ALA U 77 -97.48 -20.98 59.73
N GLU U 78 -96.86 -22.06 60.19
CA GLU U 78 -95.44 -22.09 60.42
C GLU U 78 -94.73 -22.77 59.26
N LYS U 79 -95.12 -23.99 58.96
CA LYS U 79 -94.50 -24.79 57.91
C LYS U 79 -95.59 -25.10 56.89
N VAL U 80 -95.49 -24.52 55.71
CA VAL U 80 -96.46 -24.75 54.65
C VAL U 80 -95.79 -25.67 53.64
N VAL U 81 -95.97 -26.95 53.82
CA VAL U 81 -95.35 -27.93 52.94
C VAL U 81 -96.39 -28.40 51.95
N LEU U 82 -95.99 -28.59 50.71
CA LEU U 82 -96.94 -28.87 49.65
C LEU U 82 -96.58 -30.20 49.00
N SER U 83 -97.27 -30.50 47.90
CA SER U 83 -97.03 -31.72 47.16
C SER U 83 -96.93 -31.41 45.67
N LYS U 84 -96.88 -32.48 44.88
CA LYS U 84 -96.70 -32.35 43.44
C LYS U 84 -97.95 -31.87 42.73
N THR U 85 -99.12 -32.12 43.30
CA THR U 85 -100.40 -31.81 42.65
C THR U 85 -101.15 -30.72 43.38
N ALA U 86 -100.47 -29.98 44.24
CA ALA U 86 -101.11 -28.91 45.00
C ALA U 86 -101.47 -27.74 44.11
N ARG U 87 -102.30 -26.86 44.63
CA ARG U 87 -102.71 -25.67 43.90
C ARG U 87 -103.10 -24.61 44.93
N PHE U 88 -102.23 -23.65 45.13
CA PHE U 88 -102.46 -22.56 46.08
C PHE U 88 -103.06 -21.38 45.35
N THR U 89 -103.74 -20.52 46.08
CA THR U 89 -104.18 -19.22 45.56
C THR U 89 -104.24 -18.31 46.79
N GLY U 90 -103.99 -17.02 46.61
CA GLY U 90 -104.21 -16.06 47.67
C GLY U 90 -102.93 -15.76 48.40
N GLN U 91 -103.07 -14.93 49.43
CA GLN U 91 -101.92 -14.52 50.22
C GLN U 91 -101.37 -15.69 51.03
N LEU U 92 -100.20 -15.50 51.61
CA LEU U 92 -99.55 -16.53 52.40
C LEU U 92 -98.65 -15.83 53.41
N LYS U 93 -98.47 -16.46 54.57
CA LYS U 93 -97.58 -15.93 55.61
C LYS U 93 -97.07 -17.11 56.42
N ALA U 94 -95.87 -17.58 56.10
CA ALA U 94 -95.29 -18.75 56.71
C ALA U 94 -93.94 -18.44 57.32
N GLN U 95 -93.25 -19.52 57.71
CA GLN U 95 -91.85 -19.43 58.12
C GLN U 95 -90.97 -20.39 57.34
N ALA U 96 -91.55 -21.39 56.68
CA ALA U 96 -90.78 -22.33 55.87
C ALA U 96 -91.67 -22.80 54.72
N LEU U 97 -91.60 -22.09 53.60
CA LEU U 97 -92.47 -22.37 52.45
C LEU U 97 -91.83 -23.46 51.62
N GLU U 98 -92.18 -24.71 51.90
CA GLU U 98 -91.53 -25.86 51.27
C GLU U 98 -92.44 -26.40 50.18
N VAL U 99 -92.19 -25.98 48.96
CA VAL U 99 -92.89 -26.47 47.78
C VAL U 99 -92.03 -27.52 47.12
N GLU U 100 -92.65 -28.60 46.63
CA GLU U 100 -91.81 -29.62 46.03
C GLU U 100 -91.48 -29.31 44.57
N ALA U 101 -92.43 -29.52 43.65
CA ALA U 101 -92.25 -28.97 42.31
C ALA U 101 -93.51 -28.31 41.80
N GLY U 102 -94.62 -29.05 41.73
CA GLY U 102 -95.72 -28.67 40.87
C GLY U 102 -96.88 -27.94 41.49
N ALA U 103 -96.64 -26.86 42.20
CA ALA U 103 -97.71 -26.05 42.73
C ALA U 103 -97.91 -24.84 41.85
N VAL U 104 -99.17 -24.56 41.51
CA VAL U 104 -99.48 -23.31 40.85
C VAL U 104 -99.73 -22.33 41.98
N PHE U 105 -98.64 -21.80 42.53
CA PHE U 105 -98.68 -20.96 43.72
C PHE U 105 -98.86 -19.53 43.27
N VAL U 106 -100.10 -19.05 43.37
CA VAL U 106 -100.49 -17.76 42.83
C VAL U 106 -100.84 -16.85 44.00
N GLY U 107 -99.95 -15.95 44.35
CA GLY U 107 -100.31 -14.97 45.34
C GLY U 107 -99.10 -14.52 46.14
N GLN U 108 -99.21 -13.30 46.66
CA GLN U 108 -98.13 -12.65 47.39
C GLN U 108 -97.88 -13.36 48.72
N SER U 109 -96.63 -13.67 49.00
CA SER U 109 -96.28 -14.40 50.21
C SER U 109 -95.19 -13.69 50.99
N VAL U 110 -95.15 -13.99 52.28
CA VAL U 110 -94.07 -13.60 53.17
C VAL U 110 -93.56 -14.88 53.83
N ALA U 111 -92.26 -15.02 53.93
CA ALA U 111 -91.70 -16.19 54.61
C ALA U 111 -90.39 -15.84 55.29
N GLY U 112 -89.62 -16.85 55.67
CA GLY U 112 -88.31 -16.64 56.25
C GLY U 112 -88.31 -16.01 57.63
N LEU V 12 -116.26 -42.28 56.23
CA LEU V 12 -116.27 -41.90 57.64
C LEU V 12 -115.94 -40.42 57.74
N THR V 13 -116.56 -39.73 58.69
CA THR V 13 -116.28 -38.35 58.97
C THR V 13 -116.29 -38.14 60.47
N TYR V 14 -115.15 -38.36 61.11
CA TYR V 14 -115.06 -38.19 62.55
C TYR V 14 -114.71 -36.75 62.85
N LEU V 15 -115.46 -36.14 63.75
CA LEU V 15 -115.07 -34.88 64.34
C LEU V 15 -114.57 -35.14 65.76
N GLY V 16 -113.62 -34.33 66.19
CA GLY V 16 -112.98 -34.54 67.46
C GLY V 16 -113.85 -34.14 68.62
N PRO V 17 -113.29 -34.16 69.81
CA PRO V 17 -114.06 -33.76 71.00
C PRO V 17 -114.32 -32.27 71.05
N ASP V 18 -113.38 -31.50 70.50
CA ASP V 18 -113.47 -30.04 70.50
C ASP V 18 -113.31 -29.46 69.09
N THR V 19 -114.34 -29.66 68.28
CA THR V 19 -114.31 -29.25 66.88
C THR V 19 -115.60 -28.47 66.60
N GLU V 20 -115.58 -27.19 66.93
CA GLU V 20 -116.81 -26.40 66.89
C GLU V 20 -117.00 -25.86 65.49
N VAL V 21 -117.92 -26.45 64.74
CA VAL V 21 -118.12 -26.06 63.36
C VAL V 21 -119.34 -25.15 63.26
N LEU V 22 -119.09 -23.88 63.00
CA LEU V 22 -120.17 -22.96 62.70
C LEU V 22 -120.61 -23.26 61.29
N GLY V 23 -121.89 -23.12 61.02
CA GLY V 23 -122.38 -23.17 59.67
C GLY V 23 -123.00 -24.51 59.37
N ASP V 24 -123.54 -24.61 58.16
CA ASP V 24 -124.41 -25.71 57.76
C ASP V 24 -123.57 -26.87 57.23
N MET V 25 -123.23 -27.82 58.09
CA MET V 25 -122.45 -28.96 57.66
C MET V 25 -123.28 -29.88 56.79
N ARG V 26 -122.73 -30.26 55.64
CA ARG V 26 -123.39 -31.16 54.70
C ARG V 26 -122.44 -32.30 54.43
N ALA V 27 -122.79 -33.51 54.88
CA ALA V 27 -121.87 -34.63 54.84
C ALA V 27 -122.53 -35.78 54.10
N LYS V 28 -121.74 -36.82 53.84
CA LYS V 28 -122.23 -38.08 53.30
C LYS V 28 -121.49 -39.21 53.99
N GLY V 29 -122.15 -40.36 54.12
CA GLY V 29 -121.56 -41.52 54.72
C GLY V 29 -121.74 -41.54 56.23
N GLN V 30 -120.97 -42.39 56.88
CA GLN V 30 -121.00 -42.51 58.33
C GLN V 30 -120.35 -41.29 58.96
N VAL V 31 -121.04 -40.69 59.92
CA VAL V 31 -120.55 -39.50 60.61
C VAL V 31 -120.56 -39.79 62.10
N ARG V 32 -119.51 -39.38 62.78
CA ARG V 32 -119.52 -39.33 64.23
C ARG V 32 -119.12 -37.93 64.67
N ILE V 33 -120.06 -37.22 65.29
CA ILE V 33 -119.82 -35.90 65.83
C ILE V 33 -119.58 -36.04 67.32
N ASP V 34 -118.45 -35.55 67.80
CA ASP V 34 -118.20 -35.50 69.23
C ASP V 34 -117.91 -34.08 69.71
N GLY V 35 -117.81 -33.12 68.80
CA GLY V 35 -117.44 -31.77 69.19
C GLY V 35 -118.63 -30.88 69.42
N LEU V 36 -118.90 -30.00 68.48
CA LEU V 36 -120.05 -29.13 68.51
C LEU V 36 -120.42 -28.80 67.08
N VAL V 37 -121.69 -28.53 66.85
CA VAL V 37 -122.15 -27.96 65.59
C VAL V 37 -123.04 -26.77 65.92
N ARG V 38 -122.67 -25.61 65.42
CA ARG V 38 -123.57 -24.47 65.45
C ARG V 38 -124.12 -24.31 64.05
N GLY V 39 -125.33 -24.79 63.84
CA GLY V 39 -125.91 -24.79 62.52
C GLY V 39 -126.66 -26.08 62.26
N SER V 40 -126.97 -26.34 61.01
CA SER V 40 -127.80 -27.47 60.64
C SER V 40 -126.98 -28.54 59.95
N VAL V 41 -127.18 -29.78 60.38
CA VAL V 41 -126.43 -30.93 59.90
C VAL V 41 -127.29 -31.68 58.90
N LEU V 42 -126.76 -31.91 57.70
CA LEU V 42 -127.44 -32.67 56.66
C LEU V 42 -126.55 -33.85 56.30
N VAL V 43 -126.87 -35.03 56.82
CA VAL V 43 -126.07 -36.23 56.61
C VAL V 43 -126.91 -37.26 55.87
N GLU V 44 -126.29 -37.90 54.88
CA GLU V 44 -126.82 -39.14 54.31
C GLU V 44 -125.97 -40.28 54.85
N GLY V 45 -126.56 -41.09 55.72
CA GLY V 45 -125.87 -42.23 56.28
C GLY V 45 -126.05 -42.26 57.78
N GLU V 46 -125.30 -43.15 58.42
CA GLU V 46 -125.34 -43.25 59.87
C GLU V 46 -124.78 -41.97 60.49
N LEU V 47 -125.43 -41.53 61.54
CA LEU V 47 -124.97 -40.36 62.28
C LEU V 47 -124.82 -40.80 63.73
N GLU V 48 -123.82 -40.27 64.40
CA GLU V 48 -123.70 -40.39 65.83
C GLU V 48 -123.31 -39.05 66.42
N VAL V 49 -124.05 -38.61 67.43
CA VAL V 49 -123.61 -37.55 68.30
C VAL V 49 -122.92 -38.21 69.48
N GLY V 50 -121.69 -37.80 69.76
CA GLY V 50 -120.93 -38.39 70.83
C GLY V 50 -121.42 -37.95 72.19
N PRO V 51 -120.78 -38.42 73.25
CA PRO V 51 -121.26 -38.12 74.61
C PRO V 51 -121.13 -36.66 75.00
N THR V 52 -120.04 -36.00 74.61
CA THR V 52 -119.89 -34.56 74.82
C THR V 52 -120.28 -33.75 73.60
N GLY V 53 -120.77 -34.40 72.55
CA GLY V 53 -121.18 -33.70 71.37
C GLY V 53 -122.46 -32.91 71.59
N ARG V 54 -122.63 -31.89 70.77
CA ARG V 54 -123.81 -31.04 70.81
C ARG V 54 -124.10 -30.58 69.39
N VAL V 55 -125.32 -30.77 68.94
CA VAL V 55 -125.70 -30.35 67.60
C VAL V 55 -126.79 -29.30 67.75
N GLU V 56 -126.39 -28.05 67.89
CA GLU V 56 -127.32 -26.99 68.17
C GLU V 56 -127.66 -26.31 66.85
N GLY V 57 -128.93 -26.21 66.54
CA GLY V 57 -129.26 -25.64 65.26
C GLY V 57 -130.74 -25.84 64.97
N GLU V 58 -131.03 -26.11 63.70
CA GLU V 58 -132.42 -26.25 63.26
C GLU V 58 -132.73 -27.56 62.56
N ARG V 59 -131.85 -28.05 61.69
CA ARG V 59 -132.14 -29.20 60.85
C ARG V 59 -131.07 -30.25 61.09
N VAL V 60 -131.45 -31.38 61.64
CA VAL V 60 -130.57 -32.54 61.72
C VAL V 60 -131.30 -33.66 60.98
N GLU V 61 -130.95 -33.86 59.72
CA GLU V 61 -131.61 -34.87 58.90
C GLU V 61 -130.60 -35.96 58.56
N ALA V 62 -131.00 -37.22 58.77
CA ALA V 62 -130.08 -38.32 58.57
C ALA V 62 -130.84 -39.57 58.16
N ARG V 63 -130.18 -40.72 58.27
CA ARG V 63 -130.80 -42.02 58.00
C ARG V 63 -130.90 -42.86 59.26
N SER V 64 -129.85 -42.88 60.07
CA SER V 64 -129.95 -43.49 61.39
C SER V 64 -129.14 -42.64 62.34
N VAL V 65 -129.79 -42.20 63.42
CA VAL V 65 -129.17 -41.27 64.34
C VAL V 65 -128.95 -42.00 65.66
N LEU V 66 -127.75 -41.88 66.19
CA LEU V 66 -127.43 -42.40 67.50
C LEU V 66 -127.02 -41.24 68.40
N ILE V 67 -127.94 -40.80 69.24
CA ILE V 67 -127.72 -39.65 70.11
C ILE V 67 -127.17 -40.15 71.42
N HIS V 68 -126.03 -39.60 71.83
CA HIS V 68 -125.46 -39.92 73.12
C HIS V 68 -125.11 -38.67 73.91
N GLY V 69 -125.26 -37.48 73.32
CA GLY V 69 -125.00 -36.23 73.99
C GLY V 69 -126.21 -35.33 74.00
N GLU V 70 -126.10 -34.17 73.37
CA GLU V 70 -127.20 -33.23 73.31
C GLU V 70 -127.52 -32.89 71.86
N VAL V 71 -128.80 -32.73 71.57
CA VAL V 71 -129.29 -32.27 70.28
C VAL V 71 -130.36 -31.23 70.57
N LYS V 72 -130.36 -30.13 69.83
CA LYS V 72 -131.49 -29.20 69.90
C LYS V 72 -131.81 -28.75 68.47
N ALA V 73 -132.64 -29.52 67.78
CA ALA V 73 -133.07 -29.19 66.43
C ALA V 73 -134.29 -29.98 66.02
N GLU V 74 -134.84 -29.70 64.85
CA GLU V 74 -136.01 -30.41 64.33
C GLU V 74 -135.48 -31.65 63.62
N LEU V 75 -135.13 -32.66 64.41
CA LEU V 75 -134.47 -33.85 63.90
C LEU V 75 -135.45 -34.66 63.06
N THR V 76 -134.92 -35.35 62.06
CA THR V 76 -135.74 -36.17 61.18
C THR V 76 -134.88 -37.30 60.64
N ALA V 77 -135.33 -38.53 60.81
CA ALA V 77 -134.54 -39.69 60.40
C ALA V 77 -135.47 -40.85 60.12
N GLU V 78 -134.89 -42.04 60.01
CA GLU V 78 -135.66 -43.27 59.98
C GLU V 78 -135.65 -43.93 61.35
N LYS V 79 -134.48 -44.18 61.89
CA LYS V 79 -134.31 -44.85 63.18
C LYS V 79 -133.57 -43.89 64.09
N VAL V 80 -134.26 -43.38 65.10
CA VAL V 80 -133.66 -42.45 66.05
C VAL V 80 -133.41 -43.24 67.33
N VAL V 81 -132.26 -43.82 67.44
CA VAL V 81 -131.92 -44.63 68.60
C VAL V 81 -131.07 -43.78 69.53
N LEU V 82 -131.30 -43.91 70.83
CA LEU V 82 -130.68 -43.04 71.80
C LEU V 82 -129.88 -43.87 72.79
N SER V 83 -129.38 -43.21 73.83
CA SER V 83 -128.63 -43.87 74.87
C SER V 83 -129.13 -43.43 76.24
N LYS V 84 -128.39 -43.84 77.28
CA LYS V 84 -128.79 -43.58 78.64
C LYS V 84 -128.55 -42.13 79.05
N THR V 85 -127.60 -41.46 78.42
CA THR V 85 -127.21 -40.10 78.79
C THR V 85 -127.58 -39.08 77.73
N ALA V 86 -128.46 -39.45 76.81
CA ALA V 86 -128.86 -38.56 75.73
C ALA V 86 -129.72 -37.42 76.27
N ARG V 87 -129.90 -36.40 75.44
CA ARG V 87 -130.71 -35.25 75.80
C ARG V 87 -131.21 -34.62 74.51
N PHE V 88 -132.48 -34.86 74.19
CA PHE V 88 -133.09 -34.33 72.99
C PHE V 88 -133.82 -33.04 73.33
N THR V 89 -134.03 -32.20 72.32
CA THR V 89 -134.90 -31.04 72.44
C THR V 89 -135.44 -30.80 71.04
N GLY V 90 -136.66 -30.28 70.93
CA GLY V 90 -137.17 -29.85 69.66
C GLY V 90 -138.06 -30.90 69.05
N GLN V 91 -138.52 -30.60 67.83
CA GLN V 91 -139.40 -31.51 67.12
C GLN V 91 -138.67 -32.76 66.70
N LEU V 92 -139.42 -33.76 66.25
CA LEU V 92 -138.85 -35.02 65.82
C LEU V 92 -139.78 -35.62 64.79
N LYS V 93 -139.25 -36.40 63.85
CA LYS V 93 -140.04 -37.09 62.84
C LYS V 93 -139.28 -38.33 62.41
N ALA V 94 -139.63 -39.46 62.99
CA ALA V 94 -138.92 -40.71 62.77
C ALA V 94 -139.86 -41.80 62.28
N GLN V 95 -139.34 -43.02 62.26
CA GLN V 95 -140.15 -44.20 62.02
C GLN V 95 -139.97 -45.24 63.12
N ALA V 96 -138.92 -45.15 63.92
CA ALA V 96 -138.70 -46.07 65.03
C ALA V 96 -137.96 -45.31 66.12
N LEU V 97 -138.71 -44.72 67.05
CA LEU V 97 -138.14 -43.89 68.10
C LEU V 97 -137.72 -44.79 69.26
N GLU V 98 -136.47 -45.24 69.23
CA GLU V 98 -136.00 -46.21 70.22
C GLU V 98 -135.17 -45.50 71.27
N VAL V 99 -135.81 -45.19 72.37
CA VAL V 99 -135.17 -44.59 73.53
C VAL V 99 -134.89 -45.69 74.54
N GLU V 100 -133.73 -45.63 75.18
CA GLU V 100 -133.46 -46.71 76.13
C GLU V 100 -134.08 -46.47 77.49
N ALA V 101 -133.50 -45.59 78.30
CA ALA V 101 -134.20 -45.12 79.49
C ALA V 101 -134.09 -43.60 79.65
N GLY V 102 -132.87 -43.09 79.76
CA GLY V 102 -132.66 -41.78 80.36
C GLY V 102 -132.50 -40.60 79.42
N ALA V 103 -133.43 -40.40 78.51
CA ALA V 103 -133.41 -39.23 77.66
C ALA V 103 -134.39 -38.21 78.20
N VAL V 104 -133.94 -36.96 78.29
CA VAL V 104 -134.86 -35.87 78.59
C VAL V 104 -135.38 -35.43 77.23
N PHE V 105 -136.35 -36.16 76.70
CA PHE V 105 -136.85 -35.98 75.35
C PHE V 105 -137.98 -34.96 75.41
N VAL V 106 -137.64 -33.72 75.04
CA VAL V 106 -138.54 -32.59 75.20
C VAL V 106 -138.92 -32.11 73.81
N GLY V 107 -140.12 -32.43 73.37
CA GLY V 107 -140.58 -31.86 72.13
C GLY V 107 -141.53 -32.80 71.40
N GLN V 108 -142.39 -32.19 70.60
CA GLN V 108 -143.44 -32.90 69.88
C GLN V 108 -142.84 -33.79 68.81
N SER V 109 -143.27 -35.05 68.77
CA SER V 109 -142.72 -36.01 67.83
C SER V 109 -143.82 -36.71 67.05
N VAL V 110 -143.43 -37.22 65.88
CA VAL V 110 -144.25 -38.10 65.08
C VAL V 110 -143.42 -39.34 64.82
N ALA V 111 -144.03 -40.51 64.92
CA ALA V 111 -143.32 -41.75 64.63
C ALA V 111 -144.26 -42.79 64.06
N GLY V 112 -143.83 -44.05 64.04
CA GLY V 112 -144.67 -45.14 63.59
C GLY V 112 -145.00 -45.12 62.12
#